data_5XGR
#
_entry.id   5XGR
#
_cell.length_a   49.612
_cell.length_b   212.659
_cell.length_c   87.943
_cell.angle_alpha   90.00
_cell.angle_beta   94.76
_cell.angle_gamma   90.00
#
_symmetry.space_group_name_H-M   'P 1 21 1'
#
loop_
_entity.id
_entity.type
_entity.pdbx_description
1 polymer 'Spike protein S1'
2 branched 2-acetamido-2-deoxy-beta-D-glucopyranose-(1-4)-2-acetamido-2-deoxy-beta-D-glucopyranose
3 non-polymer 2-acetamido-2-deoxy-beta-D-glucopyranose
4 water water
#
_entity_poly.entity_id   1
_entity_poly.type   'polypeptide(L)'
_entity_poly.pdbx_seq_one_letter_code
;QECDFTPMLTGTPPPIYNFKRLVFTNCNYNLTKLLSLFQVSEFSCHQVSPSSLATGCYSSLTVDYFAYSTDMSSYLQPGS
AGAIVQFNYKQDFSNPTCRVLATVPQNLTTITKPSNYAYLTECYKTSAYGKNYLYNAPGAYTPCLSLASRGFSTKYQSHS
DGELTTTGYIYPVTGNLQMAFIISVQYGTDTNSVCPMQHHHHHH
;
_entity_poly.pdbx_strand_id   A,B,C,D,E,F,G,H
#
# COMPACT_ATOMS: atom_id res chain seq x y z
N GLN A 1 -3.93 -16.71 -23.78
CA GLN A 1 -3.61 -15.33 -24.14
C GLN A 1 -4.43 -14.34 -23.30
N GLU A 2 -3.77 -13.26 -22.90
CA GLU A 2 -4.33 -12.27 -21.99
C GLU A 2 -5.26 -11.25 -22.65
N CYS A 3 -6.34 -10.92 -21.95
CA CYS A 3 -7.25 -9.84 -22.32
C CYS A 3 -6.55 -8.49 -22.19
N ASP A 4 -6.58 -7.70 -23.26
CA ASP A 4 -5.81 -6.46 -23.31
C ASP A 4 -6.66 -5.23 -23.02
N PHE A 5 -6.44 -4.61 -21.86
CA PHE A 5 -7.21 -3.46 -21.41
C PHE A 5 -6.57 -2.13 -21.80
N THR A 6 -5.52 -2.19 -22.61
CA THR A 6 -4.85 -1.01 -23.12
C THR A 6 -5.78 0.10 -23.66
N PRO A 7 -6.79 -0.25 -24.49
CA PRO A 7 -7.63 0.83 -25.03
C PRO A 7 -8.21 1.79 -23.99
N MET A 8 -8.66 1.32 -22.82
CA MET A 8 -9.25 2.25 -21.87
C MET A 8 -8.18 3.05 -21.14
N LEU A 9 -6.96 2.55 -21.16
CA LEU A 9 -5.83 3.28 -20.61
C LEU A 9 -5.26 4.31 -21.57
N THR A 10 -5.74 4.32 -22.81
CA THR A 10 -5.13 5.18 -23.83
C THR A 10 -6.12 6.13 -24.46
N GLY A 11 -5.85 7.43 -24.33
CA GLY A 11 -6.69 8.45 -24.92
C GLY A 11 -7.70 9.02 -23.94
N THR A 12 -8.61 9.84 -24.47
CA THR A 12 -9.61 10.48 -23.63
C THR A 12 -10.89 9.66 -23.55
N PRO A 13 -11.28 9.27 -22.32
CA PRO A 13 -12.58 8.59 -22.14
C PRO A 13 -13.74 9.47 -22.55
N PRO A 14 -14.70 8.91 -23.28
CA PRO A 14 -15.82 9.66 -23.86
C PRO A 14 -16.82 10.15 -22.83
N PRO A 15 -17.68 11.11 -23.22
CA PRO A 15 -18.80 11.49 -22.37
C PRO A 15 -19.77 10.31 -22.22
N ILE A 16 -20.52 10.30 -21.13
CA ILE A 16 -21.34 9.15 -20.73
C ILE A 16 -22.32 8.64 -21.80
N TYR A 17 -23.02 9.55 -22.46
CA TYR A 17 -23.94 9.17 -23.54
C TYR A 17 -23.26 8.54 -24.77
N ASN A 18 -21.95 8.72 -24.89
CA ASN A 18 -21.21 8.10 -25.99
C ASN A 18 -20.18 7.13 -25.43
N PHE A 19 -20.56 6.40 -24.38
CA PHE A 19 -19.64 5.49 -23.69
C PHE A 19 -18.96 4.50 -24.63
N LYS A 20 -17.76 4.08 -24.27
CA LYS A 20 -17.01 3.12 -25.04
C LYS A 20 -17.30 1.71 -24.54
N ARG A 21 -17.50 0.78 -25.46
CA ARG A 21 -17.74 -0.60 -25.08
C ARG A 21 -16.65 -1.52 -25.63
N LEU A 22 -15.96 -2.19 -24.72
CA LEU A 22 -14.98 -3.21 -25.09
C LEU A 22 -15.51 -4.59 -24.76
N VAL A 23 -15.41 -5.51 -25.71
CA VAL A 23 -15.87 -6.87 -25.49
C VAL A 23 -14.71 -7.85 -25.63
N PHE A 24 -14.55 -8.70 -24.62
CA PHE A 24 -13.45 -9.66 -24.63
C PHE A 24 -13.97 -11.09 -24.68
N THR A 25 -13.43 -11.86 -25.63
CA THR A 25 -13.66 -13.30 -25.72
C THR A 25 -12.34 -13.99 -26.02
N ASN A 26 -12.26 -15.27 -25.66
CA ASN A 26 -11.07 -16.09 -25.93
C ASN A 26 -9.80 -15.47 -25.39
N CYS A 27 -9.84 -15.05 -24.13
CA CYS A 27 -8.66 -14.52 -23.46
C CYS A 27 -8.80 -14.61 -21.95
N ASN A 28 -7.67 -14.56 -21.25
CA ASN A 28 -7.70 -14.55 -19.78
C ASN A 28 -7.40 -13.17 -19.23
N TYR A 29 -8.05 -12.83 -18.11
CA TYR A 29 -8.00 -11.49 -17.57
C TYR A 29 -7.31 -11.39 -16.21
N ASN A 30 -6.77 -10.21 -15.93
CA ASN A 30 -6.31 -9.88 -14.59
C ASN A 30 -6.94 -8.55 -14.19
N LEU A 31 -8.10 -8.65 -13.54
CA LEU A 31 -8.90 -7.48 -13.21
C LEU A 31 -8.26 -6.65 -12.09
N THR A 32 -7.61 -7.34 -11.15
CA THR A 32 -6.89 -6.67 -10.07
C THR A 32 -5.83 -5.73 -10.62
N LYS A 33 -5.13 -6.17 -11.66
CA LYS A 33 -4.09 -5.36 -12.28
C LYS A 33 -4.66 -4.09 -12.89
N LEU A 34 -5.81 -4.20 -13.55
CA LEU A 34 -6.44 -3.03 -14.15
C LEU A 34 -6.93 -2.04 -13.09
N LEU A 35 -7.64 -2.57 -12.09
CA LEU A 35 -8.22 -1.72 -11.06
C LEU A 35 -7.17 -1.03 -10.21
N SER A 36 -6.04 -1.70 -9.99
CA SER A 36 -4.98 -1.16 -9.15
C SER A 36 -4.38 0.13 -9.72
N LEU A 37 -4.61 0.37 -11.01
CA LEU A 37 -4.10 1.57 -11.67
C LEU A 37 -4.92 2.81 -11.32
N PHE A 38 -6.09 2.60 -10.73
CA PHE A 38 -7.01 3.71 -10.43
C PHE A 38 -7.23 3.91 -8.94
N GLN A 39 -7.67 5.11 -8.56
CA GLN A 39 -8.14 5.37 -7.21
C GLN A 39 -9.65 5.13 -7.13
N VAL A 40 -10.03 3.93 -6.73
CA VAL A 40 -11.45 3.57 -6.65
C VAL A 40 -12.16 4.28 -5.49
N SER A 41 -13.21 5.03 -5.82
CA SER A 41 -14.03 5.68 -4.79
C SER A 41 -15.23 4.83 -4.42
N GLU A 42 -15.96 4.38 -5.43
CA GLU A 42 -17.13 3.55 -5.22
C GLU A 42 -17.02 2.31 -6.08
N PHE A 43 -17.74 1.28 -5.68
CA PHE A 43 -18.06 0.23 -6.61
C PHE A 43 -19.30 -0.51 -6.10
N SER A 44 -20.02 -1.16 -7.00
CA SER A 44 -21.21 -1.91 -6.64
C SER A 44 -21.37 -3.10 -7.57
N CYS A 45 -21.45 -4.28 -6.99
CA CYS A 45 -21.61 -5.50 -7.77
C CYS A 45 -23.00 -6.08 -7.61
N HIS A 46 -23.56 -6.51 -8.72
CA HIS A 46 -24.88 -7.13 -8.75
C HIS A 46 -24.77 -8.58 -9.20
N GLN A 47 -25.28 -9.48 -8.37
CA GLN A 47 -25.22 -10.93 -8.60
C GLN A 47 -23.79 -11.46 -8.67
N VAL A 48 -22.84 -10.69 -8.13
CA VAL A 48 -21.48 -11.16 -8.01
C VAL A 48 -20.87 -10.68 -6.72
N SER A 49 -20.01 -11.52 -6.15
CA SER A 49 -19.00 -11.02 -5.23
C SER A 49 -17.80 -10.70 -6.10
N PRO A 50 -17.16 -9.56 -5.85
CA PRO A 50 -15.92 -9.18 -6.55
C PRO A 50 -14.85 -10.27 -6.53
N SER A 51 -14.91 -11.13 -5.51
CA SER A 51 -14.08 -12.32 -5.43
C SER A 51 -14.44 -13.31 -6.54
N SER A 52 -15.74 -13.65 -6.61
CA SER A 52 -16.25 -14.49 -7.68
C SER A 52 -15.97 -13.85 -9.03
N LEU A 53 -16.07 -12.52 -9.06
CA LEU A 53 -15.84 -11.74 -10.28
C LEU A 53 -14.40 -11.87 -10.76
N ALA A 54 -13.47 -11.82 -9.82
CA ALA A 54 -12.05 -11.81 -10.14
C ALA A 54 -11.51 -13.22 -10.40
N THR A 55 -12.34 -14.24 -10.19
CA THR A 55 -11.87 -15.63 -10.30
C THR A 55 -12.80 -16.55 -11.09
N GLY A 56 -13.88 -16.00 -11.65
CA GLY A 56 -14.84 -16.81 -12.37
C GLY A 56 -14.52 -16.96 -13.85
N CYS A 57 -15.19 -17.93 -14.49
CA CYS A 57 -15.04 -18.14 -15.94
C CYS A 57 -16.35 -17.85 -16.67
N TYR A 58 -16.26 -17.06 -17.73
CA TYR A 58 -17.44 -16.57 -18.43
C TYR A 58 -17.31 -16.78 -19.94
N SER A 59 -18.41 -16.56 -20.67
CA SER A 59 -18.39 -16.70 -22.12
C SER A 59 -17.90 -15.41 -22.77
N SER A 60 -18.13 -14.29 -22.09
CA SER A 60 -17.65 -13.00 -22.56
C SER A 60 -17.58 -12.00 -21.41
N LEU A 61 -16.71 -11.01 -21.56
CA LEU A 61 -16.54 -9.97 -20.56
C LEU A 61 -16.61 -8.60 -21.23
N THR A 62 -17.60 -7.81 -20.85
CA THR A 62 -17.82 -6.50 -21.47
C THR A 62 -17.46 -5.38 -20.49
N VAL A 63 -16.76 -4.37 -20.97
CA VAL A 63 -16.47 -3.20 -20.16
C VAL A 63 -16.94 -1.93 -20.86
N ASP A 64 -17.87 -1.22 -20.23
CA ASP A 64 -18.30 0.11 -20.67
C ASP A 64 -17.62 1.15 -19.82
N TYR A 65 -17.05 2.17 -20.45
CA TYR A 65 -16.42 3.23 -19.66
C TYR A 65 -16.65 4.61 -20.25
N PHE A 66 -16.53 5.62 -19.39
CA PHE A 66 -16.74 7.01 -19.75
C PHE A 66 -16.20 7.93 -18.65
N ALA A 67 -15.93 9.19 -19.02
CA ALA A 67 -15.61 10.18 -18.01
C ALA A 67 -16.85 10.49 -17.18
N TYR A 68 -16.67 10.63 -15.88
CA TYR A 68 -17.79 10.81 -14.97
C TYR A 68 -17.31 11.34 -13.61
N SER A 69 -17.88 12.45 -13.15
CA SER A 69 -17.47 12.99 -11.86
C SER A 69 -18.08 12.17 -10.74
N THR A 70 -17.25 11.81 -9.77
CA THR A 70 -17.63 10.86 -8.73
C THR A 70 -18.83 11.36 -7.91
N ASP A 71 -18.93 12.67 -7.73
CA ASP A 71 -20.01 13.25 -6.95
C ASP A 71 -21.38 13.10 -7.60
N MET A 72 -21.43 12.53 -8.80
CA MET A 72 -22.71 12.25 -9.44
C MET A 72 -23.07 10.78 -9.31
N SER A 73 -22.44 10.11 -8.34
CA SER A 73 -22.60 8.66 -8.15
C SER A 73 -24.04 8.20 -7.95
N SER A 74 -24.87 9.02 -7.32
CA SER A 74 -26.21 8.58 -6.98
C SER A 74 -27.09 8.47 -8.22
N TYR A 75 -26.78 9.26 -9.25
CA TYR A 75 -27.58 9.24 -10.47
C TYR A 75 -27.33 7.95 -11.27
N LEU A 76 -26.28 7.22 -10.91
CA LEU A 76 -25.99 5.93 -11.55
C LEU A 76 -26.48 4.75 -10.73
N GLN A 77 -27.11 5.03 -9.60
CA GLN A 77 -27.58 3.99 -8.71
C GLN A 77 -28.77 3.26 -9.32
N PRO A 78 -28.93 1.96 -9.03
CA PRO A 78 -30.11 1.24 -9.52
C PRO A 78 -31.40 1.92 -9.09
N GLY A 79 -32.33 2.08 -10.02
CA GLY A 79 -33.63 2.67 -9.72
C GLY A 79 -33.59 4.18 -9.54
N SER A 80 -32.50 4.83 -9.94
CA SER A 80 -32.39 6.27 -9.78
C SER A 80 -33.26 7.02 -10.77
N ALA A 81 -33.66 8.23 -10.40
CA ALA A 81 -34.40 9.09 -11.31
C ALA A 81 -33.47 10.18 -11.85
N GLY A 82 -33.88 10.84 -12.92
CA GLY A 82 -33.10 11.95 -13.45
C GLY A 82 -32.46 11.70 -14.80
N ALA A 83 -31.73 12.72 -15.26
CA ALA A 83 -31.19 12.78 -16.62
C ALA A 83 -30.22 11.66 -16.98
N ILE A 84 -29.43 11.20 -16.01
CA ILE A 84 -28.38 10.24 -16.30
C ILE A 84 -28.94 8.88 -16.73
N VAL A 85 -29.88 8.34 -15.96
CA VAL A 85 -30.49 7.07 -16.32
C VAL A 85 -31.45 7.26 -17.49
N GLN A 86 -32.10 8.42 -17.55
CA GLN A 86 -33.08 8.68 -18.61
C GLN A 86 -32.46 8.81 -19.99
N PHE A 87 -31.36 9.55 -20.09
CA PHE A 87 -30.90 10.02 -21.39
C PHE A 87 -29.43 9.71 -21.69
N ASN A 88 -28.72 9.11 -20.74
CA ASN A 88 -27.29 8.88 -20.90
C ASN A 88 -26.85 7.43 -20.78
N TYR A 89 -27.03 6.84 -19.60
CA TYR A 89 -26.65 5.46 -19.41
C TYR A 89 -27.53 4.76 -18.38
N LYS A 90 -28.25 3.73 -18.83
CA LYS A 90 -29.04 2.89 -17.92
C LYS A 90 -28.45 1.49 -17.84
N GLN A 91 -27.86 1.18 -16.68
CA GLN A 91 -27.17 -0.10 -16.48
C GLN A 91 -28.08 -1.30 -16.72
N ASP A 92 -27.55 -2.30 -17.43
CA ASP A 92 -28.29 -3.52 -17.74
C ASP A 92 -28.05 -4.55 -16.64
N PHE A 93 -29.05 -4.76 -15.79
CA PHE A 93 -28.89 -5.64 -14.64
C PHE A 93 -29.33 -7.07 -14.93
N SER A 94 -29.52 -7.39 -16.20
CA SER A 94 -29.92 -8.74 -16.59
C SER A 94 -28.74 -9.70 -16.51
N ASN A 95 -27.54 -9.15 -16.39
CA ASN A 95 -26.33 -9.96 -16.24
C ASN A 95 -25.57 -9.55 -14.99
N PRO A 96 -24.72 -10.44 -14.46
CA PRO A 96 -23.86 -10.05 -13.35
C PRO A 96 -22.98 -8.87 -13.75
N THR A 97 -23.10 -7.77 -13.02
CA THR A 97 -22.36 -6.57 -13.34
C THR A 97 -21.68 -5.97 -12.13
N CYS A 98 -20.61 -5.22 -12.38
CA CYS A 98 -19.98 -4.43 -11.35
C CYS A 98 -19.75 -3.03 -11.89
N ARG A 99 -20.20 -2.03 -11.14
CA ARG A 99 -20.00 -0.64 -11.51
C ARG A 99 -18.90 -0.05 -10.64
N VAL A 100 -17.90 0.55 -11.27
CA VAL A 100 -16.77 1.09 -10.54
C VAL A 100 -16.58 2.57 -10.85
N LEU A 101 -16.52 3.38 -9.80
CA LEU A 101 -16.22 4.79 -9.97
C LEU A 101 -14.82 5.05 -9.44
N ALA A 102 -14.01 5.74 -10.23
CA ALA A 102 -12.59 5.88 -9.91
C ALA A 102 -12.03 7.22 -10.34
N THR A 103 -10.93 7.60 -9.69
CA THR A 103 -10.22 8.80 -10.07
C THR A 103 -8.92 8.38 -10.77
N VAL A 104 -8.61 9.04 -11.88
CA VAL A 104 -7.38 8.75 -12.60
C VAL A 104 -6.21 9.48 -11.95
N PRO A 105 -5.23 8.72 -11.45
CA PRO A 105 -4.03 9.32 -10.86
C PRO A 105 -3.23 10.08 -11.91
N GLN A 106 -2.59 11.17 -11.54
CA GLN A 106 -1.77 11.88 -12.51
C GLN A 106 -0.57 11.03 -12.90
N ASN A 107 -0.16 10.11 -12.02
CA ASN A 107 0.94 9.20 -12.31
C ASN A 107 0.60 8.30 -13.53
N LEU A 108 -0.68 8.24 -13.85
CA LEU A 108 -1.17 7.55 -15.05
C LEU A 108 -1.31 8.56 -16.18
N THR A 109 -0.43 8.47 -17.18
CA THR A 109 -0.26 9.55 -18.14
C THR A 109 -0.94 9.31 -19.48
N THR A 110 -1.07 8.04 -19.86
CA THR A 110 -1.63 7.69 -21.16
C THR A 110 -3.09 8.10 -21.29
N ILE A 111 -3.78 8.24 -20.16
CA ILE A 111 -5.15 8.75 -20.19
C ILE A 111 -5.16 10.27 -20.19
N THR A 112 -5.83 10.84 -21.19
CA THR A 112 -5.92 12.30 -21.32
C THR A 112 -7.31 12.79 -20.94
N LYS A 113 -7.39 14.05 -20.52
CA LYS A 113 -8.65 14.59 -20.05
C LYS A 113 -9.38 15.36 -21.13
N PRO A 114 -10.72 15.32 -21.11
CA PRO A 114 -11.49 16.22 -21.96
C PRO A 114 -11.50 17.59 -21.33
N SER A 115 -12.06 18.59 -22.01
CA SER A 115 -12.18 19.92 -21.42
C SER A 115 -13.32 19.95 -20.44
N ASN A 116 -14.40 19.23 -20.74
CA ASN A 116 -15.59 19.23 -19.92
C ASN A 116 -16.15 17.85 -19.65
N TYR A 117 -16.72 17.68 -18.47
CA TYR A 117 -17.66 16.61 -18.24
C TYR A 117 -18.93 17.00 -19.00
N ALA A 118 -19.71 16.03 -19.43
CA ALA A 118 -20.92 16.36 -20.18
C ALA A 118 -21.99 15.31 -20.02
N TYR A 119 -23.25 15.72 -20.07
CA TYR A 119 -24.35 14.77 -20.12
C TYR A 119 -25.58 15.39 -20.77
N LEU A 120 -26.48 14.55 -21.26
CA LEU A 120 -27.71 15.02 -21.88
C LEU A 120 -28.76 15.33 -20.82
N THR A 121 -29.40 16.49 -20.94
CA THR A 121 -30.49 16.84 -20.02
C THR A 121 -31.84 16.40 -20.58
N GLU A 122 -31.89 16.15 -21.89
CA GLU A 122 -33.13 15.71 -22.51
C GLU A 122 -32.92 15.13 -23.90
N CYS A 123 -33.80 14.20 -24.26
CA CYS A 123 -33.86 13.63 -25.59
C CYS A 123 -35.33 13.38 -25.91
N TYR A 124 -35.86 14.09 -26.92
CA TYR A 124 -37.28 14.02 -27.21
C TYR A 124 -37.64 14.24 -28.68
N LYS A 125 -38.85 13.81 -29.04
CA LYS A 125 -39.53 14.22 -30.27
C LYS A 125 -40.67 15.15 -29.83
N THR A 126 -40.80 16.29 -30.51
CA THR A 126 -41.88 17.26 -30.27
C THR A 126 -43.22 16.62 -30.63
N SER A 127 -44.22 16.74 -29.76
CA SER A 127 -45.46 15.97 -29.88
C SER A 127 -46.50 16.66 -30.76
N ALA A 128 -47.01 17.76 -30.22
CA ALA A 128 -48.13 18.55 -30.72
C ALA A 128 -48.50 19.40 -29.52
N TYR A 129 -48.47 18.73 -28.37
CA TYR A 129 -48.62 19.37 -27.08
C TYR A 129 -47.52 18.86 -26.14
N GLY A 130 -46.34 19.46 -26.24
CA GLY A 130 -45.24 19.14 -25.35
C GLY A 130 -44.13 18.29 -25.97
N LYS A 131 -43.37 17.63 -25.10
CA LYS A 131 -42.27 16.78 -25.53
C LYS A 131 -42.59 15.31 -25.32
N ASN A 132 -42.28 14.50 -26.32
CA ASN A 132 -42.37 13.05 -26.21
C ASN A 132 -40.96 12.51 -25.96
N TYR A 133 -40.61 12.38 -24.69
CA TYR A 133 -39.26 11.98 -24.30
C TYR A 133 -38.93 10.57 -24.74
N LEU A 134 -37.67 10.36 -25.13
CA LEU A 134 -37.20 9.03 -25.51
C LEU A 134 -36.13 8.58 -24.53
N TYR A 135 -36.41 7.51 -23.79
CA TYR A 135 -35.55 7.06 -22.71
C TYR A 135 -34.63 5.91 -23.12
N ASN A 136 -33.44 5.90 -22.55
CA ASN A 136 -32.46 4.83 -22.77
C ASN A 136 -32.95 3.44 -22.37
N ALA A 137 -32.73 2.47 -23.25
CA ALA A 137 -32.91 1.07 -22.91
C ALA A 137 -31.69 0.61 -22.09
N PRO A 138 -31.86 -0.46 -21.29
CA PRO A 138 -30.71 -0.92 -20.51
C PRO A 138 -29.53 -1.33 -21.41
N GLY A 139 -28.35 -0.77 -21.13
CA GLY A 139 -27.15 -1.13 -21.86
C GLY A 139 -27.00 -0.56 -23.25
N ALA A 140 -27.91 0.32 -23.64
CA ALA A 140 -27.91 0.87 -25.00
C ALA A 140 -27.64 2.37 -25.03
N TYR A 141 -27.32 2.89 -26.22
CA TYR A 141 -27.13 4.31 -26.44
C TYR A 141 -28.46 5.05 -26.57
N THR A 142 -28.47 6.29 -26.10
CA THR A 142 -29.52 7.25 -26.42
C THR A 142 -29.84 7.27 -27.92
N PRO A 143 -31.14 7.37 -28.28
CA PRO A 143 -31.44 7.59 -29.70
C PRO A 143 -30.99 8.97 -30.17
N CYS A 144 -30.58 9.83 -29.24
CA CYS A 144 -30.09 11.15 -29.59
C CYS A 144 -28.57 11.21 -29.79
N LEU A 145 -27.93 10.05 -29.94
CA LEU A 145 -26.48 9.98 -29.98
C LEU A 145 -25.89 10.74 -31.16
N SER A 146 -26.51 10.58 -32.34
CA SER A 146 -26.06 11.27 -33.55
C SER A 146 -26.08 12.77 -33.35
N LEU A 147 -27.18 13.28 -32.80
CA LEU A 147 -27.31 14.70 -32.52
C LEU A 147 -26.29 15.14 -31.48
N ALA A 148 -26.10 14.32 -30.45
CA ALA A 148 -25.20 14.67 -29.35
C ALA A 148 -23.75 14.72 -29.81
N SER A 149 -23.44 13.91 -30.82
CA SER A 149 -22.07 13.83 -31.33
C SER A 149 -21.66 15.11 -32.04
N ARG A 150 -22.64 15.97 -32.34
CA ARG A 150 -22.35 17.28 -32.90
C ARG A 150 -21.58 18.15 -31.89
N GLY A 151 -21.62 17.77 -30.62
CA GLY A 151 -20.80 18.41 -29.62
C GLY A 151 -21.47 19.57 -28.92
N PHE A 152 -21.05 19.82 -27.69
CA PHE A 152 -21.57 20.94 -26.91
C PHE A 152 -20.40 21.83 -26.46
N SER A 153 -20.52 23.14 -26.73
CA SER A 153 -19.46 24.07 -26.38
C SER A 153 -19.98 25.14 -25.43
N THR A 154 -21.30 25.14 -25.21
CA THR A 154 -21.91 25.99 -24.19
C THR A 154 -22.92 25.18 -23.37
N LYS A 155 -23.26 25.67 -22.18
CA LYS A 155 -24.25 25.01 -21.34
C LYS A 155 -25.64 25.07 -21.97
N TYR A 156 -26.38 23.96 -21.84
CA TYR A 156 -27.75 23.86 -22.32
C TYR A 156 -27.87 24.11 -23.82
N GLN A 157 -26.82 23.79 -24.56
CA GLN A 157 -26.83 23.85 -26.02
C GLN A 157 -27.67 22.71 -26.59
N SER A 158 -28.54 23.04 -27.54
CA SER A 158 -29.45 22.06 -28.15
C SER A 158 -29.04 21.66 -29.56
N HIS A 159 -29.48 20.47 -29.97
CA HIS A 159 -29.28 20.01 -31.35
C HIS A 159 -30.55 19.30 -31.82
N SER A 160 -30.92 19.52 -33.07
CA SER A 160 -32.12 18.91 -33.62
C SER A 160 -31.96 18.62 -35.11
N ASP A 161 -32.69 17.61 -35.58
CA ASP A 161 -32.75 17.31 -37.01
C ASP A 161 -34.16 17.52 -37.55
N GLY A 162 -35.00 18.16 -36.74
CA GLY A 162 -36.39 18.38 -37.08
C GLY A 162 -37.27 17.51 -36.18
N GLU A 163 -37.07 16.21 -36.29
CA GLU A 163 -37.76 15.25 -35.44
C GLU A 163 -37.20 15.26 -34.02
N LEU A 164 -36.03 14.66 -33.85
CA LEU A 164 -35.41 14.54 -32.53
C LEU A 164 -34.79 15.86 -32.07
N THR A 165 -34.68 16.01 -30.75
CA THR A 165 -34.01 17.16 -30.15
C THR A 165 -33.27 16.71 -28.90
N THR A 166 -32.02 17.13 -28.77
CA THR A 166 -31.27 16.85 -27.55
C THR A 166 -30.65 18.11 -26.98
N THR A 167 -30.35 18.07 -25.69
CA THR A 167 -29.72 19.19 -25.00
C THR A 167 -28.66 18.66 -24.05
N GLY A 168 -27.46 19.21 -24.16
CA GLY A 168 -26.36 18.77 -23.32
C GLY A 168 -26.02 19.78 -22.25
N TYR A 169 -25.43 19.29 -21.16
CA TYR A 169 -24.94 20.14 -20.09
C TYR A 169 -23.46 19.88 -19.90
N ILE A 170 -22.68 20.94 -19.70
CA ILE A 170 -21.23 20.81 -19.63
C ILE A 170 -20.65 21.62 -18.48
N TYR A 171 -19.53 21.15 -17.94
CA TYR A 171 -18.83 21.86 -16.88
C TYR A 171 -17.38 21.41 -16.85
N PRO A 172 -16.47 22.30 -16.41
CA PRO A 172 -15.04 22.04 -16.51
C PRO A 172 -14.59 20.84 -15.68
N VAL A 173 -13.55 20.15 -16.17
CA VAL A 173 -12.90 19.11 -15.39
C VAL A 173 -11.87 19.77 -14.47
N THR A 174 -12.16 19.79 -13.18
CA THR A 174 -11.22 20.38 -12.22
C THR A 174 -10.57 19.29 -11.38
N GLY A 175 -9.24 19.25 -11.41
CA GLY A 175 -8.51 18.24 -10.69
C GLY A 175 -8.19 17.03 -11.56
N ASN A 176 -7.98 15.89 -10.92
CA ASN A 176 -7.75 14.66 -11.66
C ASN A 176 -9.04 14.20 -12.30
N LEU A 177 -8.94 13.61 -13.50
CA LEU A 177 -10.12 13.12 -14.19
C LEU A 177 -10.76 11.99 -13.40
N GLN A 178 -12.09 11.95 -13.39
CA GLN A 178 -12.81 10.86 -12.76
C GLN A 178 -13.61 10.08 -13.80
N MET A 179 -13.64 8.76 -13.64
CA MET A 179 -14.26 7.87 -14.61
C MET A 179 -15.23 6.88 -13.97
N ALA A 180 -16.00 6.22 -14.84
CA ALA A 180 -16.88 5.13 -14.44
C ALA A 180 -16.65 3.93 -15.37
N PHE A 181 -16.56 2.75 -14.78
CA PHE A 181 -16.49 1.50 -15.53
C PHE A 181 -17.65 0.60 -15.15
N ILE A 182 -18.28 0.01 -16.15
CA ILE A 182 -19.26 -1.04 -15.87
C ILE A 182 -18.78 -2.34 -16.49
N ILE A 183 -18.43 -3.26 -15.60
CA ILE A 183 -17.96 -4.58 -15.99
C ILE A 183 -19.11 -5.57 -15.98
N SER A 184 -19.34 -6.22 -17.11
CA SER A 184 -20.43 -7.16 -17.26
C SER A 184 -19.91 -8.50 -17.74
N VAL A 185 -20.52 -9.59 -17.28
CA VAL A 185 -20.09 -10.92 -17.69
C VAL A 185 -21.28 -11.78 -18.11
N GLN A 186 -21.05 -12.68 -19.05
CA GLN A 186 -22.10 -13.57 -19.55
C GLN A 186 -21.71 -15.04 -19.45
N TYR A 187 -22.67 -15.88 -19.08
CA TYR A 187 -22.47 -17.31 -19.01
C TYR A 187 -23.20 -18.04 -20.13
N GLY A 188 -22.71 -17.90 -21.35
CA GLY A 188 -23.40 -18.55 -22.46
C GLY A 188 -22.75 -19.84 -22.92
N THR A 189 -23.14 -20.21 -24.13
CA THR A 189 -22.42 -21.09 -25.05
C THR A 189 -21.07 -21.65 -24.60
N ASP A 190 -20.22 -20.72 -24.21
CA ASP A 190 -18.78 -20.92 -24.17
C ASP A 190 -18.20 -20.80 -22.78
N THR A 191 -18.82 -21.54 -21.86
CA THR A 191 -18.25 -21.93 -20.57
C THR A 191 -17.14 -21.04 -20.06
N ASN A 192 -15.98 -21.24 -20.68
CA ASN A 192 -14.72 -20.70 -20.21
C ASN A 192 -13.96 -19.99 -21.33
N SER A 193 -14.65 -19.24 -22.18
CA SER A 193 -14.00 -18.43 -23.20
C SER A 193 -13.12 -17.38 -22.51
N VAL A 194 -13.53 -16.94 -21.33
CA VAL A 194 -12.80 -15.94 -20.58
C VAL A 194 -12.60 -16.41 -19.13
N CYS A 195 -11.34 -16.50 -18.71
CA CYS A 195 -10.98 -17.04 -17.40
C CYS A 195 -9.97 -16.15 -16.68
N PRO A 196 -9.79 -16.34 -15.35
CA PRO A 196 -8.77 -15.53 -14.68
C PRO A 196 -7.35 -16.02 -14.96
N MET A 197 -6.44 -15.09 -15.22
CA MET A 197 -5.05 -15.43 -15.47
C MET A 197 -4.42 -16.17 -14.30
N GLN A 198 -3.44 -17.01 -14.60
CA GLN A 198 -2.71 -17.74 -13.56
C GLN A 198 -1.39 -18.29 -14.10
N GLN B 1 44.47 -14.81 -15.01
CA GLN B 1 43.66 -13.76 -15.60
C GLN B 1 42.90 -12.99 -14.52
N GLU B 2 43.32 -11.75 -14.28
CA GLU B 2 42.80 -10.96 -13.17
C GLU B 2 41.80 -9.91 -13.63
N CYS B 3 40.74 -9.73 -12.85
CA CYS B 3 39.76 -8.68 -13.11
C CYS B 3 40.40 -7.31 -12.91
N ASP B 4 40.53 -6.56 -14.00
CA ASP B 4 41.27 -5.30 -13.99
C ASP B 4 40.37 -4.09 -13.67
N PHE B 5 40.59 -3.49 -12.50
CA PHE B 5 39.79 -2.36 -12.06
C PHE B 5 40.45 -1.03 -12.40
N THR B 6 41.50 -1.10 -13.21
CA THR B 6 42.22 0.08 -13.66
C THR B 6 41.31 1.21 -14.20
N PRO B 7 40.29 0.89 -15.02
CA PRO B 7 39.43 1.98 -15.50
C PRO B 7 38.84 2.86 -14.39
N MET B 8 38.52 2.26 -13.24
CA MET B 8 37.98 3.04 -12.12
C MET B 8 39.03 3.96 -11.54
N LEU B 9 40.28 3.51 -11.61
CA LEU B 9 41.40 4.28 -11.08
C LEU B 9 41.90 5.35 -12.05
N THR B 10 41.45 5.31 -13.30
CA THR B 10 41.98 6.23 -14.30
C THR B 10 40.95 7.23 -14.80
N GLY B 11 41.30 8.51 -14.72
CA GLY B 11 40.47 9.56 -15.28
C GLY B 11 39.42 10.08 -14.31
N THR B 12 38.52 10.89 -14.84
CA THR B 12 37.49 11.53 -14.04
C THR B 12 36.22 10.70 -13.98
N PRO B 13 35.81 10.30 -12.77
CA PRO B 13 34.55 9.59 -12.61
C PRO B 13 33.38 10.46 -13.02
N PRO B 14 32.40 9.86 -13.72
CA PRO B 14 31.28 10.59 -14.32
C PRO B 14 30.29 11.08 -13.27
N PRO B 15 29.44 12.06 -13.63
CA PRO B 15 28.34 12.42 -12.74
C PRO B 15 27.39 11.23 -12.56
N ILE B 16 26.64 11.23 -11.47
CA ILE B 16 25.83 10.08 -11.08
C ILE B 16 24.83 9.64 -12.15
N TYR B 17 24.17 10.59 -12.79
CA TYR B 17 23.15 10.28 -13.81
C TYR B 17 23.77 9.67 -15.07
N ASN B 18 25.08 9.83 -15.22
CA ASN B 18 25.80 9.22 -16.33
C ASN B 18 26.81 8.20 -15.80
N PHE B 19 26.40 7.42 -14.79
CA PHE B 19 27.33 6.52 -14.13
C PHE B 19 28.05 5.57 -15.10
N LYS B 20 29.28 5.22 -14.77
CA LYS B 20 30.06 4.27 -15.54
C LYS B 20 29.80 2.87 -15.04
N ARG B 21 29.63 1.93 -15.96
CA ARG B 21 29.35 0.55 -15.58
C ARG B 21 30.41 -0.39 -16.12
N LEU B 22 31.06 -1.10 -15.20
CA LEU B 22 32.12 -2.05 -15.56
C LEU B 22 31.65 -3.47 -15.31
N VAL B 23 31.76 -4.33 -16.31
CA VAL B 23 31.29 -5.70 -16.16
C VAL B 23 32.42 -6.69 -16.37
N PHE B 24 32.60 -7.58 -15.40
CA PHE B 24 33.68 -8.54 -15.45
C PHE B 24 33.16 -9.96 -15.56
N THR B 25 33.76 -10.73 -16.47
CA THR B 25 33.47 -12.15 -16.63
C THR B 25 34.77 -12.90 -16.89
N ASN B 26 34.79 -14.18 -16.54
CA ASN B 26 35.92 -15.06 -16.81
C ASN B 26 37.25 -14.46 -16.35
N CYS B 27 37.28 -14.01 -15.11
CA CYS B 27 38.48 -13.44 -14.51
C CYS B 27 38.45 -13.61 -13.00
N ASN B 28 39.58 -13.38 -12.35
CA ASN B 28 39.66 -13.50 -10.90
C ASN B 28 39.97 -12.17 -10.21
N TYR B 29 39.21 -11.87 -9.16
CA TYR B 29 39.25 -10.55 -8.53
C TYR B 29 39.94 -10.54 -7.16
N ASN B 30 40.59 -9.43 -6.85
CA ASN B 30 41.03 -9.14 -5.49
C ASN B 30 40.35 -7.86 -5.04
N LEU B 31 39.27 -8.02 -4.28
CA LEU B 31 38.43 -6.90 -3.89
C LEU B 31 39.09 -6.01 -2.85
N THR B 32 39.88 -6.62 -1.98
CA THR B 32 40.54 -5.86 -0.92
C THR B 32 41.56 -4.90 -1.50
N LYS B 33 42.29 -5.38 -2.51
CA LYS B 33 43.31 -4.57 -3.16
C LYS B 33 42.73 -3.30 -3.77
N LEU B 34 41.51 -3.41 -4.30
CA LEU B 34 40.83 -2.26 -4.87
C LEU B 34 40.35 -1.31 -3.77
N LEU B 35 39.62 -1.86 -2.81
CA LEU B 35 39.01 -1.08 -1.74
C LEU B 35 40.05 -0.43 -0.83
N SER B 36 41.21 -1.05 -0.69
CA SER B 36 42.27 -0.52 0.17
C SER B 36 42.86 0.78 -0.35
N LEU B 37 42.67 1.06 -1.65
CA LEU B 37 43.20 2.29 -2.24
C LEU B 37 42.38 3.52 -1.84
N PHE B 38 41.22 3.30 -1.25
CA PHE B 38 40.30 4.39 -0.91
C PHE B 38 40.09 4.55 0.59
N GLN B 39 39.70 5.76 1.00
CA GLN B 39 39.20 6.00 2.36
C GLN B 39 37.71 5.71 2.39
N VAL B 40 37.33 4.51 2.78
CA VAL B 40 35.91 4.16 2.84
C VAL B 40 35.20 4.80 4.03
N SER B 41 34.16 5.58 3.74
CA SER B 41 33.36 6.22 4.78
C SER B 41 32.17 5.37 5.16
N GLU B 42 31.55 4.78 4.15
CA GLU B 42 30.33 4.01 4.32
C GLU B 42 30.38 2.82 3.41
N PHE B 43 29.72 1.74 3.82
CA PHE B 43 29.33 0.73 2.88
C PHE B 43 28.13 -0.03 3.40
N SER B 44 27.39 -0.63 2.47
CA SER B 44 26.21 -1.39 2.83
C SER B 44 26.06 -2.53 1.84
N CYS B 45 26.04 -3.75 2.36
CA CYS B 45 25.83 -4.92 1.53
C CYS B 45 24.45 -5.52 1.75
N HIS B 46 23.82 -5.92 0.64
CA HIS B 46 22.50 -6.53 0.68
C HIS B 46 22.57 -7.97 0.18
N GLN B 47 22.12 -8.89 1.03
CA GLN B 47 22.16 -10.34 0.79
C GLN B 47 23.57 -10.90 0.63
N VAL B 48 24.57 -10.15 1.09
CA VAL B 48 25.93 -10.68 1.21
C VAL B 48 26.56 -10.25 2.51
N SER B 49 27.42 -11.10 3.06
CA SER B 49 28.45 -10.66 3.98
C SER B 49 29.65 -10.25 3.14
N PRO B 50 30.31 -9.15 3.50
CA PRO B 50 31.43 -8.65 2.72
C PRO B 50 32.60 -9.63 2.63
N SER B 51 32.67 -10.58 3.56
CA SER B 51 33.67 -11.64 3.51
C SER B 51 33.25 -12.68 2.47
N SER B 52 31.94 -12.89 2.34
CA SER B 52 31.41 -13.74 1.28
C SER B 52 31.64 -13.07 -0.08
N LEU B 53 31.59 -11.74 -0.08
CA LEU B 53 31.75 -10.98 -1.31
C LEU B 53 33.19 -11.07 -1.80
N ALA B 54 34.11 -11.24 -0.86
CA ALA B 54 35.54 -11.31 -1.18
C ALA B 54 35.97 -12.74 -1.47
N THR B 55 35.10 -13.71 -1.19
CA THR B 55 35.48 -15.12 -1.28
C THR B 55 34.45 -16.00 -2.01
N GLY B 56 33.57 -15.38 -2.80
CA GLY B 56 32.55 -16.13 -3.51
C GLY B 56 32.80 -16.25 -5.01
N CYS B 57 32.06 -17.13 -5.66
CA CYS B 57 32.15 -17.28 -7.11
C CYS B 57 30.84 -16.96 -7.80
N TYR B 58 30.92 -16.14 -8.86
CA TYR B 58 29.76 -15.62 -9.54
C TYR B 58 29.88 -15.76 -11.06
N SER B 59 28.77 -15.66 -11.76
CA SER B 59 28.79 -15.72 -13.21
C SER B 59 29.19 -14.37 -13.81
N SER B 60 29.02 -13.31 -13.03
CA SER B 60 29.46 -11.97 -13.44
C SER B 60 29.55 -11.01 -12.25
N LEU B 61 30.54 -10.13 -12.32
CA LEU B 61 30.71 -9.07 -11.34
C LEU B 61 30.56 -7.71 -12.00
N THR B 62 29.64 -6.89 -11.51
CA THR B 62 29.41 -5.57 -12.08
C THR B 62 29.80 -4.47 -11.09
N VAL B 63 30.43 -3.41 -11.60
CA VAL B 63 30.74 -2.25 -10.79
C VAL B 63 30.24 -0.98 -11.45
N ASP B 64 29.30 -0.33 -10.79
CA ASP B 64 28.84 1.01 -11.16
C ASP B 64 29.59 2.04 -10.31
N TYR B 65 30.11 3.10 -10.92
CA TYR B 65 30.74 4.15 -10.12
C TYR B 65 30.54 5.54 -10.69
N PHE B 66 30.69 6.52 -9.80
CA PHE B 66 30.45 7.93 -10.12
C PHE B 66 30.96 8.82 -9.00
N ALA B 67 31.25 10.08 -9.33
CA ALA B 67 31.54 11.06 -8.31
C ALA B 67 30.28 11.32 -7.48
N TYR B 68 30.47 11.53 -6.18
CA TYR B 68 29.35 11.68 -5.26
C TYR B 68 29.86 12.14 -3.90
N SER B 69 29.34 13.25 -3.41
CA SER B 69 29.79 13.75 -2.11
C SER B 69 29.18 12.92 -0.99
N THR B 70 30.03 12.47 -0.07
CA THR B 70 29.63 11.50 0.95
C THR B 70 28.46 12.00 1.80
N ASP B 71 28.36 13.31 2.00
CA ASP B 71 27.29 13.87 2.81
C ASP B 71 25.90 13.74 2.17
N MET B 72 25.81 13.11 1.02
CA MET B 72 24.53 12.85 0.39
C MET B 72 24.20 11.36 0.43
N SER B 73 24.89 10.65 1.34
CA SER B 73 24.72 9.22 1.55
C SER B 73 23.27 8.80 1.77
N SER B 74 22.50 9.64 2.43
CA SER B 74 21.15 9.26 2.81
C SER B 74 20.24 9.22 1.59
N TYR B 75 20.64 9.89 0.53
CA TYR B 75 19.84 9.92 -0.69
C TYR B 75 20.04 8.66 -1.52
N LEU B 76 21.04 7.87 -1.15
CA LEU B 76 21.29 6.59 -1.80
C LEU B 76 20.84 5.41 -0.92
N GLN B 77 20.23 5.72 0.22
CA GLN B 77 19.67 4.69 1.08
C GLN B 77 18.53 3.98 0.37
N PRO B 78 18.40 2.66 0.56
CA PRO B 78 17.28 1.91 0.00
C PRO B 78 15.94 2.51 0.42
N GLY B 79 15.06 2.77 -0.53
CA GLY B 79 13.73 3.30 -0.23
C GLY B 79 13.68 4.80 -0.01
N SER B 80 14.79 5.48 -0.27
CA SER B 80 14.85 6.92 -0.07
C SER B 80 14.00 7.66 -1.11
N ALA B 81 13.54 8.85 -0.75
CA ALA B 81 12.86 9.70 -1.69
C ALA B 81 13.82 10.77 -2.19
N GLY B 82 13.37 11.60 -3.11
CA GLY B 82 14.18 12.71 -3.54
C GLY B 82 14.83 12.53 -4.90
N ALA B 83 15.55 13.56 -5.32
CA ALA B 83 16.03 13.68 -6.69
C ALA B 83 16.98 12.57 -7.09
N ILE B 84 17.83 12.12 -6.18
CA ILE B 84 18.86 11.15 -6.52
C ILE B 84 18.26 9.82 -7.01
N VAL B 85 17.39 9.21 -6.21
CA VAL B 85 16.74 7.96 -6.61
C VAL B 85 15.78 8.18 -7.78
N GLN B 86 15.14 9.33 -7.82
CA GLN B 86 14.12 9.58 -8.85
C GLN B 86 14.71 9.80 -10.24
N PHE B 87 15.83 10.51 -10.36
CA PHE B 87 16.31 10.91 -11.68
C PHE B 87 17.78 10.62 -11.97
N ASN B 88 18.48 9.98 -11.03
CA ASN B 88 19.92 9.77 -11.21
C ASN B 88 20.34 8.31 -11.11
N TYR B 89 20.16 7.72 -9.93
CA TYR B 89 20.55 6.32 -9.74
C TYR B 89 19.63 5.63 -8.74
N LYS B 90 18.94 4.60 -9.20
CA LYS B 90 18.13 3.76 -8.32
C LYS B 90 18.74 2.38 -8.27
N GLN B 91 19.32 2.04 -7.12
CA GLN B 91 20.04 0.78 -6.97
C GLN B 91 19.14 -0.41 -7.21
N ASP B 92 19.65 -1.40 -7.93
CA ASP B 92 18.91 -2.63 -8.21
C ASP B 92 19.19 -3.67 -7.11
N PHE B 93 18.20 -3.93 -6.26
CA PHE B 93 18.41 -4.83 -5.13
C PHE B 93 18.00 -6.28 -5.44
N SER B 94 17.67 -6.56 -6.69
CA SER B 94 17.25 -7.90 -7.08
C SER B 94 18.42 -8.88 -7.13
N ASN B 95 19.62 -8.34 -6.97
CA ASN B 95 20.83 -9.16 -6.89
C ASN B 95 21.63 -8.75 -5.66
N PRO B 96 22.47 -9.65 -5.15
CA PRO B 96 23.38 -9.30 -4.06
C PRO B 96 24.26 -8.10 -4.44
N THR B 97 24.17 -7.02 -3.66
CA THR B 97 24.89 -5.79 -3.98
C THR B 97 25.59 -5.20 -2.76
N CYS B 98 26.67 -4.48 -3.02
CA CYS B 98 27.34 -3.70 -1.99
C CYS B 98 27.55 -2.28 -2.49
N ARG B 99 27.07 -1.32 -1.71
CA ARG B 99 27.24 0.10 -2.00
C ARG B 99 28.36 0.65 -1.15
N VAL B 100 29.31 1.33 -1.78
CA VAL B 100 30.49 1.83 -1.09
C VAL B 100 30.69 3.32 -1.35
N LEU B 101 30.84 4.09 -0.28
CA LEU B 101 31.10 5.51 -0.40
C LEU B 101 32.49 5.80 0.11
N ALA B 102 33.31 6.44 -0.72
CA ALA B 102 34.72 6.58 -0.41
C ALA B 102 35.31 7.92 -0.82
N THR B 103 36.40 8.28 -0.17
CA THR B 103 37.12 9.49 -0.51
C THR B 103 38.40 9.08 -1.22
N VAL B 104 38.72 9.78 -2.31
CA VAL B 104 39.95 9.55 -3.04
C VAL B 104 41.11 10.24 -2.34
N PRO B 105 42.11 9.45 -1.89
CA PRO B 105 43.29 9.98 -1.22
C PRO B 105 44.19 10.73 -2.21
N GLN B 106 44.83 11.81 -1.77
CA GLN B 106 45.75 12.54 -2.63
C GLN B 106 46.85 11.65 -3.19
N ASN B 107 47.28 10.65 -2.41
CA ASN B 107 48.30 9.70 -2.85
C ASN B 107 47.87 9.00 -4.15
N LEU B 108 46.55 8.82 -4.31
CA LEU B 108 45.97 8.26 -5.53
C LEU B 108 45.90 9.31 -6.63
N THR B 109 46.81 9.21 -7.60
CA THR B 109 47.02 10.29 -8.55
C THR B 109 46.33 10.09 -9.90
N THR B 110 46.10 8.84 -10.28
CA THR B 110 45.51 8.51 -11.57
C THR B 110 44.05 8.94 -11.71
N ILE B 111 43.39 9.24 -10.60
CA ILE B 111 42.00 9.71 -10.64
C ILE B 111 41.92 11.23 -10.66
N THR B 112 41.27 11.78 -11.67
CA THR B 112 41.12 13.24 -11.77
C THR B 112 39.73 13.70 -11.34
N LYS B 113 39.65 14.95 -10.90
CA LYS B 113 38.39 15.51 -10.41
C LYS B 113 37.72 16.31 -11.51
N PRO B 114 36.37 16.30 -11.52
CA PRO B 114 35.63 17.22 -12.39
C PRO B 114 35.60 18.59 -11.76
N SER B 115 35.16 19.61 -12.49
CA SER B 115 35.01 20.93 -11.91
C SER B 115 33.92 20.92 -10.84
N ASN B 116 32.81 20.24 -11.14
CA ASN B 116 31.65 20.23 -10.27
C ASN B 116 31.11 18.85 -10.00
N TYR B 117 30.53 18.69 -8.81
CA TYR B 117 29.55 17.65 -8.59
C TYR B 117 28.29 18.06 -9.34
N ALA B 118 27.51 17.08 -9.80
CA ALA B 118 26.26 17.39 -10.48
C ALA B 118 25.23 16.30 -10.30
N TYR B 119 23.96 16.69 -10.32
CA TYR B 119 22.88 15.71 -10.42
C TYR B 119 21.62 16.33 -11.00
N LEU B 120 20.75 15.49 -11.51
CA LEU B 120 19.49 15.93 -12.10
C LEU B 120 18.44 16.20 -11.01
N THR B 121 17.84 17.38 -11.06
CA THR B 121 16.80 17.73 -10.10
C THR B 121 15.43 17.33 -10.65
N GLU B 122 15.35 17.12 -11.95
CA GLU B 122 14.10 16.69 -12.57
C GLU B 122 14.27 16.14 -13.98
N CYS B 123 13.33 15.28 -14.34
CA CYS B 123 13.20 14.74 -15.69
C CYS B 123 11.71 14.50 -15.98
N TYR B 124 11.17 15.15 -17.00
CA TYR B 124 9.72 15.12 -17.25
C TYR B 124 9.31 15.44 -18.70
N LYS B 125 8.06 15.13 -19.03
CA LYS B 125 7.51 15.33 -20.38
C LYS B 125 6.31 16.31 -20.37
N THR B 126 6.09 17.04 -21.47
CA THR B 126 5.08 18.13 -21.53
C THR B 126 3.64 17.74 -21.98
N SER B 127 2.75 18.74 -21.98
CA SER B 127 1.55 18.63 -21.15
C SER B 127 0.11 19.12 -21.46
N ALA B 128 -0.25 19.95 -20.48
CA ALA B 128 -1.54 20.16 -19.84
C ALA B 128 -1.44 19.52 -18.44
N TYR B 129 -0.57 18.52 -18.24
CA TYR B 129 -0.57 17.77 -16.97
C TYR B 129 -0.12 18.59 -15.74
N GLY B 130 0.88 19.44 -15.95
CA GLY B 130 1.55 20.11 -14.87
C GLY B 130 2.99 19.73 -15.15
N LYS B 131 3.50 18.76 -14.41
CA LYS B 131 4.75 18.14 -14.80
C LYS B 131 4.61 16.63 -14.70
N ASN B 132 4.81 15.95 -15.82
CA ASN B 132 4.76 14.50 -15.81
C ASN B 132 6.17 13.90 -15.70
N TYR B 133 6.56 13.51 -14.48
CA TYR B 133 7.93 13.04 -14.20
C TYR B 133 8.19 11.62 -14.71
N LEU B 134 9.42 11.37 -15.14
CA LEU B 134 9.83 10.04 -15.57
C LEU B 134 10.94 9.56 -14.63
N TYR B 135 10.64 8.50 -13.90
CA TYR B 135 11.54 8.03 -12.85
C TYR B 135 12.43 6.90 -13.31
N ASN B 136 13.68 6.94 -12.87
CA ASN B 136 14.63 5.86 -13.12
C ASN B 136 14.11 4.49 -12.73
N ALA B 137 14.31 3.53 -13.62
CA ALA B 137 14.12 2.13 -13.29
C ALA B 137 15.35 1.67 -12.52
N PRO B 138 15.21 0.62 -11.70
CA PRO B 138 16.37 0.11 -10.97
C PRO B 138 17.55 -0.26 -11.88
N GLY B 139 18.73 0.28 -11.61
CA GLY B 139 19.93 -0.06 -12.36
C GLY B 139 20.03 0.54 -13.74
N ALA B 140 19.10 1.43 -14.09
CA ALA B 140 19.06 2.00 -15.43
C ALA B 140 19.42 3.48 -15.43
N TYR B 141 19.67 4.02 -16.63
CA TYR B 141 19.89 5.46 -16.79
C TYR B 141 18.57 6.20 -16.88
N THR B 142 18.58 7.48 -16.51
CA THR B 142 17.45 8.35 -16.78
C THR B 142 17.16 8.42 -18.27
N PRO B 143 15.88 8.51 -18.64
CA PRO B 143 15.53 8.76 -20.04
C PRO B 143 15.95 10.15 -20.52
N CYS B 144 16.38 11.00 -19.58
CA CYS B 144 16.89 12.33 -19.88
C CYS B 144 18.40 12.36 -20.11
N LEU B 145 19.02 11.19 -20.23
CA LEU B 145 20.47 11.11 -20.32
C LEU B 145 21.06 11.87 -21.52
N SER B 146 20.41 11.76 -22.69
CA SER B 146 20.88 12.49 -23.86
C SER B 146 20.80 13.98 -23.62
N LEU B 147 19.69 14.42 -23.03
CA LEU B 147 19.53 15.85 -22.71
C LEU B 147 20.58 16.30 -21.71
N ALA B 148 20.85 15.46 -20.70
CA ALA B 148 21.80 15.82 -19.66
C ALA B 148 23.23 15.88 -20.18
N SER B 149 23.53 15.07 -21.20
CA SER B 149 24.88 15.00 -21.76
C SER B 149 25.30 16.31 -22.43
N ARG B 150 24.32 17.16 -22.72
CA ARG B 150 24.60 18.51 -23.21
C ARG B 150 25.37 19.33 -22.17
N GLY B 151 25.35 18.90 -20.91
CA GLY B 151 26.15 19.50 -19.86
C GLY B 151 25.51 20.66 -19.14
N PHE B 152 25.93 20.89 -17.89
CA PHE B 152 25.43 21.99 -17.09
C PHE B 152 26.56 22.89 -16.63
N SER B 153 26.48 24.17 -16.97
CA SER B 153 27.52 25.13 -16.56
C SER B 153 26.98 26.09 -15.52
N THR B 154 25.66 26.06 -15.30
CA THR B 154 25.03 26.88 -14.26
C THR B 154 24.07 26.05 -13.43
N LYS B 155 23.82 26.48 -12.19
CA LYS B 155 22.82 25.86 -11.34
C LYS B 155 21.43 25.98 -11.96
N TYR B 156 20.65 24.90 -11.86
CA TYR B 156 19.28 24.85 -12.35
C TYR B 156 19.15 25.09 -13.86
N GLN B 157 20.25 24.91 -14.59
CA GLN B 157 20.18 24.96 -16.05
C GLN B 157 19.34 23.80 -16.58
N SER B 158 18.52 24.08 -17.60
CA SER B 158 17.66 23.06 -18.17
C SER B 158 17.99 22.74 -19.61
N HIS B 159 17.68 21.52 -20.03
CA HIS B 159 17.77 21.12 -21.44
C HIS B 159 16.47 20.46 -21.85
N SER B 160 16.07 20.66 -23.10
CA SER B 160 14.84 20.08 -23.62
C SER B 160 14.91 19.84 -25.12
N ASP B 161 14.08 18.92 -25.61
CA ASP B 161 14.02 18.63 -27.04
C ASP B 161 12.60 18.73 -27.59
N GLY B 162 11.72 19.39 -26.84
CA GLY B 162 10.31 19.46 -27.19
C GLY B 162 9.47 18.68 -26.21
N GLU B 163 9.63 17.35 -26.21
CA GLU B 163 8.90 16.50 -25.29
C GLU B 163 9.56 16.45 -23.93
N LEU B 164 10.80 15.96 -23.89
CA LEU B 164 11.51 15.80 -22.63
C LEU B 164 12.14 17.09 -22.15
N THR B 165 12.33 17.19 -20.83
CA THR B 165 12.99 18.34 -20.22
C THR B 165 13.73 17.88 -18.97
N THR B 166 15.00 18.25 -18.85
CA THR B 166 15.76 17.94 -17.66
C THR B 166 16.38 19.20 -17.07
N THR B 167 16.71 19.15 -15.78
CA THR B 167 17.36 20.26 -15.10
C THR B 167 18.47 19.73 -14.22
N GLY B 168 19.63 20.37 -14.29
CA GLY B 168 20.79 19.95 -13.52
C GLY B 168 21.11 20.91 -12.39
N TYR B 169 21.71 20.37 -11.33
CA TYR B 169 22.23 21.19 -10.27
C TYR B 169 23.72 20.90 -10.12
N ILE B 170 24.52 21.94 -9.92
CA ILE B 170 25.96 21.75 -9.82
C ILE B 170 26.53 22.53 -8.65
N TYR B 171 27.61 22.00 -8.08
CA TYR B 171 28.32 22.68 -7.01
C TYR B 171 29.77 22.22 -7.00
N PRO B 172 30.68 23.09 -6.57
CA PRO B 172 32.11 22.80 -6.70
C PRO B 172 32.56 21.61 -5.86
N VAL B 173 33.60 20.94 -6.35
CA VAL B 173 34.29 19.91 -5.60
C VAL B 173 35.28 20.57 -4.65
N THR B 174 35.02 20.50 -3.36
CA THR B 174 35.94 21.06 -2.37
C THR B 174 36.62 19.98 -1.56
N GLY B 175 37.95 19.98 -1.57
CA GLY B 175 38.72 18.96 -0.90
C GLY B 175 38.99 17.78 -1.81
N ASN B 176 39.34 16.64 -1.23
CA ASN B 176 39.54 15.42 -1.99
C ASN B 176 38.23 14.99 -2.66
N LEU B 177 38.34 14.33 -3.81
CA LEU B 177 37.15 13.86 -4.51
C LEU B 177 36.48 12.74 -3.72
N GLN B 178 35.16 12.71 -3.74
CA GLN B 178 34.44 11.60 -3.15
C GLN B 178 33.65 10.86 -4.22
N MET B 179 33.54 9.53 -4.04
CA MET B 179 32.91 8.66 -5.01
C MET B 179 31.96 7.64 -4.37
N ALA B 180 31.11 7.07 -5.21
CA ALA B 180 30.29 5.92 -4.86
C ALA B 180 30.58 4.76 -5.80
N PHE B 181 30.69 3.56 -5.24
CA PHE B 181 30.72 2.32 -6.02
C PHE B 181 29.55 1.45 -5.63
N ILE B 182 28.94 0.84 -6.63
CA ILE B 182 27.97 -0.22 -6.38
C ILE B 182 28.44 -1.49 -7.07
N ILE B 183 28.83 -2.45 -6.23
CA ILE B 183 29.27 -3.77 -6.67
C ILE B 183 28.10 -4.73 -6.64
N SER B 184 27.88 -5.42 -7.76
CA SER B 184 26.73 -6.29 -7.93
C SER B 184 27.17 -7.61 -8.52
N VAL B 185 26.61 -8.72 -8.01
CA VAL B 185 27.02 -10.04 -8.48
C VAL B 185 25.84 -10.91 -8.88
N GLN B 186 26.11 -11.89 -9.75
CA GLN B 186 25.09 -12.80 -10.25
C GLN B 186 25.52 -14.26 -10.19
N TYR B 187 24.59 -15.14 -9.86
CA TYR B 187 24.86 -16.58 -9.84
C TYR B 187 24.13 -17.29 -10.97
N GLY B 188 24.66 -17.18 -12.18
CA GLY B 188 24.07 -17.84 -13.33
C GLY B 188 24.48 -19.30 -13.41
N THR B 189 24.31 -19.88 -14.60
CA THR B 189 24.64 -21.27 -14.84
C THR B 189 26.16 -21.49 -14.87
N ASP B 190 26.91 -20.40 -14.85
CA ASP B 190 28.38 -20.42 -15.02
C ASP B 190 29.05 -20.38 -13.63
N THR B 191 28.26 -20.51 -12.57
CA THR B 191 28.77 -20.80 -11.21
C THR B 191 30.09 -20.09 -10.84
N ASN B 192 31.19 -20.51 -11.50
CA ASN B 192 32.55 -19.96 -11.26
C ASN B 192 33.21 -19.04 -12.30
N SER B 193 32.45 -18.31 -13.11
CA SER B 193 33.06 -17.44 -14.12
C SER B 193 34.03 -16.46 -13.47
N VAL B 194 33.60 -15.91 -12.34
CA VAL B 194 34.36 -14.93 -11.61
C VAL B 194 34.56 -15.40 -10.18
N CYS B 195 35.82 -15.50 -9.76
CA CYS B 195 36.16 -16.03 -8.44
C CYS B 195 37.32 -15.24 -7.80
N PRO B 196 37.52 -15.39 -6.49
CA PRO B 196 38.63 -14.65 -5.86
C PRO B 196 39.99 -15.20 -6.22
N MET B 197 41.01 -14.34 -6.21
CA MET B 197 42.37 -14.74 -6.53
C MET B 197 42.98 -15.59 -5.42
N GLN B 198 43.75 -16.59 -5.82
CA GLN B 198 44.47 -17.44 -4.88
C GLN B 198 45.55 -18.25 -5.60
N GLN C 1 -4.71 -14.62 16.83
CA GLN C 1 -6.10 -14.52 17.27
C GLN C 1 -7.02 -14.13 16.10
N GLU C 2 -7.99 -14.99 15.80
CA GLU C 2 -8.87 -14.77 14.67
C GLU C 2 -10.09 -13.92 15.04
N CYS C 3 -10.51 -13.06 14.12
CA CYS C 3 -11.74 -12.31 14.30
C CYS C 3 -12.93 -13.27 14.25
N ASP C 4 -13.73 -13.25 15.30
CA ASP C 4 -14.81 -14.22 15.49
C ASP C 4 -16.10 -13.78 14.79
N PHE C 5 -16.30 -14.26 13.56
CA PHE C 5 -17.50 -13.94 12.78
C PHE C 5 -18.64 -14.93 13.05
N THR C 6 -18.40 -15.86 13.97
CA THR C 6 -19.37 -16.90 14.32
C THR C 6 -20.78 -16.40 14.72
N PRO C 7 -20.90 -15.30 15.50
CA PRO C 7 -22.24 -14.92 15.97
C PRO C 7 -23.24 -14.66 14.84
N MET C 8 -22.76 -14.28 13.66
CA MET C 8 -23.65 -14.06 12.53
C MET C 8 -24.13 -15.37 11.94
N LEU C 9 -23.44 -16.46 12.28
CA LEU C 9 -23.79 -17.77 11.72
C LEU C 9 -24.65 -18.56 12.68
N THR C 10 -24.92 -17.98 13.85
CA THR C 10 -25.68 -18.67 14.88
C THR C 10 -26.96 -17.92 15.24
N GLY C 11 -28.06 -18.64 15.36
CA GLY C 11 -29.31 -18.04 15.81
C GLY C 11 -30.02 -17.20 14.76
N THR C 12 -30.96 -16.40 15.21
CA THR C 12 -31.81 -15.62 14.32
C THR C 12 -31.30 -14.19 14.20
N PRO C 13 -30.94 -13.77 12.99
CA PRO C 13 -30.51 -12.38 12.81
C PRO C 13 -31.67 -11.44 13.09
N PRO C 14 -31.37 -10.29 13.70
CA PRO C 14 -32.40 -9.37 14.20
C PRO C 14 -33.07 -8.58 13.09
N PRO C 15 -34.23 -7.98 13.39
CA PRO C 15 -34.86 -7.00 12.51
C PRO C 15 -33.94 -5.79 12.38
N ILE C 16 -34.05 -5.08 11.26
CA ILE C 16 -33.10 -4.04 10.93
C ILE C 16 -32.98 -2.95 11.99
N TYR C 17 -34.10 -2.52 12.58
CA TYR C 17 -34.06 -1.43 13.55
C TYR C 17 -33.31 -1.83 14.83
N ASN C 18 -33.15 -3.14 15.04
CA ASN C 18 -32.39 -3.64 16.20
C ASN C 18 -31.16 -4.41 15.73
N PHE C 19 -30.46 -3.84 14.74
CA PHE C 19 -29.33 -4.52 14.13
C PHE C 19 -28.26 -4.94 15.16
N LYS C 20 -27.61 -6.07 14.90
CA LYS C 20 -26.53 -6.56 15.72
C LYS C 20 -25.21 -5.93 15.28
N ARG C 21 -24.47 -5.34 16.22
CA ARG C 21 -23.20 -4.71 15.88
C ARG C 21 -22.03 -5.46 16.50
N LEU C 22 -21.16 -6.01 15.64
CA LEU C 22 -19.96 -6.70 16.08
C LEU C 22 -18.74 -5.82 15.82
N VAL C 23 -17.95 -5.55 16.86
CA VAL C 23 -16.77 -4.70 16.72
C VAL C 23 -15.49 -5.50 16.98
N PHE C 24 -14.57 -5.46 16.01
CA PHE C 24 -13.34 -6.24 16.08
C PHE C 24 -12.10 -5.36 16.16
N THR C 25 -11.26 -5.64 17.16
CA THR C 25 -9.94 -5.05 17.29
C THR C 25 -8.96 -6.14 17.69
N ASN C 26 -7.68 -5.95 17.39
CA ASN C 26 -6.63 -6.86 17.85
C ASN C 26 -6.88 -8.31 17.46
N CYS C 27 -7.12 -8.54 16.17
CA CYS C 27 -7.44 -9.88 15.67
C CYS C 27 -7.32 -9.93 14.16
N ASN C 28 -7.23 -11.13 13.61
CA ASN C 28 -7.11 -11.29 12.17
C ASN C 28 -8.32 -11.97 11.55
N TYR C 29 -8.71 -11.51 10.36
CA TYR C 29 -9.98 -11.88 9.76
C TYR C 29 -9.82 -12.63 8.44
N ASN C 30 -10.79 -13.51 8.15
CA ASN C 30 -10.95 -14.09 6.84
C ASN C 30 -12.38 -13.81 6.35
N LEU C 31 -12.54 -12.73 5.58
CA LEU C 31 -13.87 -12.32 5.13
C LEU C 31 -14.40 -13.27 4.05
N THR C 32 -13.51 -13.77 3.22
CA THR C 32 -13.86 -14.75 2.19
C THR C 32 -14.50 -16.00 2.79
N LYS C 33 -13.94 -16.51 3.88
CA LYS C 33 -14.47 -17.70 4.53
C LYS C 33 -15.91 -17.48 4.97
N LEU C 34 -16.19 -16.31 5.52
CA LEU C 34 -17.54 -15.97 5.93
C LEU C 34 -18.47 -15.75 4.75
N LEU C 35 -18.14 -14.78 3.90
CA LEU C 35 -19.00 -14.38 2.79
C LEU C 35 -19.35 -15.52 1.83
N SER C 36 -18.41 -16.44 1.61
CA SER C 36 -18.63 -17.51 0.65
C SER C 36 -19.65 -18.55 1.12
N LEU C 37 -20.11 -18.43 2.36
CA LEU C 37 -21.17 -19.30 2.86
C LEU C 37 -22.54 -18.85 2.35
N PHE C 38 -22.62 -17.60 1.89
CA PHE C 38 -23.88 -17.00 1.48
C PHE C 38 -23.94 -16.82 -0.04
N GLN C 39 -25.14 -16.75 -0.60
CA GLN C 39 -25.31 -16.36 -2.00
C GLN C 39 -25.43 -14.85 -2.07
N VAL C 40 -24.39 -14.21 -2.59
CA VAL C 40 -24.35 -12.75 -2.64
C VAL C 40 -25.14 -12.21 -3.83
N SER C 41 -26.13 -11.38 -3.53
CA SER C 41 -26.92 -10.71 -4.56
C SER C 41 -26.32 -9.36 -4.90
N GLU C 42 -25.80 -8.69 -3.88
CA GLU C 42 -25.25 -7.35 -4.03
C GLU C 42 -24.08 -7.14 -3.09
N PHE C 43 -23.10 -6.36 -3.55
CA PHE C 43 -21.91 -6.03 -2.78
C PHE C 43 -21.45 -4.65 -3.26
N SER C 44 -21.54 -3.65 -2.38
CA SER C 44 -21.14 -2.29 -2.73
C SER C 44 -20.26 -1.65 -1.68
N CYS C 45 -19.15 -1.05 -2.09
CA CYS C 45 -18.30 -0.34 -1.15
C CYS C 45 -18.10 1.13 -1.48
N HIS C 46 -17.83 1.88 -0.43
CA HIS C 46 -17.49 3.28 -0.48
C HIS C 46 -16.05 3.44 0.06
N GLN C 47 -15.18 4.03 -0.75
CA GLN C 47 -13.76 4.23 -0.41
C GLN C 47 -13.00 2.94 -0.12
N VAL C 48 -13.38 1.86 -0.81
CA VAL C 48 -12.63 0.60 -0.78
C VAL C 48 -12.78 -0.14 -2.09
N SER C 49 -11.66 -0.53 -2.70
CA SER C 49 -11.68 -1.57 -3.71
C SER C 49 -11.81 -2.88 -2.91
N PRO C 50 -12.63 -3.83 -3.39
CA PRO C 50 -13.11 -4.91 -2.52
C PRO C 50 -12.12 -5.99 -2.08
N SER C 51 -10.99 -6.12 -2.74
CA SER C 51 -9.99 -7.09 -2.27
C SER C 51 -8.89 -6.34 -1.53
N SER C 52 -8.98 -5.02 -1.56
CA SER C 52 -8.33 -4.23 -0.53
C SER C 52 -9.05 -4.57 0.77
N LEU C 53 -10.34 -4.87 0.65
CA LEU C 53 -11.19 -5.17 1.79
C LEU C 53 -10.81 -6.48 2.49
N ALA C 54 -10.23 -7.41 1.74
CA ALA C 54 -9.83 -8.68 2.33
C ALA C 54 -8.30 -8.79 2.45
N THR C 55 -7.60 -7.68 2.26
CA THR C 55 -6.14 -7.63 2.42
C THR C 55 -5.67 -6.42 3.23
N GLY C 56 -6.59 -5.50 3.54
CA GLY C 56 -6.24 -4.27 4.21
C GLY C 56 -5.97 -4.43 5.69
N CYS C 57 -5.36 -3.42 6.29
CA CYS C 57 -5.13 -3.40 7.73
C CYS C 57 -5.80 -2.18 8.33
N TYR C 58 -6.53 -2.38 9.43
CA TYR C 58 -7.34 -1.30 10.02
C TYR C 58 -7.21 -1.25 11.53
N SER C 59 -7.52 -0.10 12.11
CA SER C 59 -7.52 0.06 13.55
C SER C 59 -8.73 -0.63 14.18
N SER C 60 -9.79 -0.81 13.38
CA SER C 60 -10.95 -1.57 13.83
C SER C 60 -11.82 -1.97 12.64
N LEU C 61 -12.62 -3.00 12.86
CA LEU C 61 -13.54 -3.49 11.85
C LEU C 61 -14.87 -3.75 12.53
N THR C 62 -15.94 -3.21 11.95
CA THR C 62 -17.27 -3.32 12.53
C THR C 62 -18.23 -3.97 11.54
N VAL C 63 -18.99 -4.95 12.01
CA VAL C 63 -20.01 -5.56 11.16
C VAL C 63 -21.39 -5.34 11.77
N ASP C 64 -22.27 -4.70 11.01
CA ASP C 64 -23.67 -4.61 11.40
C ASP C 64 -24.46 -5.56 10.52
N TYR C 65 -25.33 -6.36 11.13
CA TYR C 65 -26.14 -7.26 10.32
C TYR C 65 -27.56 -7.45 10.86
N PHE C 66 -28.44 -7.82 9.95
CA PHE C 66 -29.86 -7.94 10.24
C PHE C 66 -30.55 -8.69 9.12
N ALA C 67 -31.67 -9.34 9.42
CA ALA C 67 -32.52 -9.92 8.39
C ALA C 67 -33.03 -8.79 7.49
N TYR C 68 -33.09 -9.05 6.19
CA TYR C 68 -33.50 -8.03 5.24
C TYR C 68 -33.84 -8.66 3.90
N SER C 69 -35.05 -8.42 3.41
CA SER C 69 -35.43 -8.97 2.12
C SER C 69 -34.71 -8.20 1.02
N THR C 70 -34.07 -8.96 0.14
CA THR C 70 -33.20 -8.38 -0.87
C THR C 70 -33.97 -7.51 -1.87
N ASP C 71 -35.25 -7.79 -2.07
CA ASP C 71 -36.04 -6.98 -2.99
C ASP C 71 -36.26 -5.57 -2.45
N MET C 72 -35.81 -5.30 -1.23
CA MET C 72 -35.85 -3.95 -0.68
C MET C 72 -34.48 -3.27 -0.74
N SER C 73 -33.61 -3.80 -1.59
CA SER C 73 -32.26 -3.28 -1.79
C SER C 73 -32.18 -1.77 -2.04
N SER C 74 -33.10 -1.24 -2.85
CA SER C 74 -33.06 0.18 -3.24
C SER C 74 -33.15 1.11 -2.04
N TYR C 75 -33.79 0.65 -0.98
CA TYR C 75 -34.01 1.47 0.19
C TYR C 75 -32.78 1.63 1.08
N LEU C 76 -31.77 0.78 0.88
CA LEU C 76 -30.51 0.91 1.61
C LEU C 76 -29.42 1.60 0.79
N GLN C 77 -29.78 2.08 -0.40
CA GLN C 77 -28.80 2.75 -1.21
C GLN C 77 -28.51 4.17 -0.70
N PRO C 78 -27.28 4.66 -0.92
CA PRO C 78 -26.90 6.02 -0.51
C PRO C 78 -27.88 7.06 -1.02
N GLY C 79 -28.23 8.02 -0.18
CA GLY C 79 -29.15 9.08 -0.55
C GLY C 79 -30.61 8.68 -0.63
N SER C 80 -30.92 7.40 -0.46
CA SER C 80 -32.30 6.94 -0.57
C SER C 80 -33.17 7.59 0.49
N ALA C 81 -34.43 7.83 0.13
CA ALA C 81 -35.42 8.30 1.08
C ALA C 81 -36.29 7.12 1.49
N GLY C 82 -37.24 7.37 2.37
CA GLY C 82 -38.15 6.32 2.77
C GLY C 82 -37.83 5.87 4.17
N ALA C 83 -38.70 5.02 4.72
CA ALA C 83 -38.68 4.67 6.13
C ALA C 83 -37.40 3.95 6.59
N ILE C 84 -36.77 3.21 5.68
CA ILE C 84 -35.59 2.41 6.07
C ILE C 84 -34.47 3.30 6.59
N VAL C 85 -34.07 4.28 5.79
CA VAL C 85 -32.99 5.19 6.20
C VAL C 85 -33.45 6.14 7.31
N GLN C 86 -34.73 6.50 7.29
CA GLN C 86 -35.26 7.43 8.27
C GLN C 86 -35.35 6.87 9.69
N PHE C 87 -35.84 5.64 9.82
CA PHE C 87 -36.17 5.12 11.15
C PHE C 87 -35.53 3.77 11.49
N ASN C 88 -34.67 3.25 10.61
CA ASN C 88 -34.18 1.89 10.81
C ASN C 88 -32.66 1.76 10.74
N TYR C 89 -32.08 2.02 9.58
CA TYR C 89 -30.63 1.99 9.44
C TYR C 89 -30.16 3.00 8.40
N LYS C 90 -29.45 4.02 8.88
CA LYS C 90 -28.77 4.94 8.00
C LYS C 90 -27.27 4.67 8.03
N GLN C 91 -26.76 4.14 6.93
CA GLN C 91 -25.35 3.78 6.81
C GLN C 91 -24.46 5.00 7.00
N ASP C 92 -23.42 4.85 7.81
CA ASP C 92 -22.46 5.92 8.05
C ASP C 92 -21.35 5.86 7.00
N PHE C 93 -21.31 6.85 6.11
CA PHE C 93 -20.32 6.87 5.02
C PHE C 93 -19.12 7.75 5.32
N SER C 94 -18.92 8.09 6.59
CA SER C 94 -17.78 8.94 6.97
C SER C 94 -16.50 8.10 7.07
N ASN C 95 -16.65 6.79 7.02
CA ASN C 95 -15.52 5.87 6.96
C ASN C 95 -15.73 4.90 5.80
N PRO C 96 -14.65 4.26 5.32
CA PRO C 96 -14.83 3.25 4.27
C PRO C 96 -15.79 2.17 4.71
N THR C 97 -16.76 1.85 3.86
CA THR C 97 -17.81 0.91 4.23
C THR C 97 -18.22 0.03 3.07
N CYS C 98 -18.69 -1.17 3.38
CA CYS C 98 -19.26 -2.05 2.38
C CYS C 98 -20.61 -2.59 2.86
N ARG C 99 -21.53 -2.74 1.92
CA ARG C 99 -22.87 -3.24 2.20
C ARG C 99 -23.10 -4.50 1.37
N VAL C 100 -23.41 -5.59 2.05
CA VAL C 100 -23.63 -6.85 1.35
C VAL C 100 -25.04 -7.37 1.58
N LEU C 101 -25.75 -7.67 0.50
CA LEU C 101 -27.06 -8.31 0.60
C LEU C 101 -26.93 -9.74 0.10
N ALA C 102 -27.40 -10.69 0.91
CA ALA C 102 -27.16 -12.09 0.61
C ALA C 102 -28.30 -12.99 1.07
N THR C 103 -28.38 -14.16 0.45
CA THR C 103 -29.35 -15.17 0.80
C THR C 103 -28.67 -16.30 1.56
N VAL C 104 -29.33 -16.76 2.63
CA VAL C 104 -28.85 -17.89 3.41
C VAL C 104 -29.28 -19.22 2.76
N PRO C 105 -28.31 -19.98 2.23
CA PRO C 105 -28.64 -21.27 1.61
C PRO C 105 -29.18 -22.23 2.67
N GLN C 106 -29.99 -23.20 2.26
CA GLN C 106 -30.58 -24.10 3.24
C GLN C 106 -29.55 -25.07 3.79
N ASN C 107 -28.42 -25.23 3.10
CA ASN C 107 -27.33 -26.07 3.59
C ASN C 107 -26.71 -25.48 4.86
N LEU C 108 -27.10 -24.25 5.19
CA LEU C 108 -26.56 -23.51 6.32
C LEU C 108 -27.58 -23.46 7.46
N THR C 109 -27.64 -24.52 8.25
CA THR C 109 -28.74 -24.74 9.19
C THR C 109 -28.59 -24.03 10.53
N THR C 110 -27.42 -23.47 10.81
CA THR C 110 -27.17 -22.86 12.10
C THR C 110 -27.86 -21.50 12.21
N ILE C 111 -28.13 -20.88 11.08
CA ILE C 111 -28.89 -19.65 11.07
C ILE C 111 -30.37 -19.97 10.99
N THR C 112 -31.13 -19.54 11.99
CA THR C 112 -32.56 -19.81 12.05
C THR C 112 -33.36 -18.61 11.53
N LYS C 113 -34.48 -18.88 10.89
CA LYS C 113 -35.26 -17.79 10.29
C LYS C 113 -36.21 -17.19 11.29
N PRO C 114 -36.41 -15.87 11.21
CA PRO C 114 -37.49 -15.28 11.99
C PRO C 114 -38.82 -15.61 11.32
N SER C 115 -39.92 -15.43 12.02
CA SER C 115 -41.24 -15.58 11.43
C SER C 115 -41.45 -14.56 10.32
N ASN C 116 -41.13 -13.31 10.66
CA ASN C 116 -41.40 -12.17 9.83
C ASN C 116 -40.19 -11.28 9.63
N TYR C 117 -40.08 -10.70 8.44
CA TYR C 117 -39.27 -9.51 8.27
C TYR C 117 -40.04 -8.38 8.95
N ALA C 118 -39.32 -7.35 9.39
CA ALA C 118 -39.96 -6.19 10.00
C ALA C 118 -39.14 -4.93 9.79
N TYR C 119 -39.83 -3.80 9.74
CA TYR C 119 -39.17 -2.51 9.84
C TYR C 119 -40.13 -1.48 10.41
N LEU C 120 -39.57 -0.37 10.90
CA LEU C 120 -40.37 0.72 11.45
C LEU C 120 -40.83 1.68 10.36
N THR C 121 -42.11 2.05 10.38
CA THR C 121 -42.64 2.97 9.39
C THR C 121 -42.57 4.40 9.91
N GLU C 122 -42.39 4.56 11.21
CA GLU C 122 -42.29 5.88 11.81
C GLU C 122 -41.77 5.84 13.23
N CYS C 123 -41.16 6.94 13.64
CA CYS C 123 -40.75 7.18 15.02
C CYS C 123 -40.89 8.69 15.25
N TYR C 124 -41.68 9.08 16.25
CA TYR C 124 -41.93 10.50 16.44
C TYR C 124 -42.39 10.89 17.83
N LYS C 125 -42.24 12.18 18.11
CA LYS C 125 -42.82 12.80 19.30
C LYS C 125 -44.05 13.58 18.87
N THR C 126 -45.05 13.66 19.75
CA THR C 126 -46.23 14.46 19.45
C THR C 126 -45.97 15.92 19.85
N SER C 127 -46.56 16.85 19.12
CA SER C 127 -46.15 18.25 19.22
C SER C 127 -47.29 19.25 19.49
N ALA C 128 -48.16 19.38 18.48
CA ALA C 128 -49.15 20.46 18.28
C ALA C 128 -48.95 20.91 16.85
N TYR C 129 -47.69 20.85 16.42
CA TYR C 129 -47.34 21.01 15.03
C TYR C 129 -47.65 19.74 14.25
N GLY C 130 -48.04 18.70 14.97
CA GLY C 130 -48.26 17.40 14.39
C GLY C 130 -47.18 16.43 14.86
N LYS C 131 -46.73 15.57 13.96
CA LYS C 131 -45.70 14.60 14.30
C LYS C 131 -44.29 15.17 14.14
N ASN C 132 -43.55 15.18 15.24
CA ASN C 132 -42.16 15.57 15.25
C ASN C 132 -41.29 14.34 15.00
N TYR C 133 -41.00 14.06 13.74
CA TYR C 133 -40.26 12.85 13.39
C TYR C 133 -38.83 12.88 13.91
N LEU C 134 -38.40 11.76 14.51
CA LEU C 134 -37.02 11.59 14.97
C LEU C 134 -36.27 10.63 14.06
N TYR C 135 -35.40 11.17 13.22
CA TYR C 135 -34.67 10.38 12.22
C TYR C 135 -33.38 9.79 12.78
N ASN C 136 -33.04 8.58 12.33
CA ASN C 136 -31.78 7.95 12.69
C ASN C 136 -30.56 8.78 12.33
N ALA C 137 -29.63 8.89 13.27
CA ALA C 137 -28.32 9.42 12.95
C ALA C 137 -27.56 8.34 12.19
N PRO C 138 -26.53 8.71 11.41
CA PRO C 138 -25.78 7.68 10.70
C PRO C 138 -25.09 6.72 11.67
N GLY C 139 -25.30 5.42 11.46
CA GLY C 139 -24.65 4.39 12.23
C GLY C 139 -25.34 4.12 13.56
N ALA C 140 -26.38 4.89 13.87
CA ALA C 140 -27.02 4.84 15.18
C ALA C 140 -28.34 4.07 15.20
N TYR C 141 -28.80 3.72 16.40
CA TYR C 141 -30.10 3.08 16.61
C TYR C 141 -31.21 4.12 16.69
N THR C 142 -32.41 3.75 16.24
CA THR C 142 -33.57 4.61 16.43
C THR C 142 -33.81 4.88 17.91
N PRO C 143 -34.18 6.13 18.23
CA PRO C 143 -34.63 6.47 19.57
C PRO C 143 -35.92 5.73 19.96
N CYS C 144 -36.57 5.06 19.01
CA CYS C 144 -37.75 4.26 19.30
C CYS C 144 -37.42 2.79 19.53
N LEU C 145 -36.14 2.49 19.75
CA LEU C 145 -35.72 1.09 19.96
C LEU C 145 -36.40 0.44 21.16
N SER C 146 -36.46 1.12 22.31
CA SER C 146 -37.16 0.61 23.49
C SER C 146 -38.60 0.23 23.18
N LEU C 147 -39.31 1.13 22.50
CA LEU C 147 -40.71 0.89 22.14
C LEU C 147 -40.83 -0.25 21.13
N ALA C 148 -39.97 -0.26 20.11
CA ALA C 148 -40.01 -1.31 19.11
C ALA C 148 -39.73 -2.70 19.71
N SER C 149 -38.95 -2.74 20.79
CA SER C 149 -38.61 -4.01 21.44
C SER C 149 -39.81 -4.72 22.05
N ARG C 150 -40.93 -4.00 22.21
CA ARG C 150 -42.16 -4.60 22.69
C ARG C 150 -42.74 -5.61 21.70
N GLY C 151 -42.26 -5.58 20.46
CA GLY C 151 -42.64 -6.56 19.46
C GLY C 151 -43.85 -6.16 18.63
N PHE C 152 -43.89 -6.64 17.40
CA PHE C 152 -45.01 -6.37 16.51
C PHE C 152 -45.64 -7.68 16.07
N SER C 153 -46.92 -7.84 16.37
CA SER C 153 -47.62 -9.06 15.99
C SER C 153 -48.59 -8.84 14.82
N THR C 154 -48.93 -7.57 14.56
CA THR C 154 -49.77 -7.23 13.40
C THR C 154 -49.17 -6.13 12.55
N LYS C 155 -49.57 -6.07 11.28
CA LYS C 155 -49.16 -4.99 10.38
C LYS C 155 -49.60 -3.64 10.95
N TYR C 156 -48.70 -2.66 10.91
CA TYR C 156 -48.98 -1.30 11.36
C TYR C 156 -49.41 -1.21 12.83
N GLN C 157 -48.90 -2.13 13.64
CA GLN C 157 -49.07 -2.05 15.08
C GLN C 157 -48.20 -0.93 15.63
N SER C 158 -48.75 -0.12 16.53
CA SER C 158 -48.03 0.99 17.14
C SER C 158 -47.70 0.74 18.60
N HIS C 159 -46.69 1.45 19.11
CA HIS C 159 -46.36 1.46 20.53
C HIS C 159 -46.02 2.88 20.96
N SER C 160 -46.45 3.27 22.16
CA SER C 160 -46.17 4.61 22.66
C SER C 160 -45.85 4.60 24.16
N ASP C 161 -45.05 5.56 24.61
CA ASP C 161 -44.79 5.70 26.04
C ASP C 161 -45.30 7.04 26.55
N GLY C 162 -46.21 7.66 25.80
CA GLY C 162 -46.72 8.97 26.15
C GLY C 162 -46.10 10.06 25.30
N GLU C 163 -44.78 10.05 25.23
CA GLU C 163 -44.04 11.06 24.45
C GLU C 163 -43.74 10.55 23.04
N LEU C 164 -43.11 9.38 22.96
CA LEU C 164 -42.68 8.81 21.70
C LEU C 164 -43.70 7.83 21.18
N THR C 165 -43.75 7.70 19.87
CA THR C 165 -44.60 6.71 19.24
C THR C 165 -43.89 6.09 18.07
N THR C 166 -43.97 4.76 17.97
CA THR C 166 -43.43 4.09 16.80
C THR C 166 -44.46 3.14 16.24
N THR C 167 -44.28 2.78 14.97
CA THR C 167 -45.19 1.86 14.30
C THR C 167 -44.35 0.91 13.48
N GLY C 168 -44.68 -0.37 13.53
CA GLY C 168 -43.93 -1.36 12.79
C GLY C 168 -44.74 -2.01 11.70
N TYR C 169 -44.04 -2.44 10.66
CA TYR C 169 -44.63 -3.21 9.58
C TYR C 169 -43.96 -4.57 9.55
N ILE C 170 -44.75 -5.63 9.48
CA ILE C 170 -44.22 -6.99 9.39
C ILE C 170 -44.79 -7.69 8.17
N TYR C 171 -44.05 -8.68 7.67
CA TYR C 171 -44.51 -9.52 6.58
C TYR C 171 -43.69 -10.81 6.60
N PRO C 172 -44.30 -11.92 6.16
CA PRO C 172 -43.68 -13.25 6.31
C PRO C 172 -42.38 -13.44 5.55
N VAL C 173 -41.50 -14.25 6.12
CA VAL C 173 -40.32 -14.72 5.41
C VAL C 173 -40.74 -15.83 4.46
N THR C 174 -40.51 -15.64 3.16
CA THR C 174 -40.82 -16.66 2.19
C THR C 174 -39.53 -17.11 1.48
N GLY C 175 -39.34 -18.43 1.40
CA GLY C 175 -38.13 -18.97 0.81
C GLY C 175 -36.95 -18.86 1.77
N ASN C 176 -35.75 -18.92 1.23
CA ASN C 176 -34.57 -18.79 2.06
C ASN C 176 -34.48 -17.41 2.69
N LEU C 177 -33.95 -17.35 3.90
CA LEU C 177 -33.78 -16.08 4.57
C LEU C 177 -32.80 -15.20 3.80
N GLN C 178 -33.08 -13.91 3.77
CA GLN C 178 -32.12 -12.95 3.22
C GLN C 178 -31.62 -11.99 4.30
N MET C 179 -30.40 -11.50 4.11
CA MET C 179 -29.75 -10.67 5.12
C MET C 179 -29.01 -9.50 4.52
N ALA C 180 -28.61 -8.60 5.41
CA ALA C 180 -27.76 -7.47 5.07
C ALA C 180 -26.58 -7.41 6.03
N PHE C 181 -25.39 -7.13 5.48
CA PHE C 181 -24.23 -6.87 6.32
C PHE C 181 -23.65 -5.53 5.94
N ILE C 182 -23.34 -4.71 6.94
CA ILE C 182 -22.59 -3.50 6.67
C ILE C 182 -21.27 -3.59 7.38
N ILE C 183 -20.22 -3.73 6.58
CA ILE C 183 -18.84 -3.83 7.05
C ILE C 183 -18.17 -2.46 7.04
N SER C 184 -17.76 -1.99 8.21
CA SER C 184 -17.15 -0.68 8.32
C SER C 184 -15.74 -0.77 8.92
N VAL C 185 -14.80 -0.04 8.34
CA VAL C 185 -13.43 -0.04 8.86
C VAL C 185 -12.95 1.37 9.16
N GLN C 186 -11.99 1.47 10.08
CA GLN C 186 -11.36 2.74 10.41
C GLN C 186 -9.86 2.65 10.25
N TYR C 187 -9.21 3.80 10.03
CA TYR C 187 -7.76 3.87 9.94
C TYR C 187 -7.18 4.74 11.05
N GLY C 188 -7.46 4.38 12.30
CA GLY C 188 -6.96 5.12 13.44
C GLY C 188 -5.46 4.95 13.65
N THR C 189 -4.98 5.33 14.83
CA THR C 189 -3.56 5.28 15.13
C THR C 189 -3.03 3.85 15.27
N ASP C 190 -3.87 2.95 15.78
CA ASP C 190 -3.47 1.54 15.86
C ASP C 190 -3.57 0.88 14.49
N THR C 191 -2.68 1.28 13.59
CA THR C 191 -2.71 0.93 12.18
C THR C 191 -2.99 -0.54 11.87
N ASN C 192 -2.31 -1.43 12.58
CA ASN C 192 -2.39 -2.85 12.29
C ASN C 192 -3.13 -3.66 13.34
N SER C 193 -4.15 -3.08 13.96
CA SER C 193 -4.91 -3.81 14.97
C SER C 193 -5.67 -4.98 14.33
N VAL C 194 -6.18 -4.76 13.13
CA VAL C 194 -6.95 -5.78 12.42
C VAL C 194 -6.42 -6.01 11.00
N CYS C 195 -5.89 -7.21 10.76
CA CYS C 195 -5.23 -7.53 9.50
C CYS C 195 -5.78 -8.86 8.97
N PRO C 196 -5.62 -9.11 7.66
CA PRO C 196 -6.07 -10.42 7.14
C PRO C 196 -5.27 -11.59 7.68
N MET C 197 -5.93 -12.73 7.84
CA MET C 197 -5.25 -13.95 8.20
C MET C 197 -4.33 -14.40 7.07
N GLN C 198 -3.33 -15.22 7.43
CA GLN C 198 -2.56 -16.02 6.48
C GLN C 198 -1.72 -16.99 7.30
N GLN D 1 43.05 -14.88 25.92
CA GLN D 1 41.66 -14.61 26.31
C GLN D 1 40.80 -14.26 25.09
N GLU D 2 39.89 -15.17 24.74
CA GLU D 2 39.00 -14.98 23.61
C GLU D 2 37.75 -14.19 24.00
N CYS D 3 37.35 -13.25 23.15
CA CYS D 3 36.11 -12.52 23.36
C CYS D 3 34.92 -13.48 23.30
N ASP D 4 34.12 -13.48 24.35
CA ASP D 4 33.04 -14.44 24.50
C ASP D 4 31.75 -13.97 23.81
N PHE D 5 31.51 -14.46 22.60
CA PHE D 5 30.30 -14.09 21.85
C PHE D 5 29.15 -15.07 22.11
N THR D 6 29.41 -16.08 22.93
CA THR D 6 28.39 -17.12 23.19
C THR D 6 27.03 -16.64 23.73
N PRO D 7 26.97 -15.53 24.52
CA PRO D 7 25.64 -15.17 25.01
C PRO D 7 24.64 -14.87 23.89
N MET D 8 25.14 -14.38 22.75
CA MET D 8 24.28 -14.16 21.60
C MET D 8 23.74 -15.47 21.05
N LEU D 9 24.43 -16.56 21.35
CA LEU D 9 24.13 -17.83 20.73
C LEU D 9 23.25 -18.70 21.63
N THR D 10 22.95 -18.20 22.82
CA THR D 10 22.23 -18.99 23.79
C THR D 10 21.00 -18.27 24.33
N GLY D 11 19.87 -18.98 24.38
CA GLY D 11 18.63 -18.42 24.89
C GLY D 11 17.87 -17.55 23.90
N THR D 12 16.97 -16.73 24.42
CA THR D 12 16.09 -15.91 23.59
C THR D 12 16.57 -14.47 23.51
N PRO D 13 16.90 -14.00 22.29
CA PRO D 13 17.34 -12.61 22.15
C PRO D 13 16.19 -11.67 22.47
N PRO D 14 16.47 -10.53 23.10
CA PRO D 14 15.41 -9.67 23.62
C PRO D 14 14.73 -8.85 22.54
N PRO D 15 13.57 -8.26 22.87
CA PRO D 15 12.96 -7.29 21.97
C PRO D 15 13.87 -6.07 21.85
N ILE D 16 13.75 -5.36 20.75
CA ILE D 16 14.65 -4.27 20.41
C ILE D 16 14.76 -3.21 21.51
N TYR D 17 13.64 -2.85 22.13
CA TYR D 17 13.66 -1.79 23.14
C TYR D 17 14.41 -2.21 24.40
N ASN D 18 14.57 -3.51 24.59
CA ASN D 18 15.33 -4.05 25.72
C ASN D 18 16.60 -4.74 25.21
N PHE D 19 17.26 -4.14 24.22
CA PHE D 19 18.40 -4.80 23.58
C PHE D 19 19.49 -5.20 24.60
N LYS D 20 20.13 -6.34 24.34
CA LYS D 20 21.25 -6.81 25.14
C LYS D 20 22.52 -6.11 24.68
N ARG D 21 23.30 -5.60 25.63
CA ARG D 21 24.58 -4.98 25.31
C ARG D 21 25.75 -5.77 25.88
N LEU D 22 26.65 -6.21 25.02
CA LEU D 22 27.88 -6.90 25.42
C LEU D 22 29.08 -6.02 25.16
N VAL D 23 29.90 -5.77 26.18
CA VAL D 23 31.09 -4.93 26.00
C VAL D 23 32.36 -5.75 26.21
N PHE D 24 33.28 -5.68 25.25
CA PHE D 24 34.52 -6.45 25.31
C PHE D 24 35.74 -5.55 25.41
N THR D 25 36.62 -5.86 26.36
CA THR D 25 37.94 -5.23 26.52
C THR D 25 38.91 -6.33 26.93
N ASN D 26 40.19 -6.20 26.57
CA ASN D 26 41.20 -7.14 27.05
C ASN D 26 40.92 -8.58 26.60
N CYS D 27 40.62 -8.74 25.32
CA CYS D 27 40.43 -10.06 24.75
C CYS D 27 40.59 -10.02 23.24
N ASN D 28 40.68 -11.20 22.63
CA ASN D 28 40.80 -11.31 21.18
C ASN D 28 39.57 -11.97 20.58
N TYR D 29 39.15 -11.50 19.41
CA TYR D 29 37.87 -11.89 18.85
C TYR D 29 38.00 -12.60 17.52
N ASN D 30 37.05 -13.49 17.25
CA ASN D 30 36.89 -14.07 15.92
C ASN D 30 35.48 -13.78 15.44
N LEU D 31 35.32 -12.68 14.71
CA LEU D 31 34.01 -12.24 14.25
C LEU D 31 33.45 -13.17 13.18
N THR D 32 34.34 -13.70 12.37
CA THR D 32 33.97 -14.63 11.31
C THR D 32 33.30 -15.87 11.87
N LYS D 33 33.88 -16.41 12.95
CA LYS D 33 33.36 -17.61 13.59
C LYS D 33 31.92 -17.38 14.07
N LEU D 34 31.65 -16.16 14.51
CA LEU D 34 30.32 -15.82 15.00
C LEU D 34 29.31 -15.64 13.87
N LEU D 35 29.63 -14.74 12.95
CA LEU D 35 28.68 -14.35 11.91
C LEU D 35 28.40 -15.46 10.92
N SER D 36 29.36 -16.36 10.73
CA SER D 36 29.20 -17.40 9.72
C SER D 36 28.16 -18.43 10.14
N LEU D 37 27.71 -18.38 11.39
CA LEU D 37 26.65 -19.25 11.86
C LEU D 37 25.27 -18.78 11.36
N PHE D 38 25.18 -17.50 11.02
CA PHE D 38 23.91 -16.92 10.61
C PHE D 38 23.83 -16.72 9.11
N GLN D 39 22.61 -16.60 8.62
CA GLN D 39 22.35 -16.28 7.23
C GLN D 39 22.18 -14.76 7.09
N VAL D 40 23.19 -14.08 6.55
CA VAL D 40 23.21 -12.61 6.55
C VAL D 40 22.41 -11.99 5.40
N SER D 41 21.50 -11.09 5.74
CA SER D 41 20.70 -10.38 4.76
C SER D 41 21.22 -8.98 4.49
N GLU D 42 21.86 -8.39 5.50
CA GLU D 42 22.36 -7.03 5.36
C GLU D 42 23.53 -6.77 6.29
N PHE D 43 24.51 -6.05 5.77
CA PHE D 43 25.75 -5.72 6.48
C PHE D 43 26.16 -4.30 6.09
N SER D 44 25.99 -3.35 7.01
CA SER D 44 26.34 -1.95 6.74
C SER D 44 27.24 -1.35 7.81
N CYS D 45 28.33 -0.70 7.38
CA CYS D 45 29.20 -0.03 8.34
C CYS D 45 29.43 1.43 8.03
N HIS D 46 29.66 2.18 9.10
CA HIS D 46 30.00 3.58 9.05
C HIS D 46 31.44 3.74 9.56
N GLN D 47 32.30 4.33 8.74
CA GLN D 47 33.70 4.61 9.11
C GLN D 47 34.52 3.35 9.38
N VAL D 48 34.15 2.26 8.72
CA VAL D 48 34.95 1.03 8.76
C VAL D 48 34.97 0.43 7.36
N SER D 49 35.98 -0.38 7.07
CA SER D 49 35.89 -1.33 5.97
C SER D 49 35.70 -2.66 6.70
N PRO D 50 35.02 -3.63 6.08
CA PRO D 50 34.42 -4.66 6.96
C PRO D 50 35.35 -5.78 7.37
N SER D 51 36.45 -5.95 6.64
CA SER D 51 37.47 -6.91 7.06
C SER D 51 38.56 -6.12 7.77
N SER D 52 38.44 -4.80 7.75
CA SER D 52 39.09 -3.98 8.75
C SER D 52 38.39 -4.29 10.07
N LEU D 53 37.11 -4.63 10.00
CA LEU D 53 36.32 -4.92 11.20
C LEU D 53 36.72 -6.24 11.83
N ALA D 54 37.12 -7.21 11.01
CA ALA D 54 37.51 -8.51 11.53
C ALA D 54 39.02 -8.61 11.76
N THR D 55 39.74 -7.51 11.51
CA THR D 55 41.19 -7.49 11.65
C THR D 55 41.73 -6.25 12.37
N GLY D 56 40.84 -5.42 12.91
CA GLY D 56 41.25 -4.19 13.55
C GLY D 56 41.59 -4.35 15.03
N CYS D 57 42.29 -3.38 15.59
CA CYS D 57 42.54 -3.36 17.03
C CYS D 57 41.87 -2.13 17.64
N TYR D 58 41.17 -2.33 18.75
CA TYR D 58 40.37 -1.28 19.36
C TYR D 58 40.54 -1.24 20.87
N SER D 59 40.23 -0.11 21.48
CA SER D 59 40.22 -0.02 22.93
C SER D 59 39.00 -0.75 23.51
N SER D 60 37.94 -0.85 22.72
CA SER D 60 36.79 -1.67 23.13
C SER D 60 35.94 -2.06 21.94
N LEU D 61 35.16 -3.12 22.13
CA LEU D 61 34.23 -3.58 21.10
C LEU D 61 32.90 -3.90 21.79
N THR D 62 31.82 -3.33 21.27
CA THR D 62 30.50 -3.45 21.87
C THR D 62 29.54 -4.08 20.89
N VAL D 63 28.77 -5.07 21.34
CA VAL D 63 27.72 -5.64 20.51
C VAL D 63 26.35 -5.48 21.15
N ASP D 64 25.45 -4.82 20.44
CA ASP D 64 24.05 -4.76 20.83
C ASP D 64 23.28 -5.70 19.93
N TYR D 65 22.43 -6.55 20.52
CA TYR D 65 21.64 -7.44 19.70
C TYR D 65 20.22 -7.63 20.23
N PHE D 66 19.32 -7.96 19.31
CA PHE D 66 17.92 -8.10 19.63
C PHE D 66 17.22 -8.86 18.50
N ALA D 67 16.13 -9.53 18.83
CA ALA D 67 15.23 -10.09 17.82
C ALA D 67 14.71 -8.94 16.96
N TYR D 68 14.63 -9.16 15.65
CA TYR D 68 14.20 -8.11 14.72
C TYR D 68 13.85 -8.71 13.36
N SER D 69 12.65 -8.43 12.87
CA SER D 69 12.27 -8.97 11.57
C SER D 69 12.97 -8.18 10.46
N THR D 70 13.61 -8.93 9.58
CA THR D 70 14.43 -8.34 8.53
C THR D 70 13.66 -7.40 7.59
N ASP D 71 12.36 -7.67 7.40
CA ASP D 71 11.59 -6.79 6.49
C ASP D 71 11.31 -5.42 7.11
N MET D 72 11.85 -5.16 8.30
CA MET D 72 11.76 -3.83 8.88
C MET D 72 13.12 -3.13 8.85
N SER D 73 14.00 -3.62 7.99
CA SER D 73 15.34 -3.07 7.81
C SER D 73 15.40 -1.56 7.58
N SER D 74 14.43 -1.01 6.85
CA SER D 74 14.48 0.40 6.47
C SER D 74 14.36 1.30 7.69
N TYR D 75 13.67 0.80 8.72
CA TYR D 75 13.45 1.60 9.91
C TYR D 75 14.71 1.72 10.78
N LEU D 76 15.73 0.93 10.48
CA LEU D 76 17.00 1.00 11.22
C LEU D 76 18.09 1.72 10.41
N GLN D 77 17.72 2.23 9.25
CA GLN D 77 18.69 2.93 8.41
C GLN D 77 18.99 4.32 8.97
N PRO D 78 20.20 4.84 8.70
CA PRO D 78 20.56 6.17 9.19
C PRO D 78 19.59 7.23 8.68
N GLY D 79 19.20 8.17 9.56
CA GLY D 79 18.27 9.22 9.19
C GLY D 79 16.81 8.82 9.14
N SER D 80 16.51 7.53 9.25
CA SER D 80 15.13 7.04 9.15
C SER D 80 14.22 7.66 10.20
N ALA D 81 12.94 7.82 9.84
CA ALA D 81 11.93 8.27 10.77
C ALA D 81 11.13 7.07 11.26
N GLY D 82 10.17 7.33 12.15
CA GLY D 82 9.30 6.25 12.60
C GLY D 82 9.68 5.77 13.98
N ALA D 83 8.84 4.89 14.53
CA ALA D 83 8.90 4.48 15.92
C ALA D 83 10.17 3.75 16.34
N ILE D 84 10.82 3.06 15.40
CA ILE D 84 12.00 2.27 15.75
C ILE D 84 13.14 3.15 16.28
N VAL D 85 13.54 4.13 15.48
CA VAL D 85 14.58 5.07 15.90
C VAL D 85 14.11 6.00 17.03
N GLN D 86 12.83 6.34 17.02
CA GLN D 86 12.28 7.23 18.04
C GLN D 86 12.22 6.60 19.43
N PHE D 87 11.76 5.36 19.52
CA PHE D 87 11.43 4.82 20.84
C PHE D 87 12.08 3.48 21.16
N ASN D 88 12.91 2.95 20.26
CA ASN D 88 13.43 1.61 20.45
C ASN D 88 14.96 1.50 20.37
N TYR D 89 15.52 1.90 19.23
CA TYR D 89 16.98 1.88 19.07
C TYR D 89 17.44 2.90 18.04
N LYS D 90 18.14 3.90 18.53
CA LYS D 90 18.81 4.86 17.67
C LYS D 90 20.31 4.59 17.64
N GLN D 91 20.80 4.12 16.50
CA GLN D 91 22.20 3.77 16.36
C GLN D 91 23.10 4.99 16.59
N ASP D 92 24.17 4.79 17.36
CA ASP D 92 25.11 5.87 17.66
C ASP D 92 26.24 5.85 16.61
N PHE D 93 26.28 6.86 15.74
CA PHE D 93 27.28 6.91 14.68
C PHE D 93 28.50 7.78 15.01
N SER D 94 28.70 8.05 16.29
CA SER D 94 29.82 8.90 16.69
C SER D 94 31.12 8.08 16.73
N ASN D 95 30.98 6.77 16.71
CA ASN D 95 32.12 5.86 16.57
C ASN D 95 31.90 4.96 15.38
N PRO D 96 32.98 4.35 14.85
CA PRO D 96 32.75 3.40 13.76
C PRO D 96 31.81 2.29 14.18
N THR D 97 30.81 2.00 13.36
CA THR D 97 29.79 1.02 13.73
C THR D 97 29.36 0.20 12.53
N CYS D 98 28.89 -1.02 12.79
CA CYS D 98 28.36 -1.89 11.76
C CYS D 98 27.02 -2.45 12.22
N ARG D 99 26.08 -2.53 11.29
CA ARG D 99 24.77 -3.07 11.56
C ARG D 99 24.56 -4.33 10.71
N VAL D 100 24.30 -5.45 11.36
CA VAL D 100 24.06 -6.70 10.66
C VAL D 100 22.64 -7.20 10.91
N LEU D 101 21.92 -7.51 9.83
CA LEU D 101 20.63 -8.17 9.95
C LEU D 101 20.76 -9.60 9.40
N ALA D 102 20.30 -10.56 10.18
CA ALA D 102 20.53 -11.95 9.83
C ALA D 102 19.42 -12.87 10.30
N THR D 103 19.38 -14.03 9.66
CA THR D 103 18.40 -15.04 10.00
C THR D 103 19.09 -16.16 10.76
N VAL D 104 18.43 -16.64 11.81
CA VAL D 104 18.90 -17.79 12.57
C VAL D 104 18.51 -19.09 11.88
N PRO D 105 19.50 -19.84 11.37
CA PRO D 105 19.19 -21.12 10.73
C PRO D 105 18.66 -22.10 11.78
N GLN D 106 17.91 -23.11 11.35
CA GLN D 106 17.26 -23.99 12.32
C GLN D 106 18.25 -25.04 12.86
N ASN D 107 19.31 -25.32 12.10
CA ASN D 107 20.42 -26.14 12.57
C ASN D 107 20.96 -25.60 13.90
N LEU D 108 20.77 -24.30 14.12
CA LEU D 108 21.28 -23.59 15.28
C LEU D 108 20.29 -23.63 16.46
N THR D 109 20.34 -24.72 17.21
CA THR D 109 19.33 -25.05 18.22
C THR D 109 19.39 -24.23 19.52
N THR D 110 20.59 -23.77 19.86
CA THR D 110 20.82 -23.10 21.13
C THR D 110 20.05 -21.79 21.28
N ILE D 111 19.77 -21.13 20.16
CA ILE D 111 18.96 -19.92 20.21
C ILE D 111 17.49 -20.31 20.15
N THR D 112 16.73 -19.88 21.15
CA THR D 112 15.29 -20.14 21.18
C THR D 112 14.52 -18.90 20.75
N LYS D 113 13.34 -19.10 20.18
CA LYS D 113 12.56 -17.99 19.64
C LYS D 113 11.62 -17.41 20.67
N PRO D 114 11.41 -16.09 20.63
CA PRO D 114 10.31 -15.56 21.44
C PRO D 114 8.99 -15.93 20.76
N SER D 115 7.87 -15.79 21.45
CA SER D 115 6.58 -16.02 20.81
C SER D 115 6.32 -14.93 19.78
N ASN D 116 6.72 -13.72 20.13
CA ASN D 116 6.42 -12.55 19.31
C ASN D 116 7.60 -11.62 19.09
N TYR D 117 7.65 -11.02 17.92
CA TYR D 117 8.43 -9.82 17.72
C TYR D 117 7.68 -8.67 18.39
N ALA D 118 8.40 -7.63 18.79
CA ALA D 118 7.78 -6.50 19.47
C ALA D 118 8.57 -5.20 19.35
N TYR D 119 7.87 -4.08 19.35
CA TYR D 119 8.53 -2.80 19.49
C TYR D 119 7.57 -1.78 20.09
N LEU D 120 8.13 -0.68 20.59
CA LEU D 120 7.34 0.39 21.19
C LEU D 120 6.83 1.36 20.13
N THR D 121 5.55 1.70 20.17
CA THR D 121 5.01 2.65 19.21
C THR D 121 5.10 4.07 19.73
N GLU D 122 5.27 4.20 21.04
CA GLU D 122 5.35 5.52 21.65
C GLU D 122 5.85 5.46 23.09
N CYS D 123 6.47 6.56 23.50
CA CYS D 123 6.91 6.77 24.87
C CYS D 123 6.73 8.26 25.15
N TYR D 124 5.94 8.60 26.17
CA TYR D 124 5.65 10.02 26.40
C TYR D 124 5.22 10.37 27.81
N LYS D 125 5.37 11.66 28.13
CA LYS D 125 4.79 12.24 29.33
C LYS D 125 3.57 13.06 28.90
N THR D 126 2.56 13.15 29.76
CA THR D 126 1.41 13.99 29.42
C THR D 126 1.70 15.42 29.86
N SER D 127 1.06 16.38 29.21
CA SER D 127 1.53 17.77 29.30
C SER D 127 0.45 18.78 29.66
N ALA D 128 -0.40 19.06 28.68
CA ALA D 128 -1.30 20.21 28.56
C ALA D 128 -1.21 20.57 27.09
N TYR D 129 -0.01 20.35 26.55
CA TYR D 129 0.27 20.52 25.13
C TYR D 129 -0.04 19.25 24.35
N GLY D 130 -0.44 18.19 25.05
CA GLY D 130 -0.67 16.92 24.41
C GLY D 130 0.36 15.90 24.88
N LYS D 131 0.85 15.09 23.96
CA LYS D 131 1.86 14.09 24.30
C LYS D 131 3.26 14.67 24.20
N ASN D 132 4.00 14.60 25.30
CA ASN D 132 5.38 15.06 25.29
C ASN D 132 6.31 13.86 25.05
N TYR D 133 6.54 13.56 23.78
CA TYR D 133 7.31 12.37 23.41
C TYR D 133 8.75 12.41 23.91
N LEU D 134 9.19 11.29 24.46
CA LEU D 134 10.57 11.14 24.92
C LEU D 134 11.31 10.24 23.93
N TYR D 135 12.13 10.85 23.08
CA TYR D 135 12.89 10.12 22.06
C TYR D 135 14.20 9.54 22.58
N ASN D 136 14.55 8.35 22.10
CA ASN D 136 15.81 7.72 22.43
C ASN D 136 17.01 8.59 22.10
N ALA D 137 17.98 8.65 23.01
CA ALA D 137 19.29 9.19 22.69
C ALA D 137 20.05 8.11 21.90
N PRO D 138 21.06 8.52 21.12
CA PRO D 138 21.80 7.52 20.36
C PRO D 138 22.49 6.50 21.27
N GLY D 139 22.28 5.22 21.00
CA GLY D 139 22.91 4.16 21.76
C GLY D 139 22.27 3.89 23.12
N ALA D 140 21.22 4.63 23.45
CA ALA D 140 20.65 4.52 24.80
C ALA D 140 19.33 3.75 24.81
N TYR D 141 18.92 3.35 26.01
CA TYR D 141 17.61 2.74 26.24
C TYR D 141 16.51 3.78 26.34
N THR D 142 15.31 3.40 25.90
CA THR D 142 14.09 4.18 26.14
C THR D 142 13.90 4.45 27.63
N PRO D 143 13.52 5.69 27.99
CA PRO D 143 13.09 5.97 29.37
C PRO D 143 11.83 5.18 29.77
N CYS D 144 11.11 4.62 28.80
CA CYS D 144 9.94 3.79 29.09
C CYS D 144 10.30 2.33 29.30
N LEU D 145 11.59 2.03 29.45
CA LEU D 145 12.02 0.63 29.56
C LEU D 145 11.39 -0.08 30.77
N SER D 146 11.32 0.59 31.92
CA SER D 146 10.68 -0.01 33.09
C SER D 146 9.22 -0.38 32.81
N LEU D 147 8.49 0.52 32.16
CA LEU D 147 7.10 0.26 31.80
C LEU D 147 6.98 -0.88 30.80
N ALA D 148 7.79 -0.83 29.75
CA ALA D 148 7.79 -1.87 28.72
C ALA D 148 8.10 -3.27 29.26
N SER D 149 8.89 -3.34 30.33
CA SER D 149 9.28 -4.63 30.90
C SER D 149 8.10 -5.37 31.55
N ARG D 150 7.00 -4.66 31.81
CA ARG D 150 5.78 -5.31 32.29
C ARG D 150 5.19 -6.28 31.27
N GLY D 151 5.60 -6.15 30.02
CA GLY D 151 5.22 -7.11 28.98
C GLY D 151 3.99 -6.72 28.19
N PHE D 152 3.97 -7.15 26.93
CA PHE D 152 2.81 -6.91 26.08
C PHE D 152 2.23 -8.24 25.64
N SER D 153 0.97 -8.46 26.00
CA SER D 153 0.29 -9.69 25.60
C SER D 153 -0.72 -9.45 24.46
N THR D 154 -1.10 -8.19 24.23
CA THR D 154 -1.98 -7.86 23.11
C THR D 154 -1.43 -6.72 22.26
N LYS D 155 -1.86 -6.63 21.01
CA LYS D 155 -1.49 -5.53 20.13
C LYS D 155 -1.92 -4.18 20.69
N TYR D 156 -1.00 -3.23 20.68
CA TYR D 156 -1.24 -1.86 21.15
C TYR D 156 -1.67 -1.80 22.61
N GLN D 157 -1.08 -2.66 23.43
CA GLN D 157 -1.27 -2.59 24.87
C GLN D 157 -0.41 -1.48 25.46
N SER D 158 -0.99 -0.67 26.34
CA SER D 158 -0.28 0.43 26.97
C SER D 158 0.02 0.16 28.43
N HIS D 159 1.10 0.77 28.93
CA HIS D 159 1.43 0.75 30.35
C HIS D 159 1.76 2.16 30.81
N SER D 160 1.36 2.52 32.02
CA SER D 160 1.66 3.84 32.55
C SER D 160 1.97 3.81 34.04
N ASP D 161 2.81 4.74 34.50
CA ASP D 161 3.08 4.82 35.94
C ASP D 161 2.56 6.14 36.51
N GLY D 162 1.70 6.82 35.76
CA GLY D 162 1.14 8.08 36.18
C GLY D 162 1.73 9.25 35.42
N GLU D 163 3.04 9.18 35.20
CA GLU D 163 3.77 10.23 34.50
C GLU D 163 4.06 9.80 33.06
N LEU D 164 4.73 8.67 32.92
CA LEU D 164 5.08 8.12 31.62
C LEU D 164 4.01 7.16 31.11
N THR D 165 3.96 7.02 29.79
CA THR D 165 3.09 6.04 29.15
C THR D 165 3.82 5.45 27.96
N THR D 166 3.75 4.14 27.82
CA THR D 166 4.28 3.50 26.63
C THR D 166 3.25 2.57 26.03
N THR D 167 3.39 2.29 24.75
CA THR D 167 2.51 1.37 24.07
C THR D 167 3.35 0.41 23.24
N GLY D 168 3.00 -0.87 23.27
CA GLY D 168 3.75 -1.86 22.53
C GLY D 168 2.96 -2.51 21.42
N TYR D 169 3.65 -2.80 20.32
CA TYR D 169 3.07 -3.59 19.25
C TYR D 169 3.73 -4.97 19.24
N ILE D 170 2.93 -6.01 19.10
CA ILE D 170 3.47 -7.37 19.00
C ILE D 170 2.90 -8.09 17.79
N TYR D 171 3.65 -9.05 17.27
CA TYR D 171 3.19 -9.88 16.16
C TYR D 171 4.03 -11.16 16.14
N PRO D 172 3.45 -12.27 15.65
CA PRO D 172 4.10 -13.59 15.78
C PRO D 172 5.40 -13.73 14.99
N VAL D 173 6.32 -14.52 15.57
CA VAL D 173 7.48 -14.98 14.83
C VAL D 173 7.04 -16.08 13.88
N THR D 174 7.22 -15.85 12.59
CA THR D 174 6.90 -16.86 11.60
C THR D 174 8.17 -17.23 10.85
N GLY D 175 8.41 -18.53 10.71
CA GLY D 175 9.62 -18.99 10.04
C GLY D 175 10.82 -18.89 10.95
N ASN D 176 12.01 -18.92 10.36
CA ASN D 176 13.23 -18.79 11.13
C ASN D 176 13.28 -17.46 11.86
N LEU D 177 13.87 -17.46 13.05
CA LEU D 177 14.02 -16.21 13.79
C LEU D 177 14.99 -15.29 13.07
N GLN D 178 14.70 -13.99 13.09
CA GLN D 178 15.64 -13.02 12.55
C GLN D 178 16.11 -12.06 13.63
N MET D 179 17.33 -11.54 13.46
CA MET D 179 17.96 -10.72 14.49
C MET D 179 18.71 -9.54 13.91
N ALA D 180 19.14 -8.67 14.82
CA ALA D 180 19.97 -7.53 14.47
C ALA D 180 21.17 -7.49 15.40
N PHE D 181 22.33 -7.18 14.84
CA PHE D 181 23.52 -6.92 15.65
C PHE D 181 24.05 -5.56 15.28
N ILE D 182 24.30 -4.72 16.28
CA ILE D 182 25.02 -3.48 16.03
C ILE D 182 26.36 -3.58 16.73
N ILE D 183 27.41 -3.61 15.92
CA ILE D 183 28.79 -3.75 16.37
C ILE D 183 29.49 -2.41 16.36
N SER D 184 29.95 -1.98 17.52
CA SER D 184 30.55 -0.67 17.66
C SER D 184 31.96 -0.78 18.25
N VAL D 185 32.92 -0.07 17.67
CA VAL D 185 34.29 -0.08 18.17
C VAL D 185 34.75 1.32 18.52
N GLN D 186 35.78 1.39 19.35
CA GLN D 186 36.39 2.67 19.72
C GLN D 186 37.91 2.61 19.61
N TYR D 187 38.53 3.76 19.39
CA TYR D 187 39.98 3.85 19.28
C TYR D 187 40.55 4.72 20.39
N GLY D 188 40.31 4.32 21.64
CA GLY D 188 40.80 5.07 22.78
C GLY D 188 42.28 4.87 23.01
N THR D 189 42.77 5.25 24.18
CA THR D 189 44.20 5.18 24.46
C THR D 189 44.70 3.74 24.57
N ASP D 190 43.88 2.85 25.12
CA ASP D 190 44.23 1.43 25.18
C ASP D 190 44.15 0.79 23.79
N THR D 191 45.10 1.16 22.93
CA THR D 191 45.07 0.85 21.51
C THR D 191 44.81 -0.62 21.18
N ASN D 192 45.44 -1.52 21.93
CA ASN D 192 45.38 -2.93 21.62
C ASN D 192 44.64 -3.78 22.64
N SER D 193 43.61 -3.21 23.26
CA SER D 193 42.84 -3.94 24.25
C SER D 193 42.10 -5.10 23.59
N VAL D 194 41.57 -4.87 22.39
CA VAL D 194 40.83 -5.88 21.67
C VAL D 194 41.36 -6.07 20.25
N CYS D 195 41.88 -7.26 19.97
CA CYS D 195 42.56 -7.52 18.70
C CYS D 195 42.05 -8.81 18.08
N PRO D 196 42.26 -8.99 16.77
CA PRO D 196 41.82 -10.26 16.17
C PRO D 196 42.58 -11.47 16.71
N MET D 197 41.88 -12.58 16.90
CA MET D 197 42.52 -13.84 17.27
C MET D 197 43.40 -14.32 16.14
N GLN D 198 44.53 -14.94 16.48
CA GLN D 198 45.42 -15.59 15.49
C GLN D 198 46.24 -16.71 16.12
N GLN E 1 42.15 30.71 -21.66
CA GLN E 1 42.10 29.51 -20.84
C GLN E 1 41.73 28.29 -21.67
N GLU E 2 42.61 27.28 -21.66
CA GLU E 2 42.59 26.21 -22.65
C GLU E 2 41.58 25.11 -22.38
N CYS E 3 40.73 24.85 -23.38
CA CYS E 3 39.90 23.64 -23.40
C CYS E 3 40.80 22.43 -23.24
N ASP E 4 40.48 21.56 -22.29
CA ASP E 4 41.35 20.43 -21.98
C ASP E 4 40.80 19.13 -22.56
N PHE E 5 41.50 18.60 -23.56
CA PHE E 5 41.09 17.39 -24.25
C PHE E 5 41.70 16.12 -23.65
N THR E 6 42.33 16.27 -22.47
CA THR E 6 42.99 15.16 -21.78
C THR E 6 42.13 13.89 -21.56
N PRO E 7 40.85 14.04 -21.15
CA PRO E 7 40.05 12.81 -20.94
C PRO E 7 40.02 11.86 -22.14
N MET E 8 40.15 12.37 -23.35
CA MET E 8 40.16 11.50 -24.54
C MET E 8 41.49 10.77 -24.64
N LEU E 9 42.48 11.25 -23.90
CA LEU E 9 43.83 10.70 -24.01
C LEU E 9 44.15 9.69 -22.93
N THR E 10 43.25 9.50 -21.97
CA THR E 10 43.51 8.56 -20.89
C THR E 10 42.43 7.49 -20.78
N GLY E 11 42.84 6.24 -20.72
CA GLY E 11 41.91 5.15 -20.53
C GLY E 11 41.35 4.62 -21.84
N THR E 12 40.25 3.90 -21.75
CA THR E 12 39.71 3.16 -22.88
C THR E 12 38.48 3.86 -23.46
N PRO E 13 38.59 4.32 -24.71
CA PRO E 13 37.41 4.91 -25.38
C PRO E 13 36.27 3.90 -25.39
N PRO E 14 35.04 4.38 -25.13
CA PRO E 14 33.89 3.51 -25.01
C PRO E 14 33.46 2.92 -26.35
N PRO E 15 32.60 1.89 -26.33
CA PRO E 15 31.95 1.43 -27.55
C PRO E 15 31.02 2.51 -28.08
N ILE E 16 30.74 2.49 -29.38
CA ILE E 16 30.05 3.59 -30.04
C ILE E 16 28.70 3.90 -29.40
N TYR E 17 27.95 2.87 -29.01
CA TYR E 17 26.61 3.07 -28.48
C TYR E 17 26.67 3.76 -27.12
N ASN E 18 27.81 3.67 -26.46
CA ASN E 18 28.01 4.34 -25.18
C ASN E 18 29.01 5.48 -25.35
N PHE E 19 28.87 6.25 -26.42
CA PHE E 19 29.86 7.28 -26.75
C PHE E 19 30.06 8.28 -25.60
N LYS E 20 31.30 8.73 -25.43
CA LYS E 20 31.62 9.71 -24.41
C LYS E 20 31.47 11.13 -24.97
N ARG E 21 30.62 11.93 -24.35
CA ARG E 21 30.41 13.29 -24.82
C ARG E 21 31.10 14.31 -23.94
N LEU E 22 32.07 15.03 -24.53
CA LEU E 22 32.72 16.14 -23.83
C LEU E 22 32.19 17.46 -24.38
N VAL E 23 31.68 18.29 -23.48
CA VAL E 23 31.14 19.59 -23.88
C VAL E 23 32.00 20.70 -23.28
N PHE E 24 32.47 21.58 -24.15
CA PHE E 24 33.37 22.64 -23.72
C PHE E 24 32.69 24.01 -23.78
N THR E 25 32.78 24.75 -22.68
CA THR E 25 32.37 26.15 -22.65
C THR E 25 33.41 26.95 -21.90
N ASN E 26 33.40 28.27 -22.10
CA ASN E 26 34.30 29.18 -21.39
C ASN E 26 35.76 28.76 -21.47
N CYS E 27 36.22 28.41 -22.67
CA CYS E 27 37.62 28.01 -22.84
C CYS E 27 38.08 28.21 -24.28
N ASN E 28 39.39 28.05 -24.50
CA ASN E 28 39.96 28.15 -25.84
C ASN E 28 40.57 26.83 -26.30
N TYR E 29 40.33 26.47 -27.56
CA TYR E 29 40.72 25.16 -28.06
C TYR E 29 41.87 25.21 -29.07
N ASN E 30 42.74 24.21 -28.98
CA ASN E 30 43.73 23.94 -30.02
C ASN E 30 43.45 22.55 -30.59
N LEU E 31 42.62 22.50 -31.62
CA LEU E 31 42.22 21.25 -32.25
C LEU E 31 43.40 20.52 -32.87
N THR E 32 44.36 21.28 -33.37
CA THR E 32 45.52 20.70 -34.04
C THR E 32 46.33 19.84 -33.11
N LYS E 33 46.62 20.35 -31.91
CA LYS E 33 47.50 19.64 -30.99
C LYS E 33 46.86 18.34 -30.52
N LEU E 34 45.54 18.33 -30.41
CA LEU E 34 44.82 17.13 -30.04
C LEU E 34 44.95 16.06 -31.12
N LEU E 35 44.59 16.43 -32.35
CA LEU E 35 44.54 15.50 -33.46
C LEU E 35 45.93 15.13 -33.99
N SER E 36 46.94 15.94 -33.68
CA SER E 36 48.30 15.67 -34.13
C SER E 36 48.95 14.58 -33.28
N LEU E 37 48.30 14.20 -32.19
CA LEU E 37 48.74 13.07 -31.38
C LEU E 37 48.31 11.74 -32.01
N PHE E 38 47.37 11.82 -32.96
CA PHE E 38 46.84 10.66 -33.67
C PHE E 38 47.23 10.66 -35.16
N GLN E 39 46.98 9.55 -35.83
CA GLN E 39 47.25 9.40 -37.25
C GLN E 39 45.88 9.49 -37.91
N VAL E 40 45.49 10.71 -38.27
CA VAL E 40 44.18 10.93 -38.88
C VAL E 40 44.13 10.27 -40.25
N SER E 41 43.13 9.42 -40.46
CA SER E 41 42.94 8.73 -41.73
C SER E 41 42.01 9.52 -42.63
N GLU E 42 40.81 9.78 -42.13
CA GLU E 42 39.81 10.51 -42.86
C GLU E 42 39.17 11.56 -42.01
N PHE E 43 38.40 12.41 -42.68
CA PHE E 43 37.94 13.63 -42.08
C PHE E 43 36.82 14.20 -42.94
N SER E 44 35.61 14.30 -42.39
CA SER E 44 34.47 14.81 -43.14
C SER E 44 33.70 15.88 -42.37
N CYS E 45 33.57 17.04 -42.99
CA CYS E 45 32.76 18.13 -42.45
C CYS E 45 31.46 18.36 -43.19
N HIS E 46 30.43 18.67 -42.41
CA HIS E 46 29.13 19.03 -42.92
C HIS E 46 28.87 20.49 -42.54
N GLN E 47 28.71 21.33 -43.56
CA GLN E 47 28.49 22.76 -43.39
C GLN E 47 29.66 23.53 -42.79
N VAL E 48 30.90 23.06 -42.99
CA VAL E 48 32.02 23.85 -42.52
C VAL E 48 33.34 23.56 -43.24
N SER E 49 33.99 24.64 -43.64
CA SER E 49 35.40 24.62 -43.97
C SER E 49 36.16 24.31 -42.70
N PRO E 50 36.87 23.19 -42.67
CA PRO E 50 37.68 22.83 -41.51
C PRO E 50 38.58 23.95 -41.00
N SER E 51 39.02 24.82 -41.91
CA SER E 51 39.74 26.02 -41.53
C SER E 51 38.85 26.90 -40.65
N SER E 52 37.59 27.07 -41.05
CA SER E 52 36.64 27.86 -40.28
C SER E 52 36.37 27.24 -38.91
N LEU E 53 36.53 25.93 -38.81
CA LEU E 53 36.31 25.24 -37.54
C LEU E 53 37.35 25.69 -36.52
N ALA E 54 38.61 25.74 -36.94
CA ALA E 54 39.70 26.09 -36.05
C ALA E 54 39.95 27.60 -36.02
N THR E 55 38.97 28.37 -36.47
CA THR E 55 39.13 29.82 -36.61
C THR E 55 37.80 30.51 -36.22
N GLY E 56 36.83 29.70 -35.81
CA GLY E 56 35.53 30.23 -35.43
C GLY E 56 35.29 30.30 -33.93
N CYS E 57 34.44 31.23 -33.51
CA CYS E 57 34.03 31.33 -32.12
C CYS E 57 32.61 30.81 -31.94
N TYR E 58 32.40 30.02 -30.88
CA TYR E 58 31.12 29.36 -30.66
C TYR E 58 30.64 29.47 -29.21
N SER E 59 29.34 29.27 -29.01
CA SER E 59 28.80 29.22 -27.66
C SER E 59 29.30 27.96 -26.94
N SER E 60 29.40 26.87 -27.68
CA SER E 60 29.93 25.62 -27.13
C SER E 60 30.60 24.76 -28.20
N LEU E 61 31.49 23.88 -27.75
CA LEU E 61 32.13 22.90 -28.63
C LEU E 61 31.99 21.51 -28.04
N THR E 62 31.40 20.61 -28.82
CA THR E 62 31.13 19.26 -28.36
C THR E 62 31.96 18.23 -29.10
N VAL E 63 32.63 17.36 -28.34
CA VAL E 63 33.37 16.27 -28.93
C VAL E 63 32.85 14.92 -28.46
N ASP E 64 32.16 14.21 -29.33
CA ASP E 64 31.78 12.83 -29.06
C ASP E 64 32.89 11.91 -29.56
N TYR E 65 33.23 10.90 -28.78
CA TYR E 65 34.25 9.96 -29.24
C TYR E 65 34.06 8.54 -28.71
N PHE E 66 34.65 7.60 -29.43
CA PHE E 66 34.49 6.17 -29.14
C PHE E 66 35.47 5.35 -29.97
N ALA E 67 35.65 4.09 -29.58
CA ALA E 67 36.41 3.14 -30.39
C ALA E 67 35.62 2.86 -31.66
N TYR E 68 36.33 2.74 -32.77
CA TYR E 68 35.69 2.52 -34.05
C TYR E 68 36.70 2.12 -35.12
N SER E 69 36.47 0.99 -35.77
CA SER E 69 37.32 0.53 -36.87
C SER E 69 37.13 1.44 -38.08
N THR E 70 38.23 1.97 -38.59
CA THR E 70 38.21 2.93 -39.70
C THR E 70 37.58 2.37 -40.98
N ASP E 71 37.68 1.05 -41.21
CA ASP E 71 37.11 0.48 -42.43
C ASP E 71 35.58 0.52 -42.42
N MET E 72 35.00 0.82 -41.25
CA MET E 72 33.55 0.96 -41.16
C MET E 72 33.11 2.42 -41.33
N SER E 73 34.00 3.24 -41.90
CA SER E 73 33.74 4.66 -42.13
C SER E 73 32.43 4.95 -42.84
N SER E 74 32.13 4.14 -43.86
CA SER E 74 30.95 4.35 -44.68
C SER E 74 29.66 4.29 -43.88
N TYR E 75 29.66 3.52 -42.80
CA TYR E 75 28.45 3.34 -42.01
C TYR E 75 28.12 4.56 -41.15
N LEU E 76 29.05 5.49 -41.04
CA LEU E 76 28.81 6.74 -40.32
C LEU E 76 28.38 7.86 -41.26
N GLN E 77 28.57 7.65 -42.56
CA GLN E 77 28.24 8.64 -43.59
C GLN E 77 26.78 9.13 -43.53
N PRO E 78 26.48 10.28 -44.16
CA PRO E 78 25.12 10.84 -44.12
C PRO E 78 24.08 9.98 -44.82
N GLY E 79 22.98 9.71 -44.14
CA GLY E 79 21.88 8.95 -44.71
C GLY E 79 22.17 7.48 -44.90
N SER E 80 23.33 7.04 -44.43
CA SER E 80 23.72 5.65 -44.54
C SER E 80 22.74 4.76 -43.79
N ALA E 81 22.32 3.67 -44.42
CA ALA E 81 21.49 2.68 -43.76
C ALA E 81 22.37 1.82 -42.87
N GLY E 82 21.79 0.81 -42.23
CA GLY E 82 22.58 -0.10 -41.43
C GLY E 82 22.52 0.16 -39.94
N ALA E 83 23.10 -0.76 -39.18
CA ALA E 83 22.92 -0.83 -37.74
C ALA E 83 23.51 0.37 -36.98
N ILE E 84 24.66 0.85 -37.46
CA ILE E 84 25.38 1.93 -36.81
C ILE E 84 24.52 3.17 -36.61
N VAL E 85 23.96 3.69 -37.71
CA VAL E 85 23.11 4.88 -37.65
C VAL E 85 21.78 4.59 -36.94
N GLN E 86 21.27 3.38 -37.10
CA GLN E 86 19.97 3.03 -36.53
C GLN E 86 19.99 2.83 -35.01
N PHE E 87 21.06 2.21 -34.52
CA PHE E 87 21.05 1.74 -33.13
C PHE E 87 22.26 2.17 -32.30
N ASN E 88 23.20 2.89 -32.90
CA ASN E 88 24.43 3.23 -32.18
C ASN E 88 24.74 4.72 -32.12
N TYR E 89 24.96 5.35 -33.27
CA TYR E 89 25.22 6.79 -33.31
C TYR E 89 24.73 7.42 -34.61
N LYS E 90 23.82 8.37 -34.50
CA LYS E 90 23.35 9.14 -35.66
C LYS E 90 23.80 10.60 -35.56
N GLN E 91 24.81 10.95 -36.36
CA GLN E 91 25.38 12.28 -36.38
C GLN E 91 24.30 13.36 -36.59
N ASP E 92 24.23 14.32 -35.68
CA ASP E 92 23.28 15.43 -35.78
C ASP E 92 23.78 16.47 -36.78
N PHE E 93 23.14 16.53 -37.94
CA PHE E 93 23.59 17.42 -39.01
C PHE E 93 22.85 18.76 -38.99
N SER E 94 22.17 19.07 -37.88
CA SER E 94 21.50 20.36 -37.75
C SER E 94 22.47 21.37 -37.14
N ASN E 95 23.71 20.95 -36.96
CA ASN E 95 24.79 21.81 -36.55
C ASN E 95 25.96 21.64 -37.50
N PRO E 96 26.86 22.64 -37.57
CA PRO E 96 28.15 22.39 -38.23
C PRO E 96 28.87 21.25 -37.50
N THR E 97 29.26 20.21 -38.24
CA THR E 97 29.82 19.04 -37.58
C THR E 97 30.91 18.38 -38.42
N CYS E 98 31.94 17.93 -37.74
CA CYS E 98 33.03 17.20 -38.38
C CYS E 98 33.16 15.81 -37.78
N ARG E 99 33.44 14.86 -38.66
CA ARG E 99 33.66 13.48 -38.27
C ARG E 99 35.10 13.13 -38.60
N VAL E 100 35.85 12.70 -37.59
CA VAL E 100 37.26 12.39 -37.79
C VAL E 100 37.56 10.96 -37.37
N LEU E 101 38.18 10.21 -38.26
CA LEU E 101 38.62 8.86 -37.93
C LEU E 101 40.13 8.86 -37.77
N ALA E 102 40.62 8.14 -36.76
CA ALA E 102 42.05 8.13 -36.51
C ALA E 102 42.53 6.79 -36.00
N THR E 103 43.84 6.65 -35.92
CA THR E 103 44.47 5.47 -35.37
C THR E 103 45.34 5.89 -34.19
N VAL E 104 45.29 5.13 -33.11
CA VAL E 104 46.11 5.42 -31.96
C VAL E 104 47.51 4.87 -32.16
N PRO E 105 48.52 5.76 -32.27
CA PRO E 105 49.92 5.33 -32.39
C PRO E 105 50.33 4.65 -31.10
N GLN E 106 51.26 3.69 -31.14
CA GLN E 106 51.67 3.04 -29.90
C GLN E 106 52.57 3.96 -29.08
N ASN E 107 53.07 5.02 -29.72
CA ASN E 107 53.82 6.05 -28.99
C ASN E 107 52.88 6.77 -28.02
N LEU E 108 51.57 6.55 -28.19
CA LEU E 108 50.55 7.09 -27.30
C LEU E 108 50.08 6.03 -26.31
N THR E 109 50.78 5.95 -25.19
CA THR E 109 50.61 4.87 -24.20
C THR E 109 49.37 5.01 -23.30
N THR E 110 48.99 6.25 -22.99
CA THR E 110 47.96 6.50 -21.99
C THR E 110 46.57 6.02 -22.43
N ILE E 111 46.36 5.87 -23.73
CA ILE E 111 45.12 5.29 -24.22
C ILE E 111 45.23 3.77 -24.23
N THR E 112 44.29 3.10 -23.57
CA THR E 112 44.32 1.64 -23.47
C THR E 112 43.24 1.02 -24.34
N LYS E 113 43.49 -0.18 -24.81
CA LYS E 113 42.58 -0.83 -25.76
C LYS E 113 41.54 -1.67 -25.04
N PRO E 114 40.32 -1.71 -25.59
CA PRO E 114 39.36 -2.70 -25.11
C PRO E 114 39.74 -4.07 -25.68
N SER E 115 39.11 -5.12 -25.18
CA SER E 115 39.34 -6.45 -25.73
C SER E 115 38.68 -6.57 -27.09
N ASN E 116 37.46 -6.06 -27.19
CA ASN E 116 36.70 -6.13 -28.43
C ASN E 116 36.17 -4.78 -28.90
N TYR E 117 36.00 -4.64 -30.21
CA TYR E 117 35.11 -3.61 -30.73
C TYR E 117 33.70 -4.13 -30.54
N ALA E 118 32.73 -3.22 -30.50
CA ALA E 118 31.34 -3.63 -30.34
C ALA E 118 30.40 -2.60 -30.92
N TYR E 119 29.22 -3.06 -31.33
CA TYR E 119 28.15 -2.18 -31.74
C TYR E 119 26.83 -2.94 -31.65
N LEU E 120 25.74 -2.21 -31.50
CA LEU E 120 24.42 -2.83 -31.40
C LEU E 120 23.90 -3.18 -32.79
N THR E 121 23.20 -4.30 -32.90
CA THR E 121 22.65 -4.75 -34.18
C THR E 121 21.13 -4.57 -34.21
N GLU E 122 20.54 -4.44 -33.03
CA GLU E 122 19.11 -4.15 -32.94
C GLU E 122 18.70 -3.58 -31.58
N CYS E 123 17.64 -2.79 -31.60
CA CYS E 123 17.00 -2.29 -30.39
C CYS E 123 15.51 -2.20 -30.67
N TYR E 124 14.72 -2.99 -29.95
CA TYR E 124 13.28 -3.05 -30.25
C TYR E 124 12.42 -3.37 -29.04
N LYS E 125 11.15 -2.99 -29.14
CA LYS E 125 10.13 -3.37 -28.16
C LYS E 125 9.25 -4.44 -28.78
N THR E 126 9.09 -5.57 -28.08
CA THR E 126 8.22 -6.63 -28.58
C THR E 126 6.79 -6.12 -28.65
N SER E 127 6.13 -6.39 -29.78
CA SER E 127 4.86 -5.75 -30.11
C SER E 127 3.74 -6.73 -30.38
N ALA E 128 3.45 -6.92 -31.67
CA ALA E 128 2.44 -7.86 -32.11
C ALA E 128 2.64 -8.19 -33.61
N TYR E 129 3.26 -7.25 -34.35
CA TYR E 129 3.62 -7.49 -35.75
C TYR E 129 4.98 -8.11 -35.74
N GLY E 130 5.54 -8.13 -34.55
CA GLY E 130 6.87 -8.65 -34.32
C GLY E 130 7.70 -7.58 -33.67
N LYS E 131 8.84 -7.30 -34.29
CA LYS E 131 9.81 -6.40 -33.71
C LYS E 131 9.51 -4.95 -34.05
N ASN E 132 9.06 -4.20 -33.05
CA ASN E 132 8.93 -2.75 -33.17
C ASN E 132 10.26 -2.09 -32.86
N TYR E 133 10.97 -1.66 -33.90
CA TYR E 133 12.33 -1.14 -33.73
C TYR E 133 12.35 0.30 -33.23
N LEU E 134 13.36 0.60 -32.42
CA LEU E 134 13.56 1.94 -31.88
C LEU E 134 14.86 2.53 -32.38
N TYR E 135 14.77 3.52 -33.25
CA TYR E 135 15.95 4.10 -33.88
C TYR E 135 16.47 5.32 -33.12
N ASN E 136 17.78 5.53 -33.18
CA ASN E 136 18.40 6.65 -32.49
C ASN E 136 17.93 7.99 -33.02
N ALA E 137 17.59 8.89 -32.11
CA ALA E 137 17.42 10.30 -32.46
C ALA E 137 18.80 10.87 -32.78
N PRO E 138 18.85 11.90 -33.64
CA PRO E 138 20.13 12.53 -33.99
C PRO E 138 20.87 13.05 -32.76
N GLY E 139 22.09 12.58 -32.55
CA GLY E 139 22.93 13.05 -31.45
C GLY E 139 22.61 12.45 -30.10
N ALA E 140 21.71 11.47 -30.08
CA ALA E 140 21.26 10.89 -28.81
C ALA E 140 21.79 9.48 -28.58
N TYR E 141 21.61 8.98 -27.36
CA TYR E 141 21.91 7.60 -27.03
C TYR E 141 20.72 6.71 -27.39
N THR E 142 21.00 5.46 -27.74
CA THR E 142 19.95 4.47 -27.93
C THR E 142 19.07 4.34 -26.70
N PRO E 143 17.77 4.08 -26.89
CA PRO E 143 16.92 3.76 -25.74
C PRO E 143 17.34 2.45 -25.08
N CYS E 144 18.20 1.68 -25.75
CA CYS E 144 18.66 0.39 -25.25
C CYS E 144 19.97 0.48 -24.46
N LEU E 145 20.41 1.70 -24.12
CA LEU E 145 21.70 1.89 -23.46
C LEU E 145 21.80 1.16 -22.11
N SER E 146 20.76 1.23 -21.29
CA SER E 146 20.78 0.53 -20.00
C SER E 146 20.98 -0.96 -20.21
N LEU E 147 20.24 -1.53 -21.16
CA LEU E 147 20.36 -2.95 -21.48
C LEU E 147 21.74 -3.29 -22.00
N ALA E 148 22.22 -2.49 -22.94
CA ALA E 148 23.55 -2.69 -23.53
C ALA E 148 24.67 -2.60 -22.49
N SER E 149 24.44 -1.84 -21.42
CA SER E 149 25.49 -1.64 -20.42
C SER E 149 25.77 -2.92 -19.63
N ARG E 150 24.90 -3.92 -19.77
CA ARG E 150 25.10 -5.21 -19.12
C ARG E 150 26.29 -5.95 -19.72
N GLY E 151 26.73 -5.52 -20.91
CA GLY E 151 27.94 -6.04 -21.49
C GLY E 151 27.73 -7.21 -22.45
N PHE E 152 28.58 -7.28 -23.47
CA PHE E 152 28.56 -8.36 -24.45
C PHE E 152 29.86 -9.15 -24.42
N SER E 153 29.77 -10.44 -24.12
CA SER E 153 30.95 -11.29 -24.05
C SER E 153 30.98 -12.33 -25.18
N THR E 154 29.86 -12.45 -25.88
CA THR E 154 29.80 -13.28 -27.09
C THR E 154 29.03 -12.56 -28.20
N LYS E 155 29.32 -12.93 -29.44
CA LYS E 155 28.64 -12.37 -30.61
C LYS E 155 27.14 -12.63 -30.58
N TYR E 156 26.36 -11.58 -30.88
CA TYR E 156 24.90 -11.64 -30.93
C TYR E 156 24.25 -12.00 -29.60
N GLN E 157 24.94 -11.71 -28.50
CA GLN E 157 24.34 -11.85 -27.16
C GLN E 157 23.26 -10.79 -26.99
N SER E 158 22.12 -11.20 -26.43
CA SER E 158 21.00 -10.27 -26.24
C SER E 158 20.73 -9.99 -24.76
N HIS E 159 20.09 -8.84 -24.51
CA HIS E 159 19.62 -8.49 -23.17
C HIS E 159 18.22 -7.91 -23.28
N SER E 160 17.38 -8.20 -22.30
CA SER E 160 16.03 -7.67 -22.29
C SER E 160 15.57 -7.40 -20.86
N ASP E 161 14.59 -6.51 -20.71
CA ASP E 161 14.08 -6.16 -19.39
C ASP E 161 12.61 -6.58 -19.26
N GLY E 162 12.02 -6.94 -20.39
CA GLY E 162 10.61 -7.27 -20.45
C GLY E 162 9.97 -6.57 -21.63
N GLU E 163 10.27 -5.27 -21.77
CA GLU E 163 9.74 -4.49 -22.87
C GLU E 163 10.76 -4.35 -24.01
N LEU E 164 11.96 -3.91 -23.69
CA LEU E 164 13.00 -3.67 -24.69
C LEU E 164 13.94 -4.86 -24.80
N THR E 165 14.53 -5.02 -25.97
CA THR E 165 15.52 -6.04 -26.21
C THR E 165 16.60 -5.46 -27.11
N THR E 166 17.85 -5.74 -26.79
CA THR E 166 18.95 -5.28 -27.64
C THR E 166 19.88 -6.44 -27.90
N THR E 167 20.65 -6.35 -28.97
CA THR E 167 21.61 -7.38 -29.34
C THR E 167 22.92 -6.74 -29.74
N GLY E 168 24.03 -7.31 -29.30
CA GLY E 168 25.33 -6.72 -29.59
C GLY E 168 26.23 -7.64 -30.38
N TYR E 169 27.00 -7.04 -31.29
CA TYR E 169 28.01 -7.78 -32.02
C TYR E 169 29.38 -7.33 -31.59
N ILE E 170 30.28 -8.28 -31.37
CA ILE E 170 31.64 -7.97 -30.94
C ILE E 170 32.66 -8.68 -31.81
N TYR E 171 33.84 -8.09 -31.91
CA TYR E 171 34.96 -8.69 -32.64
C TYR E 171 36.28 -8.12 -32.10
N PRO E 172 37.35 -8.90 -32.20
CA PRO E 172 38.66 -8.54 -31.63
C PRO E 172 39.26 -7.25 -32.16
N VAL E 173 40.02 -6.58 -31.29
CA VAL E 173 40.86 -5.47 -31.71
C VAL E 173 42.20 -6.01 -32.13
N THR E 174 42.58 -5.78 -33.38
CA THR E 174 43.86 -6.26 -33.89
C THR E 174 44.68 -5.10 -34.44
N GLY E 175 45.94 -5.04 -34.04
CA GLY E 175 46.78 -3.90 -34.40
C GLY E 175 46.47 -2.71 -33.53
N ASN E 176 46.95 -1.55 -33.92
CA ASN E 176 46.67 -0.31 -33.19
C ASN E 176 45.17 0.00 -33.14
N LEU E 177 44.71 0.47 -32.00
CA LEU E 177 43.30 0.81 -31.81
C LEU E 177 42.86 1.95 -32.74
N GLN E 178 41.61 1.93 -33.18
CA GLN E 178 41.10 3.01 -34.00
C GLN E 178 39.88 3.66 -33.34
N MET E 179 39.73 4.96 -33.55
CA MET E 179 38.67 5.74 -32.92
C MET E 179 37.97 6.67 -33.90
N ALA E 180 36.85 7.22 -33.46
CA ALA E 180 36.14 8.23 -34.20
C ALA E 180 35.89 9.43 -33.30
N PHE E 181 36.05 10.64 -33.84
CA PHE E 181 35.68 11.84 -33.12
C PHE E 181 34.64 12.62 -33.90
N ILE E 182 33.54 12.93 -33.25
CA ILE E 182 32.52 13.77 -33.88
C ILE E 182 32.50 15.12 -33.18
N ILE E 183 32.97 16.13 -33.90
CA ILE E 183 33.12 17.47 -33.37
C ILE E 183 31.97 18.35 -33.84
N SER E 184 31.22 18.90 -32.90
CA SER E 184 30.10 19.76 -33.22
C SER E 184 30.21 21.10 -32.51
N VAL E 185 29.75 22.16 -33.17
CA VAL E 185 29.77 23.48 -32.56
C VAL E 185 28.37 24.07 -32.48
N GLN E 186 28.19 25.04 -31.60
CA GLN E 186 26.91 25.70 -31.45
C GLN E 186 27.07 27.21 -31.50
N TYR E 187 26.20 27.87 -32.26
CA TYR E 187 26.24 29.33 -32.44
C TYR E 187 25.19 30.06 -31.62
N GLY E 188 25.24 29.97 -30.29
CA GLY E 188 24.20 30.59 -29.49
C GLY E 188 24.56 31.82 -28.67
N THR E 189 23.76 32.05 -27.64
CA THR E 189 24.06 32.82 -26.44
C THR E 189 25.30 33.74 -26.36
N ASP E 190 26.46 33.09 -26.34
CA ASP E 190 27.72 33.63 -25.86
C ASP E 190 28.83 33.11 -26.77
N THR E 191 28.81 33.40 -28.06
CA THR E 191 29.68 32.64 -28.95
C THR E 191 31.15 33.01 -28.81
N ASN E 192 31.44 33.99 -27.96
CA ASN E 192 32.82 34.17 -27.52
C ASN E 192 33.15 33.24 -26.36
N SER E 193 32.23 32.33 -26.02
CA SER E 193 32.46 31.37 -24.95
C SER E 193 33.59 30.42 -25.33
N VAL E 194 33.63 30.01 -26.59
CA VAL E 194 34.66 29.09 -27.05
C VAL E 194 35.36 29.61 -28.31
N CYS E 195 36.65 29.90 -28.19
CA CYS E 195 37.43 30.46 -29.30
C CYS E 195 38.72 29.69 -29.54
N PRO E 196 39.27 29.78 -30.76
CA PRO E 196 40.57 29.16 -31.05
C PRO E 196 41.73 29.92 -30.40
N MET E 197 42.68 29.18 -29.85
CA MET E 197 43.78 29.77 -29.11
C MET E 197 44.79 30.58 -29.92
N GLN E 198 45.44 31.49 -29.20
CA GLN E 198 46.68 32.15 -29.61
C GLN E 198 47.04 33.22 -28.58
N GLN F 1 -5.61 29.45 -30.34
CA GLN F 1 -5.02 28.17 -29.95
C GLN F 1 -5.30 27.10 -31.00
N GLU F 2 -4.35 26.19 -31.17
CA GLU F 2 -4.41 25.19 -32.24
C GLU F 2 -5.47 24.11 -32.00
N CYS F 3 -6.12 23.69 -33.10
CA CYS F 3 -7.02 22.54 -33.07
C CYS F 3 -6.22 21.26 -32.83
N ASP F 4 -6.60 20.48 -31.82
CA ASP F 4 -5.82 19.30 -31.45
C ASP F 4 -6.32 18.02 -32.10
N PHE F 5 -5.60 17.58 -33.13
CA PHE F 5 -5.94 16.38 -33.87
C PHE F 5 -5.27 15.13 -33.26
N THR F 6 -4.66 15.32 -32.09
CA THR F 6 -3.97 14.22 -31.38
C THR F 6 -4.80 12.95 -31.19
N PRO F 7 -6.09 13.06 -30.78
CA PRO F 7 -6.89 11.84 -30.62
C PRO F 7 -6.83 10.86 -31.79
N MET F 8 -6.73 11.39 -33.01
CA MET F 8 -6.71 10.55 -34.19
C MET F 8 -5.42 9.76 -34.30
N LEU F 9 -4.37 10.23 -33.62
CA LEU F 9 -3.06 9.62 -33.74
C LEU F 9 -2.80 8.59 -32.64
N THR F 10 -3.71 8.50 -31.68
CA THR F 10 -3.49 7.62 -30.54
C THR F 10 -4.59 6.58 -30.37
N GLY F 11 -4.20 5.32 -30.36
CA GLY F 11 -5.13 4.22 -30.13
C GLY F 11 -5.59 3.56 -31.41
N THR F 12 -6.64 2.76 -31.30
CA THR F 12 -7.18 2.02 -32.44
C THR F 12 -8.40 2.71 -33.02
N PRO F 13 -8.30 3.16 -34.28
CA PRO F 13 -9.45 3.77 -34.96
C PRO F 13 -10.61 2.79 -35.02
N PRO F 14 -11.83 3.26 -34.76
CA PRO F 14 -13.00 2.40 -34.66
C PRO F 14 -13.44 1.85 -36.03
N PRO F 15 -14.29 0.81 -36.01
CA PRO F 15 -14.92 0.38 -37.25
C PRO F 15 -15.91 1.44 -37.75
N ILE F 16 -16.12 1.49 -39.06
CA ILE F 16 -16.91 2.55 -39.70
C ILE F 16 -18.27 2.83 -39.06
N TYR F 17 -19.01 1.79 -38.69
CA TYR F 17 -20.34 1.96 -38.10
C TYR F 17 -20.27 2.64 -36.73
N ASN F 18 -19.09 2.64 -36.14
CA ASN F 18 -18.90 3.32 -34.85
C ASN F 18 -17.84 4.38 -35.01
N PHE F 19 -17.92 5.13 -36.11
CA PHE F 19 -16.92 6.15 -36.42
C PHE F 19 -16.77 7.12 -35.26
N LYS F 20 -15.55 7.60 -35.05
CA LYS F 20 -15.31 8.61 -34.02
C LYS F 20 -15.50 10.00 -34.63
N ARG F 21 -16.30 10.82 -33.97
CA ARG F 21 -16.53 12.18 -34.45
C ARG F 21 -15.85 13.22 -33.58
N LEU F 22 -14.89 13.92 -34.15
CA LEU F 22 -14.25 15.03 -33.44
C LEU F 22 -14.81 16.35 -33.94
N VAL F 23 -15.25 17.20 -33.01
CA VAL F 23 -15.80 18.50 -33.37
C VAL F 23 -14.96 19.63 -32.79
N PHE F 24 -14.56 20.56 -33.65
CA PHE F 24 -13.68 21.66 -33.24
C PHE F 24 -14.38 23.02 -33.32
N THR F 25 -14.30 23.76 -32.22
CA THR F 25 -14.73 25.15 -32.18
C THR F 25 -13.68 25.95 -31.40
N ASN F 26 -13.65 27.27 -31.61
CA ASN F 26 -12.74 28.15 -30.89
C ASN F 26 -11.29 27.67 -30.94
N CYS F 27 -10.83 27.32 -32.15
CA CYS F 27 -9.45 26.88 -32.33
C CYS F 27 -9.03 27.05 -33.79
N ASN F 28 -7.72 27.11 -34.01
CA ASN F 28 -7.19 27.22 -35.36
C ASN F 28 -6.56 25.92 -35.85
N TYR F 29 -6.85 25.56 -37.09
CA TYR F 29 -6.44 24.27 -37.64
C TYR F 29 -5.29 24.37 -38.62
N ASN F 30 -4.42 23.36 -38.61
CA ASN F 30 -3.44 23.16 -39.65
C ASN F 30 -3.67 21.77 -40.23
N LEU F 31 -4.49 21.72 -41.28
CA LEU F 31 -4.90 20.47 -41.89
C LEU F 31 -3.73 19.65 -42.43
N THR F 32 -2.75 20.35 -43.00
CA THR F 32 -1.61 19.70 -43.62
C THR F 32 -0.81 18.89 -42.61
N LYS F 33 -0.60 19.46 -41.43
CA LYS F 33 0.19 18.82 -40.38
C LYS F 33 -0.38 17.45 -40.04
N LEU F 34 -1.70 17.38 -39.95
CA LEU F 34 -2.38 16.12 -39.69
C LEU F 34 -2.17 15.13 -40.84
N LEU F 35 -2.58 15.53 -42.03
CA LEU F 35 -2.54 14.65 -43.19
C LEU F 35 -1.12 14.28 -43.65
N SER F 36 -0.16 15.16 -43.39
CA SER F 36 1.22 14.92 -43.81
C SER F 36 1.88 13.79 -43.01
N LEU F 37 1.18 13.28 -42.00
CA LEU F 37 1.67 12.15 -41.22
C LEU F 37 1.23 10.82 -41.82
N PHE F 38 0.27 10.87 -42.74
CA PHE F 38 -0.24 9.68 -43.39
C PHE F 38 0.18 9.66 -44.87
N GLN F 39 0.08 8.49 -45.50
CA GLN F 39 0.23 8.45 -46.95
C GLN F 39 -1.16 8.48 -47.58
N VAL F 40 -1.57 9.68 -47.97
CA VAL F 40 -2.86 9.92 -48.61
C VAL F 40 -2.92 9.30 -50.00
N SER F 41 -3.88 8.40 -50.20
CA SER F 41 -4.07 7.77 -51.51
C SER F 41 -4.98 8.62 -52.40
N GLU F 42 -6.06 9.09 -51.81
CA GLU F 42 -7.05 9.88 -52.53
C GLU F 42 -7.89 10.68 -51.58
N PHE F 43 -8.52 11.71 -52.12
CA PHE F 43 -9.51 12.47 -51.38
C PHE F 43 -10.52 13.04 -52.36
N SER F 44 -11.72 13.33 -51.89
CA SER F 44 -12.74 13.96 -52.72
C SER F 44 -13.49 15.02 -51.92
N CYS F 45 -13.58 16.21 -52.49
CA CYS F 45 -14.31 17.31 -51.86
C CYS F 45 -15.59 17.60 -52.61
N HIS F 46 -16.66 17.80 -51.85
CA HIS F 46 -17.95 18.21 -52.38
C HIS F 46 -18.22 19.64 -51.98
N GLN F 47 -18.53 20.48 -52.97
CA GLN F 47 -18.86 21.89 -52.77
C GLN F 47 -17.74 22.72 -52.15
N VAL F 48 -16.48 22.29 -52.33
CA VAL F 48 -15.37 23.07 -51.80
C VAL F 48 -14.04 22.75 -52.49
N SER F 49 -13.34 23.78 -52.94
CA SER F 49 -11.95 23.61 -53.35
C SER F 49 -11.14 23.38 -52.09
N PRO F 50 -10.26 22.37 -52.11
CA PRO F 50 -9.56 21.93 -50.90
C PRO F 50 -8.63 22.97 -50.29
N SER F 51 -8.32 24.05 -51.00
CA SER F 51 -7.56 25.12 -50.38
C SER F 51 -8.44 26.29 -49.97
N SER F 52 -9.69 26.29 -50.41
CA SER F 52 -10.68 27.13 -49.72
C SER F 52 -10.92 26.49 -48.36
N LEU F 53 -10.74 25.17 -48.32
CA LEU F 53 -10.91 24.40 -47.10
C LEU F 53 -9.80 24.71 -46.11
N ALA F 54 -8.60 24.93 -46.62
CA ALA F 54 -7.44 25.15 -45.77
C ALA F 54 -7.23 26.63 -45.46
N THR F 55 -8.09 27.48 -45.99
CA THR F 55 -7.95 28.92 -45.80
C THR F 55 -9.28 29.63 -45.46
N GLY F 56 -10.35 28.85 -45.35
CA GLY F 56 -11.63 29.41 -44.99
C GLY F 56 -11.83 29.50 -43.48
N CYS F 57 -12.80 30.30 -43.07
CA CYS F 57 -13.16 30.40 -41.65
C CYS F 57 -14.57 29.88 -41.43
N TYR F 58 -14.74 29.09 -40.36
CA TYR F 58 -15.98 28.35 -40.13
C TYR F 58 -16.49 28.48 -38.71
N SER F 59 -17.77 28.19 -38.51
CA SER F 59 -18.35 28.15 -37.17
C SER F 59 -17.94 26.86 -36.47
N SER F 60 -17.62 25.83 -37.25
CA SER F 60 -17.15 24.56 -36.71
C SER F 60 -16.51 23.68 -37.78
N LEU F 61 -15.54 22.87 -37.36
CA LEU F 61 -14.93 21.88 -38.24
C LEU F 61 -15.03 20.49 -37.61
N THR F 62 -15.67 19.58 -38.33
CA THR F 62 -15.89 18.22 -37.83
C THR F 62 -15.05 17.19 -38.59
N VAL F 63 -14.45 16.28 -37.84
CA VAL F 63 -13.69 15.18 -38.45
C VAL F 63 -14.18 13.81 -37.99
N ASP F 64 -14.83 13.09 -38.88
CA ASP F 64 -15.18 11.69 -38.62
C ASP F 64 -14.07 10.78 -39.12
N TYR F 65 -13.75 9.75 -38.36
CA TYR F 65 -12.74 8.81 -38.85
C TYR F 65 -12.95 7.39 -38.37
N PHE F 66 -12.36 6.45 -39.12
CA PHE F 66 -12.53 5.04 -38.87
C PHE F 66 -11.55 4.22 -39.70
N ALA F 67 -11.32 2.98 -39.28
CA ALA F 67 -10.55 2.04 -40.06
C ALA F 67 -11.30 1.71 -41.34
N TYR F 68 -10.60 1.65 -42.46
CA TYR F 68 -11.24 1.44 -43.75
C TYR F 68 -10.24 1.06 -44.83
N SER F 69 -10.41 -0.10 -45.42
CA SER F 69 -9.49 -0.53 -46.48
C SER F 69 -9.74 0.29 -47.75
N THR F 70 -8.67 0.87 -48.27
CA THR F 70 -8.73 1.86 -49.36
C THR F 70 -9.44 1.33 -50.61
N ASP F 71 -9.30 0.03 -50.89
CA ASP F 71 -9.90 -0.54 -52.10
C ASP F 71 -11.43 -0.53 -52.06
N MET F 72 -12.01 -0.12 -50.94
CA MET F 72 -13.46 0.01 -50.83
C MET F 72 -13.91 1.46 -50.97
N SER F 73 -13.04 2.29 -51.52
CA SER F 73 -13.31 3.72 -51.71
C SER F 73 -14.62 4.03 -52.42
N SER F 74 -14.96 3.23 -53.42
CA SER F 74 -16.12 3.50 -54.25
C SER F 74 -17.44 3.40 -53.48
N TYR F 75 -17.44 2.65 -52.38
CA TYR F 75 -18.66 2.47 -51.61
C TYR F 75 -18.97 3.66 -50.70
N LEU F 76 -18.02 4.58 -50.57
CA LEU F 76 -18.26 5.80 -49.81
C LEU F 76 -18.73 6.93 -50.73
N GLN F 77 -18.58 6.72 -52.03
CA GLN F 77 -18.92 7.72 -53.04
C GLN F 77 -20.37 8.19 -52.97
N PRO F 78 -20.68 9.36 -53.57
CA PRO F 78 -22.04 9.90 -53.53
C PRO F 78 -23.10 9.02 -54.19
N GLY F 79 -24.22 8.83 -53.51
CA GLY F 79 -25.34 8.06 -54.03
C GLY F 79 -25.00 6.62 -54.33
N SER F 80 -24.00 6.09 -53.62
CA SER F 80 -23.53 4.74 -53.88
C SER F 80 -24.49 3.69 -53.33
N ALA F 81 -24.59 2.57 -54.04
CA ALA F 81 -25.34 1.43 -53.55
C ALA F 81 -24.45 0.62 -52.61
N GLY F 82 -25.03 -0.33 -51.89
CA GLY F 82 -24.24 -1.21 -51.05
C GLY F 82 -24.28 -0.89 -49.56
N ALA F 83 -23.84 -1.86 -48.76
CA ALA F 83 -24.06 -1.83 -47.31
C ALA F 83 -23.42 -0.64 -46.59
N ILE F 84 -22.28 -0.15 -47.09
CA ILE F 84 -21.57 0.94 -46.44
C ILE F 84 -22.45 2.18 -46.24
N VAL F 85 -23.03 2.67 -47.33
CA VAL F 85 -23.91 3.84 -47.26
C VAL F 85 -25.25 3.57 -46.54
N GLN F 86 -25.80 2.38 -46.71
CA GLN F 86 -27.09 2.08 -46.08
C GLN F 86 -27.00 1.83 -44.58
N PHE F 87 -25.94 1.17 -44.14
CA PHE F 87 -25.90 0.67 -42.77
C PHE F 87 -24.68 1.09 -41.95
N ASN F 88 -23.77 1.85 -42.54
CA ASN F 88 -22.52 2.16 -41.86
C ASN F 88 -22.20 3.66 -41.79
N TYR F 89 -22.07 4.31 -42.94
CA TYR F 89 -21.81 5.74 -42.99
C TYR F 89 -22.30 6.35 -44.30
N LYS F 90 -23.27 7.24 -44.20
CA LYS F 90 -23.74 7.99 -45.36
C LYS F 90 -23.29 9.43 -45.24
N GLN F 91 -22.28 9.79 -46.03
CA GLN F 91 -21.70 11.13 -45.99
C GLN F 91 -22.76 12.21 -46.19
N ASP F 92 -22.74 13.21 -45.32
CA ASP F 92 -23.69 14.31 -45.37
C ASP F 92 -23.22 15.38 -46.35
N PHE F 93 -23.87 15.46 -47.50
CA PHE F 93 -23.45 16.41 -48.54
C PHE F 93 -24.23 17.72 -48.46
N SER F 94 -24.90 17.96 -47.34
CA SER F 94 -25.62 19.21 -47.16
C SER F 94 -24.68 20.31 -46.67
N ASN F 95 -23.43 19.94 -46.42
CA ASN F 95 -22.38 20.90 -46.08
C ASN F 95 -21.14 20.63 -46.93
N PRO F 96 -20.25 21.63 -47.06
CA PRO F 96 -18.93 21.37 -47.65
C PRO F 96 -18.20 20.25 -46.93
N THR F 97 -17.81 19.21 -47.66
CA THR F 97 -17.21 18.04 -47.05
C THR F 97 -16.10 17.44 -47.90
N CYS F 98 -15.06 16.96 -47.23
CA CYS F 98 -14.00 16.24 -47.91
C CYS F 98 -13.80 14.86 -47.32
N ARG F 99 -13.66 13.89 -48.21
CA ARG F 99 -13.47 12.50 -47.86
C ARG F 99 -12.04 12.09 -48.21
N VAL F 100 -11.23 11.80 -47.19
CA VAL F 100 -9.83 11.48 -47.42
C VAL F 100 -9.49 10.06 -46.98
N LEU F 101 -8.80 9.33 -47.84
CA LEU F 101 -8.38 7.97 -47.53
C LEU F 101 -6.85 7.90 -47.46
N ALA F 102 -6.34 7.30 -46.41
CA ALA F 102 -4.90 7.25 -46.21
C ALA F 102 -4.44 5.89 -45.71
N THR F 103 -3.13 5.69 -45.74
CA THR F 103 -2.50 4.49 -45.21
C THR F 103 -1.65 4.90 -44.02
N VAL F 104 -1.79 4.17 -42.91
CA VAL F 104 -0.98 4.46 -41.74
C VAL F 104 0.40 3.86 -41.93
N PRO F 105 1.42 4.72 -42.07
CA PRO F 105 2.79 4.24 -42.26
C PRO F 105 3.31 3.71 -40.93
N GLN F 106 4.24 2.76 -40.95
CA GLN F 106 4.72 2.22 -39.70
C GLN F 106 5.69 3.17 -39.02
N ASN F 107 6.02 4.30 -39.65
CA ASN F 107 6.80 5.30 -38.93
C ASN F 107 5.91 5.97 -37.87
N LEU F 108 4.61 5.67 -37.93
CA LEU F 108 3.61 6.20 -37.01
C LEU F 108 3.13 5.12 -36.04
N THR F 109 3.76 5.07 -34.87
CA THR F 109 3.56 3.98 -33.92
C THR F 109 2.32 4.14 -33.04
N THR F 110 2.01 5.36 -32.66
CA THR F 110 0.96 5.62 -31.68
C THR F 110 -0.43 5.14 -32.12
N ILE F 111 -0.59 4.83 -33.42
CA ILE F 111 -1.82 4.23 -33.90
C ILE F 111 -1.70 2.72 -33.95
N THR F 112 -2.58 2.02 -33.23
CA THR F 112 -2.56 0.56 -33.20
C THR F 112 -3.64 -0.01 -34.11
N LYS F 113 -3.42 -1.18 -34.72
CA LYS F 113 -4.41 -1.77 -35.61
C LYS F 113 -5.42 -2.62 -34.83
N PRO F 114 -6.65 -2.68 -35.34
CA PRO F 114 -7.60 -3.66 -34.80
C PRO F 114 -7.25 -5.03 -35.35
N SER F 115 -7.86 -6.08 -34.82
CA SER F 115 -7.67 -7.40 -35.37
C SER F 115 -8.36 -7.50 -36.73
N ASN F 116 -9.58 -6.96 -36.81
CA ASN F 116 -10.37 -7.03 -38.03
C ASN F 116 -10.85 -5.68 -38.54
N TYR F 117 -10.88 -5.52 -39.86
CA TYR F 117 -11.76 -4.54 -40.45
C TYR F 117 -13.17 -5.07 -40.25
N ALA F 118 -14.16 -4.19 -40.14
CA ALA F 118 -15.51 -4.64 -39.92
C ALA F 118 -16.53 -3.64 -40.43
N TYR F 119 -17.66 -4.15 -40.90
CA TYR F 119 -18.77 -3.30 -41.28
C TYR F 119 -20.08 -4.07 -41.20
N LEU F 120 -21.19 -3.34 -41.10
CA LEU F 120 -22.50 -3.96 -41.00
C LEU F 120 -23.06 -4.30 -42.38
N THR F 121 -23.76 -5.43 -42.47
CA THR F 121 -24.35 -5.87 -43.74
C THR F 121 -25.85 -5.65 -43.76
N GLU F 122 -26.44 -5.44 -42.60
CA GLU F 122 -27.88 -5.19 -42.51
C GLU F 122 -28.31 -4.66 -41.14
N CYS F 123 -29.38 -3.87 -41.16
CA CYS F 123 -30.02 -3.37 -39.95
C CYS F 123 -31.52 -3.23 -40.21
N TYR F 124 -32.33 -4.05 -39.54
CA TYR F 124 -33.76 -4.07 -39.85
C TYR F 124 -34.64 -4.37 -38.64
N LYS F 125 -35.92 -4.04 -38.78
CA LYS F 125 -36.93 -4.40 -37.80
C LYS F 125 -37.87 -5.45 -38.39
N THR F 126 -38.16 -6.51 -37.64
CA THR F 126 -39.07 -7.54 -38.12
C THR F 126 -40.48 -6.97 -38.21
N SER F 127 -40.98 -6.91 -39.44
CA SER F 127 -42.22 -6.22 -39.76
C SER F 127 -43.44 -7.14 -39.83
N ALA F 128 -43.74 -7.56 -41.05
CA ALA F 128 -44.83 -8.46 -41.37
C ALA F 128 -44.70 -8.77 -42.86
N TYR F 129 -44.20 -7.79 -43.59
CA TYR F 129 -43.80 -7.95 -44.99
C TYR F 129 -42.43 -8.61 -45.05
N GLY F 130 -41.81 -8.76 -43.89
CA GLY F 130 -40.48 -9.32 -43.79
C GLY F 130 -39.51 -8.34 -43.16
N LYS F 131 -38.31 -8.26 -43.74
CA LYS F 131 -37.29 -7.37 -43.22
C LYS F 131 -37.58 -5.91 -43.54
N ASN F 132 -38.03 -5.15 -42.54
CA ASN F 132 -38.15 -3.71 -42.67
C ASN F 132 -36.81 -3.05 -42.37
N TYR F 133 -36.10 -2.67 -43.41
CA TYR F 133 -34.74 -2.16 -43.27
C TYR F 133 -34.67 -0.72 -42.77
N LEU F 134 -33.72 -0.47 -41.87
CA LEU F 134 -33.48 0.87 -41.34
C LEU F 134 -32.15 1.42 -41.84
N TYR F 135 -32.22 2.45 -42.67
CA TYR F 135 -31.02 2.99 -43.32
C TYR F 135 -30.47 4.20 -42.58
N ASN F 136 -29.15 4.39 -42.64
CA ASN F 136 -28.53 5.54 -42.00
C ASN F 136 -29.03 6.85 -42.58
N ALA F 137 -29.35 7.80 -41.70
CA ALA F 137 -29.55 9.17 -42.14
C ALA F 137 -28.17 9.77 -42.39
N PRO F 138 -28.08 10.78 -43.27
CA PRO F 138 -26.78 11.41 -43.59
C PRO F 138 -26.07 11.96 -42.36
N GLY F 139 -24.88 11.45 -42.08
CA GLY F 139 -24.06 11.94 -40.99
C GLY F 139 -24.37 11.33 -39.63
N ALA F 140 -25.33 10.41 -39.59
CA ALA F 140 -25.77 9.83 -38.33
C ALA F 140 -25.23 8.41 -38.14
N TYR F 141 -25.32 7.89 -36.92
CA TYR F 141 -24.99 6.49 -36.66
C TYR F 141 -26.20 5.64 -37.01
N THR F 142 -25.96 4.38 -37.34
CA THR F 142 -27.03 3.42 -37.56
C THR F 142 -27.88 3.30 -36.30
N PRO F 143 -29.18 3.01 -36.45
CA PRO F 143 -30.00 2.70 -35.28
C PRO F 143 -29.60 1.37 -34.66
N CYS F 144 -28.73 0.63 -35.34
CA CYS F 144 -28.26 -0.66 -34.84
C CYS F 144 -26.97 -0.58 -34.01
N LEU F 145 -26.53 0.63 -33.68
CA LEU F 145 -25.21 0.81 -33.06
C LEU F 145 -25.09 0.07 -31.72
N SER F 146 -26.15 0.12 -30.92
CA SER F 146 -26.18 -0.57 -29.64
C SER F 146 -25.95 -2.07 -29.80
N LEU F 147 -26.62 -2.67 -30.76
CA LEU F 147 -26.49 -4.10 -30.98
C LEU F 147 -25.12 -4.43 -31.53
N ALA F 148 -24.63 -3.57 -32.41
CA ALA F 148 -23.33 -3.77 -33.06
C ALA F 148 -22.17 -3.66 -32.07
N SER F 149 -22.39 -2.96 -30.96
CA SER F 149 -21.37 -2.77 -29.95
C SER F 149 -21.13 -4.06 -29.15
N ARG F 150 -21.99 -5.05 -29.35
CA ARG F 150 -21.80 -6.34 -28.70
C ARG F 150 -20.62 -7.08 -29.34
N GLY F 151 -20.24 -6.64 -30.53
CA GLY F 151 -19.04 -7.13 -31.17
C GLY F 151 -19.24 -8.30 -32.12
N PHE F 152 -18.33 -8.41 -33.09
CA PHE F 152 -18.38 -9.48 -34.09
C PHE F 152 -17.06 -10.26 -34.10
N SER F 153 -17.12 -11.54 -33.76
CA SER F 153 -15.93 -12.37 -33.75
C SER F 153 -15.93 -13.36 -34.92
N THR F 154 -17.07 -13.47 -35.59
CA THR F 154 -17.17 -14.32 -36.78
C THR F 154 -17.91 -13.60 -37.92
N LYS F 155 -17.60 -13.99 -39.15
CA LYS F 155 -18.27 -13.42 -40.32
C LYS F 155 -19.77 -13.68 -40.27
N TYR F 156 -20.54 -12.64 -40.58
CA TYR F 156 -22.01 -12.71 -40.62
C TYR F 156 -22.64 -13.07 -39.28
N GLN F 157 -21.93 -12.77 -38.18
CA GLN F 157 -22.49 -12.90 -36.84
C GLN F 157 -23.59 -11.85 -36.65
N SER F 158 -24.68 -12.25 -35.99
CA SER F 158 -25.81 -11.35 -35.80
C SER F 158 -26.12 -11.05 -34.34
N HIS F 159 -26.76 -9.92 -34.11
CA HIS F 159 -27.23 -9.54 -32.78
C HIS F 159 -28.65 -9.00 -32.87
N SER F 160 -29.48 -9.37 -31.90
CA SER F 160 -30.85 -8.89 -31.86
C SER F 160 -31.24 -8.54 -30.43
N ASP F 161 -32.26 -7.69 -30.29
CA ASP F 161 -32.78 -7.33 -28.99
C ASP F 161 -34.28 -7.60 -28.94
N GLY F 162 -34.79 -8.24 -30.00
CA GLY F 162 -36.21 -8.47 -30.15
C GLY F 162 -36.76 -7.67 -31.31
N GLU F 163 -36.75 -6.35 -31.17
CA GLU F 163 -37.21 -5.45 -32.22
C GLU F 163 -36.28 -5.43 -33.44
N LEU F 164 -35.01 -5.14 -33.19
CA LEU F 164 -34.04 -4.86 -34.23
C LEU F 164 -33.04 -5.98 -34.36
N THR F 165 -32.47 -6.09 -35.56
CA THR F 165 -31.46 -7.10 -35.83
C THR F 165 -30.37 -6.49 -36.70
N THR F 166 -29.12 -6.79 -36.38
CA THR F 166 -28.03 -6.35 -37.23
C THR F 166 -27.07 -7.51 -37.44
N THR F 167 -26.32 -7.44 -38.53
CA THR F 167 -25.33 -8.44 -38.87
C THR F 167 -24.04 -7.75 -39.28
N GLY F 168 -22.91 -8.31 -38.87
CA GLY F 168 -21.62 -7.72 -39.21
C GLY F 168 -20.75 -8.68 -39.99
N TYR F 169 -19.93 -8.11 -40.87
CA TYR F 169 -18.95 -8.89 -41.62
C TYR F 169 -17.56 -8.43 -41.20
N ILE F 170 -16.64 -9.38 -41.04
CA ILE F 170 -15.28 -9.04 -40.65
C ILE F 170 -14.27 -9.72 -41.54
N TYR F 171 -13.06 -9.16 -41.56
CA TYR F 171 -11.95 -9.73 -42.32
C TYR F 171 -10.64 -9.13 -41.80
N PRO F 172 -9.54 -9.89 -41.89
CA PRO F 172 -8.23 -9.52 -41.32
C PRO F 172 -7.64 -8.22 -41.86
N VAL F 173 -6.83 -7.56 -41.05
CA VAL F 173 -6.10 -6.40 -41.51
C VAL F 173 -4.70 -6.84 -41.97
N THR F 174 -4.48 -6.81 -43.27
CA THR F 174 -3.19 -7.23 -43.83
C THR F 174 -2.41 -6.03 -44.33
N GLY F 175 -1.12 -5.99 -44.00
CA GLY F 175 -0.27 -4.87 -44.33
C GLY F 175 -0.55 -3.70 -43.42
N ASN F 176 -0.11 -2.51 -43.83
CA ASN F 176 -0.36 -1.30 -43.05
C ASN F 176 -1.85 -0.99 -42.97
N LEU F 177 -2.27 -0.52 -41.79
CA LEU F 177 -3.66 -0.16 -41.55
C LEU F 177 -4.08 0.98 -42.46
N GLN F 178 -5.34 0.96 -42.90
CA GLN F 178 -5.87 2.04 -43.74
C GLN F 178 -7.10 2.68 -43.10
N MET F 179 -7.23 3.98 -43.30
CA MET F 179 -8.27 4.76 -42.62
C MET F 179 -9.02 5.68 -43.57
N ALA F 180 -10.13 6.21 -43.09
CA ALA F 180 -10.89 7.22 -43.80
C ALA F 180 -11.14 8.41 -42.90
N PHE F 181 -11.09 9.60 -43.49
CA PHE F 181 -11.38 10.84 -42.77
C PHE F 181 -12.41 11.63 -43.55
N ILE F 182 -13.54 11.91 -42.93
CA ILE F 182 -14.50 12.82 -43.52
C ILE F 182 -14.46 14.14 -42.78
N ILE F 183 -13.94 15.15 -43.46
CA ILE F 183 -13.80 16.49 -42.91
C ILE F 183 -15.00 17.33 -43.34
N SER F 184 -15.69 17.90 -42.36
CA SER F 184 -16.88 18.71 -42.65
C SER F 184 -16.80 20.08 -41.97
N VAL F 185 -17.31 21.10 -42.63
CA VAL F 185 -17.32 22.43 -42.04
C VAL F 185 -18.70 23.04 -42.05
N GLN F 186 -18.91 24.00 -41.15
CA GLN F 186 -20.18 24.71 -41.06
C GLN F 186 -19.97 26.23 -41.19
N TYR F 187 -20.96 26.92 -41.74
CA TYR F 187 -20.88 28.36 -41.92
C TYR F 187 -21.88 29.11 -41.05
N GLY F 188 -21.85 28.86 -39.75
CA GLY F 188 -22.79 29.51 -38.84
C GLY F 188 -22.39 30.91 -38.38
N THR F 189 -23.06 31.34 -37.32
CA THR F 189 -22.90 32.68 -36.74
C THR F 189 -21.47 33.02 -36.37
N ASP F 190 -20.77 32.06 -35.79
CA ASP F 190 -19.41 32.27 -35.32
C ASP F 190 -18.42 32.08 -36.45
N THR F 191 -18.48 33.00 -37.42
CA THR F 191 -17.68 32.93 -38.65
C THR F 191 -16.21 32.64 -38.39
N ASN F 192 -15.73 33.08 -37.24
CA ASN F 192 -14.30 33.09 -36.95
C ASN F 192 -14.01 32.24 -35.72
N SER F 193 -14.90 31.29 -35.48
CA SER F 193 -14.70 30.28 -34.44
C SER F 193 -13.53 29.38 -34.82
N VAL F 194 -13.50 28.96 -36.08
CA VAL F 194 -12.45 28.09 -36.58
C VAL F 194 -11.76 28.70 -37.82
N CYS F 195 -10.44 28.87 -37.74
CA CYS F 195 -9.69 29.52 -38.80
C CYS F 195 -8.34 28.84 -39.04
N PRO F 196 -7.76 29.00 -40.24
CA PRO F 196 -6.43 28.43 -40.48
C PRO F 196 -5.35 29.16 -39.68
N MET F 197 -4.26 28.44 -39.39
CA MET F 197 -3.15 28.97 -38.61
C MET F 197 -2.25 29.87 -39.46
N GLN F 198 -1.74 30.94 -38.83
CA GLN F 198 -0.69 31.78 -39.41
C GLN F 198 0.06 32.51 -38.30
N GLN G 1 -49.35 -24.70 20.31
CA GLN G 1 -48.23 -23.76 20.22
C GLN G 1 -47.42 -23.69 21.51
N GLU G 2 -46.23 -24.27 21.50
CA GLU G 2 -45.32 -24.22 22.64
C GLU G 2 -44.32 -23.07 22.51
N CYS G 3 -44.17 -22.29 23.59
CA CYS G 3 -43.22 -21.17 23.59
C CYS G 3 -41.79 -21.67 23.38
N ASP G 4 -41.07 -21.03 22.47
CA ASP G 4 -39.73 -21.46 22.10
C ASP G 4 -38.64 -20.58 22.71
N PHE G 5 -38.00 -21.09 23.76
CA PHE G 5 -36.97 -20.34 24.47
C PHE G 5 -35.57 -20.55 23.87
N THR G 6 -35.51 -21.32 22.80
CA THR G 6 -34.26 -21.64 22.09
C THR G 6 -33.28 -20.47 21.86
N PRO G 7 -33.78 -19.27 21.46
CA PRO G 7 -32.83 -18.17 21.25
C PRO G 7 -31.91 -17.88 22.44
N MET G 8 -32.40 -18.06 23.67
CA MET G 8 -31.57 -17.78 24.84
C MET G 8 -30.51 -18.85 25.03
N LEU G 9 -30.69 -19.98 24.38
CA LEU G 9 -29.78 -21.09 24.50
C LEU G 9 -28.74 -21.10 23.39
N THR G 10 -28.86 -20.15 22.47
CA THR G 10 -27.99 -20.14 21.29
C THR G 10 -27.20 -18.84 21.20
N GLY G 11 -25.89 -18.97 21.12
CA GLY G 11 -25.02 -17.81 20.93
C GLY G 11 -24.61 -17.12 22.22
N THR G 12 -24.07 -15.91 22.06
CA THR G 12 -23.52 -15.17 23.20
C THR G 12 -24.49 -14.15 23.74
N PRO G 13 -24.81 -14.24 25.04
CA PRO G 13 -25.68 -13.26 25.69
C PRO G 13 -25.04 -11.88 25.66
N PRO G 14 -25.84 -10.84 25.35
CA PRO G 14 -25.31 -9.49 25.24
C PRO G 14 -24.97 -8.87 26.59
N PRO G 15 -24.12 -7.83 26.60
CA PRO G 15 -23.94 -7.04 27.82
C PRO G 15 -25.27 -6.44 28.27
N ILE G 16 -25.37 -6.19 29.58
CA ILE G 16 -26.61 -5.76 30.21
C ILE G 16 -27.24 -4.54 29.56
N TYR G 17 -26.44 -3.54 29.21
CA TYR G 17 -27.00 -2.32 28.62
C TYR G 17 -27.59 -2.57 27.23
N ASN G 18 -27.20 -3.68 26.61
CA ASN G 18 -27.77 -4.08 25.32
C ASN G 18 -28.57 -5.37 25.48
N PHE G 19 -29.36 -5.43 26.55
CA PHE G 19 -30.12 -6.65 26.86
C PHE G 19 -30.97 -7.10 25.67
N LYS G 20 -31.05 -8.41 25.48
CA LYS G 20 -31.89 -9.00 24.45
C LYS G 20 -33.30 -9.18 25.01
N ARG G 21 -34.31 -8.78 24.24
CA ARG G 21 -35.69 -8.91 24.71
C ARG G 21 -36.49 -9.88 23.84
N LEU G 22 -37.09 -10.87 24.49
CA LEU G 22 -37.96 -11.82 23.80
C LEU G 22 -39.40 -11.65 24.26
N VAL G 23 -40.30 -11.47 23.30
CA VAL G 23 -41.71 -11.31 23.62
C VAL G 23 -42.50 -12.51 23.11
N PHE G 24 -43.23 -13.16 24.01
CA PHE G 24 -44.02 -14.32 23.63
C PHE G 24 -45.51 -14.03 23.80
N THR G 25 -46.27 -14.37 22.77
CA THR G 25 -47.73 -14.32 22.81
C THR G 25 -48.26 -15.59 22.15
N ASN G 26 -49.51 -15.93 22.46
CA ASN G 26 -50.19 -17.05 21.81
C ASN G 26 -49.41 -18.34 21.81
N CYS G 27 -48.83 -18.69 22.95
CA CYS G 27 -48.10 -19.95 23.07
C CYS G 27 -48.11 -20.44 24.51
N ASN G 28 -47.75 -21.71 24.69
CA ASN G 28 -47.70 -22.29 26.02
C ASN G 28 -46.26 -22.55 26.45
N TYR G 29 -45.90 -22.03 27.62
CA TYR G 29 -44.51 -22.07 28.06
C TYR G 29 -44.26 -23.11 29.16
N ASN G 30 -43.09 -23.75 29.08
CA ASN G 30 -42.58 -24.55 30.17
C ASN G 30 -41.32 -23.86 30.69
N LEU G 31 -41.46 -23.08 31.75
CA LEU G 31 -40.34 -22.31 32.28
C LEU G 31 -39.31 -23.23 32.94
N THR G 32 -39.78 -24.35 33.47
CA THR G 32 -38.91 -25.35 34.07
C THR G 32 -37.99 -25.94 33.01
N LYS G 33 -38.56 -26.26 31.85
CA LYS G 33 -37.82 -26.68 30.68
C LYS G 33 -36.51 -25.94 30.52
N LEU G 34 -36.62 -24.62 30.47
CA LEU G 34 -35.48 -23.74 30.23
C LEU G 34 -34.58 -23.59 31.46
N LEU G 35 -35.20 -23.34 32.60
CA LEU G 35 -34.46 -23.07 33.83
C LEU G 35 -33.66 -24.27 34.34
N SER G 36 -34.19 -25.47 34.10
CA SER G 36 -33.53 -26.69 34.55
C SER G 36 -32.18 -26.91 33.86
N LEU G 37 -32.00 -26.27 32.72
CA LEU G 37 -30.75 -26.41 31.97
C LEU G 37 -29.63 -25.58 32.59
N PHE G 38 -29.99 -24.70 33.51
CA PHE G 38 -29.02 -23.81 34.16
C PHE G 38 -28.85 -24.12 35.65
N GLN G 39 -27.74 -23.64 36.22
CA GLN G 39 -27.55 -23.67 37.65
C GLN G 39 -28.08 -22.38 38.25
N VAL G 40 -29.32 -22.42 38.72
CA VAL G 40 -30.01 -21.25 39.24
C VAL G 40 -29.52 -20.86 40.63
N SER G 41 -28.93 -19.67 40.75
CA SER G 41 -28.46 -19.18 42.04
C SER G 41 -29.56 -18.43 42.80
N GLU G 42 -30.25 -17.54 42.11
CA GLU G 42 -31.27 -16.69 42.73
C GLU G 42 -32.54 -16.60 41.88
N PHE G 43 -33.69 -16.58 42.55
CA PHE G 43 -34.98 -16.44 41.90
C PHE G 43 -35.86 -15.54 42.75
N SER G 44 -36.01 -14.28 42.35
CA SER G 44 -36.87 -13.36 43.07
C SER G 44 -38.03 -12.93 42.20
N CYS G 45 -39.20 -12.70 42.81
CA CYS G 45 -40.30 -12.10 42.08
C CYS G 45 -41.02 -11.07 42.93
N HIS G 46 -41.55 -10.07 42.25
CA HIS G 46 -42.33 -9.01 42.87
C HIS G 46 -43.76 -9.09 42.36
N GLN G 47 -44.71 -9.15 43.30
CA GLN G 47 -46.13 -9.31 43.01
C GLN G 47 -46.47 -10.60 42.26
N VAL G 48 -45.94 -11.73 42.74
CA VAL G 48 -46.33 -13.05 42.22
C VAL G 48 -45.87 -14.18 43.19
N SER G 49 -46.68 -15.22 43.32
CA SER G 49 -46.33 -16.46 44.00
C SER G 49 -46.14 -17.40 42.86
N PRO G 50 -44.97 -18.04 42.74
CA PRO G 50 -44.80 -18.28 41.28
C PRO G 50 -45.14 -19.69 40.87
N SER G 51 -45.73 -20.47 41.77
CA SER G 51 -46.53 -21.56 41.29
C SER G 51 -47.75 -20.92 40.62
N SER G 52 -48.07 -19.67 40.98
CA SER G 52 -49.03 -18.90 40.19
C SER G 52 -48.37 -18.35 38.93
N LEU G 53 -47.04 -18.38 38.86
CA LEU G 53 -46.31 -17.92 37.68
C LEU G 53 -46.14 -19.03 36.66
N ALA G 54 -45.85 -20.23 37.14
CA ALA G 54 -45.71 -21.39 36.26
C ALA G 54 -47.06 -22.08 36.06
N THR G 55 -48.11 -21.55 36.70
CA THR G 55 -49.47 -22.05 36.48
C THR G 55 -50.50 -20.92 36.34
N GLY G 56 -50.15 -19.88 35.60
CA GLY G 56 -51.06 -18.76 35.38
C GLY G 56 -51.11 -18.34 33.93
N CYS G 57 -52.14 -17.60 33.55
CA CYS G 57 -52.30 -17.19 32.16
C CYS G 57 -52.16 -15.67 31.98
N TYR G 58 -51.47 -15.28 30.91
CA TYR G 58 -51.17 -13.88 30.66
C TYR G 58 -51.41 -13.47 29.20
N SER G 59 -51.40 -12.17 28.95
CA SER G 59 -51.51 -11.66 27.59
C SER G 59 -50.16 -11.75 26.87
N SER G 60 -49.08 -11.62 27.63
CA SER G 60 -47.75 -11.70 27.05
C SER G 60 -46.70 -12.11 28.09
N LEU G 61 -45.68 -12.80 27.63
CA LEU G 61 -44.54 -13.12 28.46
C LEU G 61 -43.27 -12.53 27.85
N THR G 62 -42.61 -11.66 28.60
CA THR G 62 -41.40 -11.00 28.10
C THR G 62 -40.18 -11.45 28.89
N VAL G 63 -39.15 -11.85 28.17
CA VAL G 63 -37.89 -12.24 28.81
C VAL G 63 -36.75 -11.35 28.34
N ASP G 64 -36.15 -10.64 29.28
CA ASP G 64 -34.94 -9.86 29.04
C ASP G 64 -33.76 -10.62 29.61
N TYR G 65 -32.72 -10.84 28.80
CA TYR G 65 -31.56 -11.55 29.33
C TYR G 65 -30.23 -10.98 28.84
N PHE G 66 -29.21 -11.15 29.69
CA PHE G 66 -27.90 -10.59 29.42
C PHE G 66 -26.86 -11.30 30.26
N ALA G 67 -25.60 -11.18 29.82
CA ALA G 67 -24.47 -11.60 30.63
C ALA G 67 -24.44 -10.77 31.90
N TYR G 68 -24.21 -11.43 33.03
CA TYR G 68 -24.18 -10.73 34.31
C TYR G 68 -23.60 -11.61 35.42
N SER G 69 -22.55 -11.14 36.06
CA SER G 69 -21.87 -11.91 37.10
C SER G 69 -22.72 -11.90 38.36
N THR G 70 -22.98 -13.11 38.87
CA THR G 70 -23.90 -13.31 39.98
C THR G 70 -23.49 -12.57 41.25
N ASP G 71 -22.20 -12.26 41.38
CA ASP G 71 -21.72 -11.54 42.57
C ASP G 71 -22.07 -10.06 42.51
N MET G 72 -22.69 -9.62 41.41
CA MET G 72 -23.19 -8.25 41.31
C MET G 72 -24.70 -8.22 41.50
N SER G 73 -25.24 -9.27 42.12
CA SER G 73 -26.68 -9.43 42.32
C SER G 73 -27.34 -8.23 42.99
N SER G 74 -26.65 -7.65 43.96
CA SER G 74 -27.23 -6.60 44.78
C SER G 74 -27.59 -5.35 43.99
N TYR G 75 -26.89 -5.12 42.89
CA TYR G 75 -27.09 -3.90 42.12
C TYR G 75 -28.35 -3.94 41.26
N LEU G 76 -28.99 -5.12 41.21
CA LEU G 76 -30.23 -5.28 40.46
C LEU G 76 -31.43 -5.36 41.41
N GLN G 77 -31.15 -5.23 42.71
CA GLN G 77 -32.19 -5.30 43.73
C GLN G 77 -33.09 -4.08 43.69
N PRO G 78 -34.33 -4.20 44.21
CA PRO G 78 -35.30 -3.10 44.20
C PRO G 78 -34.74 -1.80 44.78
N GLY G 79 -34.83 -0.72 44.00
CA GLY G 79 -34.39 0.59 44.44
C GLY G 79 -32.90 0.71 44.70
N SER G 80 -32.13 -0.28 44.27
CA SER G 80 -30.68 -0.26 44.43
C SER G 80 -30.07 0.93 43.71
N ALA G 81 -29.17 1.62 44.40
CA ALA G 81 -28.45 2.72 43.78
C ALA G 81 -27.18 2.17 43.14
N GLY G 82 -26.61 2.93 42.21
CA GLY G 82 -25.42 2.49 41.53
C GLY G 82 -25.60 2.54 40.02
N ALA G 83 -24.50 2.31 39.31
CA ALA G 83 -24.45 2.46 37.86
C ALA G 83 -25.38 1.51 37.11
N ILE G 84 -25.53 0.30 37.63
CA ILE G 84 -26.33 -0.73 36.98
C ILE G 84 -27.79 -0.31 36.76
N VAL G 85 -28.44 0.19 37.80
CA VAL G 85 -29.83 0.63 37.68
C VAL G 85 -29.94 1.95 36.91
N GLN G 86 -28.96 2.82 37.09
CA GLN G 86 -29.00 4.16 36.50
C GLN G 86 -28.81 4.17 34.98
N PHE G 87 -27.88 3.35 34.48
CA PHE G 87 -27.45 3.46 33.09
C PHE G 87 -27.48 2.14 32.31
N ASN G 88 -27.96 1.06 32.93
CA ASN G 88 -27.92 -0.23 32.27
C ASN G 88 -29.26 -0.96 32.21
N TYR G 89 -29.82 -1.29 33.37
CA TYR G 89 -31.13 -1.94 33.38
C TYR G 89 -31.95 -1.55 34.61
N LYS G 90 -33.04 -0.82 34.40
CA LYS G 90 -33.94 -0.54 35.51
C LYS G 90 -35.18 -1.40 35.38
N GLN G 91 -35.27 -2.42 36.22
CA GLN G 91 -36.38 -3.36 36.17
C GLN G 91 -37.70 -2.65 36.47
N ASP G 92 -38.69 -2.92 35.62
CA ASP G 92 -40.01 -2.32 35.71
C ASP G 92 -40.89 -3.09 36.69
N PHE G 93 -41.14 -2.50 37.86
CA PHE G 93 -41.96 -3.14 38.89
C PHE G 93 -43.44 -2.77 38.79
N SER G 94 -43.85 -2.20 37.66
CA SER G 94 -45.24 -1.82 37.45
C SER G 94 -46.06 -3.01 36.96
N ASN G 95 -45.36 -4.10 36.63
CA ASN G 95 -46.00 -5.36 36.32
C ASN G 95 -45.44 -6.47 37.22
N PRO G 96 -46.09 -7.63 37.25
CA PRO G 96 -45.41 -8.76 37.91
C PRO G 96 -44.14 -9.13 37.16
N THR G 97 -43.02 -9.18 37.87
CA THR G 97 -41.74 -9.50 37.24
C THR G 97 -40.91 -10.42 38.13
N CYS G 98 -40.12 -11.27 37.50
CA CYS G 98 -39.19 -12.12 38.22
C CYS G 98 -37.78 -11.93 37.67
N ARG G 99 -36.81 -12.03 38.57
CA ARG G 99 -35.40 -11.88 38.26
C ARG G 99 -34.67 -13.18 38.58
N VAL G 100 -33.99 -13.73 37.59
CA VAL G 100 -33.29 -15.00 37.75
C VAL G 100 -31.81 -14.88 37.42
N LEU G 101 -30.97 -15.18 38.39
CA LEU G 101 -29.54 -15.25 38.16
C LEU G 101 -29.12 -16.70 38.12
N ALA G 102 -28.42 -17.09 37.07
CA ALA G 102 -28.05 -18.48 36.86
C ALA G 102 -26.66 -18.59 36.27
N THR G 103 -26.09 -19.78 36.40
CA THR G 103 -24.76 -20.06 35.89
C THR G 103 -24.90 -21.03 34.73
N VAL G 104 -24.18 -20.76 33.65
CA VAL G 104 -24.17 -21.65 32.49
C VAL G 104 -23.29 -22.86 32.76
N PRO G 105 -23.89 -24.07 32.75
CA PRO G 105 -23.08 -25.28 32.89
C PRO G 105 -22.17 -25.53 31.70
N GLN G 106 -21.05 -26.19 31.95
CA GLN G 106 -20.04 -26.43 30.92
C GLN G 106 -20.48 -27.28 29.71
N ASN G 107 -21.59 -28.01 29.87
CA ASN G 107 -22.14 -29.04 28.94
C ASN G 107 -23.20 -28.28 28.03
N LEU G 108 -23.54 -27.08 28.51
CA LEU G 108 -24.54 -26.30 27.76
C LEU G 108 -23.71 -25.51 26.81
N THR G 109 -23.45 -26.14 25.67
CA THR G 109 -22.36 -25.72 24.80
C THR G 109 -22.80 -24.62 23.87
N THR G 110 -24.05 -24.67 23.44
CA THR G 110 -24.55 -23.74 22.43
C THR G 110 -24.46 -22.27 22.87
N ILE G 111 -24.50 -22.04 24.18
CA ILE G 111 -24.27 -20.70 24.71
C ILE G 111 -22.77 -20.42 24.74
N THR G 112 -22.34 -19.42 23.98
CA THR G 112 -20.93 -19.07 23.91
C THR G 112 -20.61 -17.90 24.83
N LYS G 113 -19.32 -17.72 25.14
CA LYS G 113 -18.95 -16.69 26.10
C LYS G 113 -18.34 -15.47 25.41
N PRO G 114 -18.59 -14.28 25.97
CA PRO G 114 -17.89 -13.05 25.60
C PRO G 114 -16.55 -12.95 26.30
N SER G 115 -15.66 -12.11 25.80
CA SER G 115 -14.35 -11.92 26.42
C SER G 115 -14.51 -11.30 27.81
N ASN G 116 -15.38 -10.30 27.90
CA ASN G 116 -15.55 -9.54 29.13
C ASN G 116 -17.00 -9.40 29.54
N TYR G 117 -17.23 -9.24 30.83
CA TYR G 117 -18.47 -8.66 31.30
C TYR G 117 -18.33 -7.16 31.06
N ALA G 118 -19.46 -6.46 31.00
CA ALA G 118 -19.42 -5.03 30.73
C ALA G 118 -20.64 -4.32 31.31
N TYR G 119 -20.45 -3.10 31.77
CA TYR G 119 -21.58 -2.27 32.16
C TYR G 119 -21.19 -0.81 32.01
N LEU G 120 -22.19 0.05 31.85
CA LEU G 120 -21.96 1.47 31.69
C LEU G 120 -21.83 2.13 33.06
N THR G 121 -20.81 2.96 33.22
CA THR G 121 -20.60 3.64 34.49
C THR G 121 -21.29 4.99 34.48
N GLU G 122 -21.57 5.51 33.29
CA GLU G 122 -22.24 6.80 33.17
C GLU G 122 -22.87 7.00 31.78
N CYS G 123 -23.85 7.90 31.72
CA CYS G 123 -24.46 8.33 30.47
C CYS G 123 -25.00 9.75 30.67
N TYR G 124 -24.40 10.72 30.00
CA TYR G 124 -24.80 12.10 30.24
C TYR G 124 -24.78 12.99 29.00
N LYS G 125 -25.51 14.10 29.11
CA LYS G 125 -25.55 15.15 28.12
C LYS G 125 -25.00 16.41 28.81
N THR G 126 -24.06 17.12 28.19
CA THR G 126 -23.56 18.33 28.84
C THR G 126 -24.43 19.54 28.47
N SER G 127 -24.73 20.37 29.47
CA SER G 127 -25.69 21.46 29.28
C SER G 127 -25.23 22.80 29.86
N ALA G 128 -26.05 23.82 29.64
CA ALA G 128 -25.71 25.20 30.00
C ALA G 128 -25.76 25.46 31.51
N TYR G 129 -26.31 24.52 32.27
CA TYR G 129 -26.46 24.73 33.71
C TYR G 129 -25.67 23.70 34.51
N GLY G 130 -25.25 22.64 33.84
CA GLY G 130 -24.47 21.60 34.50
C GLY G 130 -24.48 20.28 33.76
N LYS G 131 -24.06 19.23 34.44
CA LYS G 131 -24.01 17.90 33.86
C LYS G 131 -25.41 17.25 33.90
N ASN G 132 -26.01 17.01 32.72
CA ASN G 132 -27.30 16.30 32.62
C ASN G 132 -27.13 14.78 32.65
N TYR G 133 -27.31 14.09 33.76
CA TYR G 133 -27.28 12.63 33.59
C TYR G 133 -28.57 12.10 32.96
N LEU G 134 -28.44 11.16 32.04
CA LEU G 134 -29.62 10.51 31.44
C LEU G 134 -29.82 9.10 32.01
N TYR G 135 -30.79 8.97 32.91
CA TYR G 135 -31.03 7.72 33.62
C TYR G 135 -32.02 6.82 32.90
N ASN G 136 -31.80 5.51 32.96
CA ASN G 136 -32.70 4.56 32.30
C ASN G 136 -34.13 4.65 32.80
N ALA G 137 -35.08 4.71 31.87
CA ALA G 137 -36.49 4.52 32.20
C ALA G 137 -36.71 3.03 32.50
N PRO G 138 -37.74 2.71 33.31
CA PRO G 138 -38.02 1.31 33.65
C PRO G 138 -38.25 0.43 32.43
N GLY G 139 -37.45 -0.62 32.31
CA GLY G 139 -37.60 -1.57 31.23
C GLY G 139 -37.07 -1.11 29.88
N ALA G 140 -36.43 0.06 29.85
CA ALA G 140 -35.99 0.64 28.57
C ALA G 140 -34.47 0.56 28.37
N TYR G 141 -34.03 0.85 27.14
CA TYR G 141 -32.61 0.94 26.83
C TYR G 141 -32.04 2.31 27.18
N THR G 142 -30.79 2.33 27.64
CA THR G 142 -30.06 3.58 27.81
C THR G 142 -30.03 4.38 26.52
N PRO G 143 -30.20 5.71 26.62
CA PRO G 143 -30.03 6.64 25.51
C PRO G 143 -28.63 6.54 24.90
N CYS G 144 -27.67 6.06 25.68
CA CYS G 144 -26.29 5.93 25.21
C CYS G 144 -26.01 4.61 24.50
N LEU G 145 -27.06 3.89 24.12
CA LEU G 145 -26.88 2.56 23.53
C LEU G 145 -26.09 2.58 22.21
N SER G 146 -26.33 3.57 21.36
CA SER G 146 -25.61 3.68 20.10
C SER G 146 -24.12 3.92 20.34
N LEU G 147 -23.81 4.84 21.23
CA LEU G 147 -22.42 5.09 21.59
C LEU G 147 -21.79 3.84 22.18
N ALA G 148 -22.50 3.19 23.11
CA ALA G 148 -21.96 2.03 23.79
C ALA G 148 -21.70 0.86 22.82
N SER G 149 -22.44 0.83 21.71
CA SER G 149 -22.28 -0.24 20.73
C SER G 149 -20.93 -0.17 20.00
N ARG G 150 -20.26 0.97 20.09
CA ARG G 150 -18.91 1.10 19.55
C ARG G 150 -17.90 0.19 20.24
N GLY G 151 -18.25 -0.27 21.45
CA GLY G 151 -17.46 -1.27 22.13
C GLY G 151 -16.42 -0.72 23.09
N PHE G 152 -16.12 -1.49 24.13
CA PHE G 152 -15.12 -1.10 25.12
C PHE G 152 -14.03 -2.14 25.17
N SER G 153 -12.78 -1.72 24.94
CA SER G 153 -11.64 -2.63 24.94
C SER G 153 -10.75 -2.39 26.15
N THR G 154 -10.81 -1.18 26.70
CA THR G 154 -10.08 -0.84 27.91
C THR G 154 -11.08 -0.44 29.00
N LYS G 155 -10.70 -0.62 30.26
CA LYS G 155 -11.51 -0.15 31.37
C LYS G 155 -11.72 1.35 31.27
N TYR G 156 -12.93 1.79 31.65
CA TYR G 156 -13.27 3.21 31.66
C TYR G 156 -13.03 3.92 30.31
N GLN G 157 -13.03 3.14 29.23
CA GLN G 157 -13.00 3.72 27.88
C GLN G 157 -14.32 4.42 27.60
N SER G 158 -14.25 5.57 26.94
CA SER G 158 -15.44 6.38 26.71
C SER G 158 -15.75 6.61 25.23
N HIS G 159 -16.97 7.08 24.97
CA HIS G 159 -17.39 7.45 23.62
C HIS G 159 -18.32 8.65 23.67
N SER G 160 -18.18 9.55 22.72
CA SER G 160 -19.06 10.71 22.61
C SER G 160 -19.47 10.94 21.16
N ASP G 161 -20.59 11.62 20.95
CA ASP G 161 -21.00 12.01 19.60
C ASP G 161 -21.14 13.52 19.49
N GLY G 162 -20.64 14.22 20.50
CA GLY G 162 -20.78 15.67 20.56
C GLY G 162 -21.60 16.08 21.76
N GLU G 163 -22.86 15.63 21.79
CA GLU G 163 -23.74 15.92 22.92
C GLU G 163 -23.71 14.83 23.99
N LEU G 164 -23.97 13.58 23.58
CA LEU G 164 -23.96 12.46 24.53
C LEU G 164 -22.57 11.90 24.77
N THR G 165 -22.34 11.44 26.00
CA THR G 165 -21.09 10.81 26.39
C THR G 165 -21.39 9.62 27.31
N THR G 166 -20.68 8.52 27.12
CA THR G 166 -20.85 7.36 27.97
C THR G 166 -19.51 6.70 28.28
N THR G 167 -19.42 6.01 29.42
CA THR G 167 -18.20 5.32 29.78
C THR G 167 -18.50 3.89 30.17
N GLY G 168 -17.73 2.95 29.64
CA GLY G 168 -17.94 1.55 29.93
C GLY G 168 -16.84 0.92 30.78
N TYR G 169 -17.23 -0.03 31.63
CA TYR G 169 -16.29 -0.78 32.44
C TYR G 169 -16.31 -2.25 32.02
N ILE G 170 -15.14 -2.85 31.83
CA ILE G 170 -15.06 -4.25 31.46
C ILE G 170 -14.20 -5.05 32.43
N TYR G 171 -14.45 -6.35 32.50
CA TYR G 171 -13.63 -7.27 33.28
C TYR G 171 -13.87 -8.69 32.80
N PRO G 172 -12.79 -9.50 32.75
CA PRO G 172 -12.78 -10.85 32.18
C PRO G 172 -13.80 -11.80 32.80
N VAL G 173 -14.34 -12.68 31.97
CA VAL G 173 -15.26 -13.72 32.40
C VAL G 173 -14.47 -14.90 32.94
N THR G 174 -14.44 -15.03 34.27
CA THR G 174 -13.68 -16.11 34.91
C THR G 174 -14.59 -17.29 35.30
N GLY G 175 -14.27 -18.46 34.76
CA GLY G 175 -15.05 -19.65 35.01
C GLY G 175 -16.28 -19.71 34.13
N ASN G 176 -17.28 -20.47 34.56
CA ASN G 176 -18.53 -20.59 33.82
C ASN G 176 -19.24 -19.25 33.69
N LEU G 177 -19.83 -19.02 32.53
CA LEU G 177 -20.56 -17.79 32.26
C LEU G 177 -21.79 -17.68 33.16
N GLN G 178 -22.02 -16.49 33.69
CA GLN G 178 -23.21 -16.24 34.47
C GLN G 178 -24.14 -15.26 33.75
N MET G 179 -25.44 -15.48 33.91
CA MET G 179 -26.46 -14.68 33.23
C MET G 179 -27.54 -14.16 34.17
N ALA G 180 -28.30 -13.19 33.68
CA ALA G 180 -29.51 -12.72 34.34
C ALA G 180 -30.67 -12.76 33.37
N PHE G 181 -31.81 -13.24 33.87
CA PHE G 181 -33.08 -13.21 33.13
C PHE G 181 -34.09 -12.39 33.92
N ILE G 182 -34.72 -11.42 33.26
CA ILE G 182 -35.81 -10.70 33.87
C ILE G 182 -37.08 -11.10 33.13
N ILE G 183 -37.97 -11.78 33.86
CA ILE G 183 -39.19 -12.34 33.29
C ILE G 183 -40.39 -11.51 33.70
N SER G 184 -41.03 -10.88 32.72
CA SER G 184 -42.17 -10.01 33.00
C SER G 184 -43.44 -10.49 32.29
N VAL G 185 -44.55 -10.46 33.02
CA VAL G 185 -45.85 -10.85 32.49
C VAL G 185 -46.83 -9.68 32.49
N GLN G 186 -47.85 -9.75 31.64
CA GLN G 186 -48.90 -8.74 31.62
C GLN G 186 -50.28 -9.37 31.57
N TYR G 187 -51.17 -8.88 32.42
CA TYR G 187 -52.56 -9.33 32.45
C TYR G 187 -53.44 -8.50 31.52
N GLY G 188 -52.97 -8.31 30.28
CA GLY G 188 -53.74 -7.58 29.28
C GLY G 188 -54.97 -8.34 28.85
N THR G 189 -55.75 -7.75 27.94
CA THR G 189 -57.06 -8.29 27.58
C THR G 189 -57.03 -9.65 26.86
N ASP G 190 -55.84 -10.12 26.48
CA ASP G 190 -55.74 -11.43 25.86
C ASP G 190 -55.47 -12.51 26.91
N THR G 191 -55.92 -12.21 28.13
CA THR G 191 -55.93 -13.09 29.30
C THR G 191 -55.27 -14.47 29.16
N ASN G 192 -55.75 -15.26 28.20
CA ASN G 192 -55.25 -16.62 28.00
C ASN G 192 -54.46 -16.77 26.70
N SER G 193 -53.72 -15.73 26.35
CA SER G 193 -52.81 -15.80 25.21
C SER G 193 -51.62 -16.68 25.56
N VAL G 194 -51.04 -16.45 26.74
CA VAL G 194 -49.87 -17.20 27.17
C VAL G 194 -50.16 -17.99 28.46
N CYS G 195 -49.99 -19.30 28.39
CA CYS G 195 -50.37 -20.20 29.49
C CYS G 195 -49.30 -21.28 29.72
N PRO G 196 -49.31 -21.92 30.90
CA PRO G 196 -48.39 -23.03 31.13
C PRO G 196 -48.77 -24.28 30.34
N MET G 197 -47.78 -25.11 30.01
CA MET G 197 -48.02 -26.33 29.25
C MET G 197 -48.73 -27.39 30.09
N GLN G 198 -49.58 -28.19 29.43
CA GLN G 198 -50.27 -29.32 30.04
C GLN G 198 -50.86 -30.23 28.97
N GLN H 1 -1.36 -25.63 30.00
CA GLN H 1 -0.32 -24.62 29.82
C GLN H 1 0.60 -24.52 31.04
N GLU H 2 1.82 -25.04 30.91
CA GLU H 2 2.78 -25.03 32.01
C GLU H 2 3.83 -23.93 31.84
N CYS H 3 3.97 -23.10 32.87
CA CYS H 3 4.92 -21.99 32.82
C CYS H 3 6.34 -22.48 32.63
N ASP H 4 7.03 -21.88 31.67
CA ASP H 4 8.37 -22.32 31.30
C ASP H 4 9.44 -21.40 31.91
N PHE H 5 10.11 -21.88 32.94
CA PHE H 5 11.13 -21.10 33.62
C PHE H 5 12.51 -21.34 33.02
N THR H 6 12.56 -22.08 31.92
CA THR H 6 13.82 -22.41 31.23
C THR H 6 14.79 -21.24 31.01
N PRO H 7 14.30 -20.07 30.55
CA PRO H 7 15.25 -18.96 30.32
C PRO H 7 16.18 -18.62 31.48
N MET H 8 15.78 -18.92 32.73
CA MET H 8 16.64 -18.61 33.86
C MET H 8 17.69 -19.68 34.06
N LEU H 9 17.50 -20.82 33.40
CA LEU H 9 18.44 -21.92 33.51
C LEU H 9 19.53 -21.84 32.44
N THR H 10 19.36 -20.92 31.50
CA THR H 10 20.28 -20.84 30.37
C THR H 10 20.94 -19.47 30.28
N GLY H 11 22.26 -19.48 30.18
CA GLY H 11 23.02 -18.26 29.98
C GLY H 11 23.50 -17.61 31.26
N THR H 12 24.03 -16.41 31.13
CA THR H 12 24.61 -15.69 32.26
C THR H 12 23.61 -14.70 32.84
N PRO H 13 23.29 -14.85 34.13
CA PRO H 13 22.40 -13.90 34.82
C PRO H 13 23.01 -12.50 34.87
N PRO H 14 22.22 -11.48 34.54
CA PRO H 14 22.71 -10.09 34.49
C PRO H 14 23.09 -9.54 35.86
N PRO H 15 23.86 -8.45 35.89
CA PRO H 15 24.07 -7.72 37.14
C PRO H 15 22.75 -7.14 37.64
N ILE H 16 22.70 -6.81 38.93
CA ILE H 16 21.44 -6.43 39.58
C ILE H 16 20.77 -5.22 38.92
N TYR H 17 21.54 -4.18 38.59
CA TYR H 17 20.94 -2.96 38.03
C TYR H 17 20.33 -3.18 36.64
N ASN H 18 20.69 -4.27 35.97
CA ASN H 18 20.13 -4.62 34.66
C ASN H 18 19.40 -5.94 34.78
N PHE H 19 18.61 -6.08 35.85
CA PHE H 19 17.92 -7.33 36.15
C PHE H 19 17.04 -7.78 34.99
N LYS H 20 16.98 -9.10 34.80
CA LYS H 20 16.13 -9.70 33.77
C LYS H 20 14.73 -9.89 34.36
N ARG H 21 13.72 -9.45 33.63
CA ARG H 21 12.34 -9.62 34.09
C ARG H 21 11.58 -10.58 33.18
N LEU H 22 10.95 -11.57 33.79
CA LEU H 22 10.11 -12.51 33.08
C LEU H 22 8.68 -12.39 33.55
N VAL H 23 7.77 -12.21 32.60
CA VAL H 23 6.36 -12.06 32.93
C VAL H 23 5.58 -13.27 32.42
N PHE H 24 4.87 -13.93 33.32
CA PHE H 24 4.11 -15.11 32.95
C PHE H 24 2.62 -14.87 33.12
N THR H 25 1.86 -15.24 32.09
CA THR H 25 0.40 -15.22 32.14
C THR H 25 -0.15 -16.49 31.49
N ASN H 26 -1.40 -16.82 31.81
CA ASN H 26 -2.10 -17.92 31.17
C ASN H 26 -1.33 -19.23 31.20
N CYS H 27 -0.71 -19.53 32.34
CA CYS H 27 0.02 -20.78 32.49
C CYS H 27 -0.01 -21.25 33.94
N ASN H 28 0.36 -22.51 34.14
CA ASN H 28 0.44 -23.08 35.47
C ASN H 28 1.89 -23.29 35.89
N TYR H 29 2.26 -22.75 37.03
CA TYR H 29 3.66 -22.77 37.45
C TYR H 29 3.94 -23.83 38.53
N ASN H 30 5.09 -24.46 38.42
CA ASN H 30 5.61 -25.31 39.49
C ASN H 30 6.92 -24.69 39.96
N LEU H 31 6.82 -23.81 40.95
CA LEU H 31 7.96 -23.09 41.48
C LEU H 31 9.01 -24.03 42.07
N THR H 32 8.55 -25.14 42.64
CA THR H 32 9.43 -26.12 43.24
C THR H 32 10.37 -26.73 42.20
N LYS H 33 9.81 -27.07 41.04
CA LYS H 33 10.59 -27.70 39.97
C LYS H 33 11.76 -26.83 39.54
N LEU H 34 11.58 -25.52 39.65
CA LEU H 34 12.64 -24.57 39.35
C LEU H 34 13.63 -24.44 40.51
N LEU H 35 13.11 -24.22 41.70
CA LEU H 35 13.92 -23.96 42.88
C LEU H 35 14.73 -25.16 43.35
N SER H 36 14.22 -26.36 43.10
CA SER H 36 14.88 -27.58 43.56
C SER H 36 16.20 -27.83 42.83
N LEU H 37 16.37 -27.20 41.67
CA LEU H 37 17.61 -27.33 40.91
C LEU H 37 18.73 -26.48 41.51
N PHE H 38 18.38 -25.61 42.47
CA PHE H 38 19.33 -24.71 43.09
C PHE H 38 19.59 -25.04 44.56
N GLN H 39 20.58 -24.39 45.16
CA GLN H 39 20.80 -24.45 46.60
C GLN H 39 20.24 -23.20 47.27
N VAL H 40 18.98 -23.27 47.70
CA VAL H 40 18.32 -22.11 48.31
C VAL H 40 18.85 -21.80 49.71
N SER H 41 19.45 -20.63 49.86
CA SER H 41 19.95 -20.17 51.16
C SER H 41 18.86 -19.49 51.97
N GLU H 42 18.17 -18.55 51.32
CA GLU H 42 17.13 -17.77 51.99
C GLU H 42 15.90 -17.67 51.10
N PHE H 43 14.73 -17.72 51.73
CA PHE H 43 13.46 -17.59 51.03
C PHE H 43 12.54 -16.72 51.89
N SER H 44 12.47 -15.43 51.58
CA SER H 44 11.60 -14.53 52.32
C SER H 44 10.39 -14.13 51.49
N CYS H 45 9.27 -13.90 52.16
CA CYS H 45 8.04 -13.50 51.48
C CYS H 45 7.33 -12.41 52.26
N HIS H 46 6.66 -11.54 51.53
CA HIS H 46 5.92 -10.45 52.13
C HIS H 46 4.48 -10.47 51.65
N GLN H 47 3.55 -10.47 52.61
CA GLN H 47 2.12 -10.57 52.37
C GLN H 47 1.71 -11.80 51.57
N VAL H 48 2.43 -12.89 51.78
CA VAL H 48 1.96 -14.21 51.43
C VAL H 48 2.38 -15.17 52.51
N SER H 49 1.59 -16.23 52.64
CA SER H 49 1.92 -17.38 53.47
C SER H 49 2.23 -18.50 52.49
N PRO H 50 3.39 -19.16 52.70
CA PRO H 50 4.16 -19.88 51.66
C PRO H 50 3.41 -21.12 51.06
N SER H 51 2.82 -21.86 51.96
CA SER H 51 1.48 -22.31 51.71
C SER H 51 0.70 -21.76 50.48
N SER H 52 0.38 -20.47 50.45
CA SER H 52 -0.58 -19.93 49.49
C SER H 52 0.08 -19.30 48.24
N LEU H 53 1.41 -19.26 48.22
CA LEU H 53 2.12 -18.71 47.08
C LEU H 53 2.12 -19.76 45.97
N ALA H 54 2.38 -21.01 46.35
CA ALA H 54 2.35 -22.11 45.39
C ALA H 54 1.00 -22.83 45.40
N THR H 55 -0.03 -22.14 45.89
CA THR H 55 -1.35 -22.74 46.05
C THR H 55 -2.42 -21.71 45.63
N GLY H 56 -1.97 -20.56 45.14
CA GLY H 56 -2.87 -19.46 44.76
C GLY H 56 -2.95 -19.09 43.28
N CYS H 57 -4.06 -18.47 42.88
CA CYS H 57 -4.22 -18.03 41.49
C CYS H 57 -4.14 -16.52 41.37
N TYR H 58 -3.45 -16.06 40.33
CA TYR H 58 -3.23 -14.64 40.10
C TYR H 58 -3.39 -14.28 38.63
N SER H 59 -3.32 -12.99 38.33
CA SER H 59 -3.42 -12.51 36.95
C SER H 59 -2.06 -12.55 36.25
N SER H 60 -0.99 -12.47 37.03
CA SER H 60 0.36 -12.53 36.46
C SER H 60 1.38 -12.96 37.48
N LEU H 61 2.44 -13.62 37.01
CA LEU H 61 3.58 -13.94 37.84
C LEU H 61 4.81 -13.31 37.22
N THR H 62 5.52 -12.50 37.99
CA THR H 62 6.73 -11.85 37.50
C THR H 62 7.97 -12.31 38.25
N VAL H 63 8.99 -12.71 37.51
CA VAL H 63 10.26 -13.11 38.11
C VAL H 63 11.38 -12.20 37.66
N ASP H 64 11.92 -11.43 38.60
CA ASP H 64 13.12 -10.64 38.38
C ASP H 64 14.31 -11.41 38.91
N TYR H 65 15.36 -11.55 38.11
CA TYR H 65 16.53 -12.26 38.61
C TYR H 65 17.84 -11.67 38.12
N PHE H 66 18.89 -11.92 38.90
CA PHE H 66 20.20 -11.35 38.64
C PHE H 66 21.26 -12.06 39.45
N ALA H 67 22.52 -11.96 38.99
CA ALA H 67 23.65 -12.43 39.77
C ALA H 67 23.69 -11.61 41.04
N TYR H 68 23.93 -12.29 42.17
CA TYR H 68 23.95 -11.62 43.46
C TYR H 68 24.57 -12.50 44.54
N SER H 69 25.62 -12.00 45.17
CA SER H 69 26.32 -12.76 46.21
C SER H 69 25.50 -12.80 47.49
N THR H 70 25.33 -14.00 48.02
CA THR H 70 24.43 -14.24 49.15
C THR H 70 24.86 -13.48 50.41
N ASP H 71 26.15 -13.16 50.54
CA ASP H 71 26.61 -12.44 51.72
C ASP H 71 26.21 -10.97 51.71
N MET H 72 25.61 -10.52 50.61
CA MET H 72 25.07 -9.16 50.54
C MET H 72 23.56 -9.16 50.78
N SER H 73 23.04 -10.26 51.31
CA SER H 73 21.60 -10.45 51.53
C SER H 73 20.93 -9.29 52.27
N SER H 74 21.61 -8.71 53.24
CA SER H 74 21.00 -7.70 54.08
C SER H 74 20.64 -6.42 53.32
N TYR H 75 21.32 -6.18 52.22
CA TYR H 75 21.11 -4.95 51.46
C TYR H 75 19.86 -5.00 50.58
N LEU H 76 19.18 -6.15 50.59
CA LEU H 76 17.92 -6.30 49.86
C LEU H 76 16.74 -6.41 50.82
N GLN H 77 17.03 -6.30 52.11
CA GLN H 77 15.99 -6.38 53.14
C GLN H 77 15.10 -5.13 53.13
N PRO H 78 13.85 -5.27 53.63
CA PRO H 78 12.90 -4.15 53.63
C PRO H 78 13.43 -2.87 54.26
N GLY H 79 13.28 -1.76 53.55
CA GLY H 79 13.73 -0.46 54.01
C GLY H 79 15.23 -0.30 54.19
N SER H 80 16.00 -1.24 53.64
CA SER H 80 17.45 -1.21 53.83
C SER H 80 18.10 0.03 53.22
N ALA H 81 19.08 0.57 53.93
CA ALA H 81 19.87 1.67 53.39
C ALA H 81 21.05 1.08 52.63
N GLY H 82 21.67 1.89 51.79
CA GLY H 82 22.81 1.43 51.04
C GLY H 82 22.57 1.59 49.55
N ALA H 83 23.62 1.33 48.78
CA ALA H 83 23.60 1.58 47.35
C ALA H 83 22.69 0.63 46.59
N ILE H 84 22.41 -0.53 47.18
CA ILE H 84 21.65 -1.56 46.48
C ILE H 84 20.19 -1.15 46.26
N VAL H 85 19.56 -0.65 47.32
CA VAL H 85 18.17 -0.21 47.22
C VAL H 85 18.06 1.13 46.47
N GLN H 86 19.07 1.97 46.64
CA GLN H 86 19.03 3.31 46.06
C GLN H 86 19.21 3.35 44.54
N PHE H 87 20.10 2.52 44.01
CA PHE H 87 20.49 2.66 42.60
C PHE H 87 20.48 1.36 41.80
N ASN H 88 19.97 0.27 42.38
CA ASN H 88 20.04 -1.01 41.70
C ASN H 88 18.71 -1.78 41.63
N TYR H 89 18.19 -2.20 42.77
CA TYR H 89 16.87 -2.84 42.77
C TYR H 89 16.09 -2.47 44.01
N LYS H 90 14.97 -1.79 43.83
CA LYS H 90 14.08 -1.51 44.94
C LYS H 90 12.83 -2.39 44.87
N GLN H 91 12.79 -3.43 45.70
CA GLN H 91 11.68 -4.38 45.67
C GLN H 91 10.35 -3.67 45.93
N ASP H 92 9.37 -3.99 45.11
CA ASP H 92 8.04 -3.38 45.18
C ASP H 92 7.16 -4.18 46.13
N PHE H 93 6.89 -3.60 47.30
CA PHE H 93 6.13 -4.29 48.34
C PHE H 93 4.64 -4.00 48.30
N SER H 94 4.17 -3.40 47.20
CA SER H 94 2.75 -3.10 47.03
C SER H 94 2.01 -4.34 46.55
N ASN H 95 2.75 -5.39 46.25
CA ASN H 95 2.18 -6.68 45.88
C ASN H 95 2.74 -7.77 46.77
N PRO H 96 2.10 -8.95 46.78
CA PRO H 96 2.77 -10.10 47.37
C PRO H 96 4.05 -10.40 46.61
N THR H 97 5.16 -10.48 47.34
CA THR H 97 6.45 -10.75 46.71
C THR H 97 7.29 -11.67 47.56
N CYS H 98 8.14 -12.43 46.91
CA CYS H 98 9.07 -13.30 47.59
C CYS H 98 10.46 -13.08 47.03
N ARG H 99 11.44 -13.10 47.92
CA ARG H 99 12.84 -12.90 47.55
C ARG H 99 13.61 -14.19 47.85
N VAL H 100 14.23 -14.75 46.83
CA VAL H 100 14.99 -15.99 46.97
C VAL H 100 16.46 -15.80 46.63
N LEU H 101 17.34 -16.16 47.56
CA LEU H 101 18.77 -16.19 47.30
C LEU H 101 19.25 -17.63 47.23
N ALA H 102 19.97 -17.95 46.16
CA ALA H 102 20.34 -19.33 45.89
C ALA H 102 21.71 -19.44 45.24
N THR H 103 22.29 -20.64 45.34
CA THR H 103 23.61 -20.91 44.81
C THR H 103 23.47 -21.89 43.66
N VAL H 104 24.16 -21.63 42.56
CA VAL H 104 24.10 -22.51 41.41
C VAL H 104 25.04 -23.70 41.61
N PRO H 105 24.49 -24.93 41.60
CA PRO H 105 25.31 -26.13 41.72
C PRO H 105 26.11 -26.36 40.44
N GLN H 106 27.35 -26.85 40.56
CA GLN H 106 28.20 -27.07 39.39
C GLN H 106 27.66 -28.09 38.38
N ASN H 107 26.79 -29.01 38.81
CA ASN H 107 26.15 -29.88 37.83
C ASN H 107 24.99 -29.21 37.08
N LEU H 108 24.70 -27.96 37.43
CA LEU H 108 23.78 -27.12 36.63
C LEU H 108 24.62 -26.20 35.74
N THR H 109 25.08 -26.74 34.62
CA THR H 109 26.09 -26.08 33.81
C THR H 109 25.55 -25.17 32.71
N THR H 110 24.26 -25.27 32.42
CA THR H 110 23.66 -24.41 31.40
C THR H 110 23.76 -22.95 31.82
N ILE H 111 23.66 -22.69 33.12
CA ILE H 111 23.89 -21.35 33.64
C ILE H 111 25.37 -21.03 33.60
N THR H 112 25.73 -19.92 32.96
CA THR H 112 27.13 -19.53 32.84
C THR H 112 27.45 -18.42 33.83
N LYS H 113 28.74 -18.23 34.09
CA LYS H 113 29.16 -17.26 35.08
C LYS H 113 29.64 -15.97 34.43
N PRO H 114 29.43 -14.84 35.11
CA PRO H 114 30.04 -13.57 34.72
C PRO H 114 31.42 -13.43 35.33
N SER H 115 32.26 -12.55 34.80
CA SER H 115 33.59 -12.34 35.36
C SER H 115 33.49 -11.79 36.77
N ASN H 116 32.66 -10.77 36.92
CA ASN H 116 32.50 -10.10 38.21
C ASN H 116 31.05 -9.99 38.66
N TYR H 117 30.86 -9.79 39.96
CA TYR H 117 29.63 -9.26 40.47
C TYR H 117 29.71 -7.75 40.28
N ALA H 118 28.56 -7.09 40.20
CA ALA H 118 28.56 -5.65 40.00
C ALA H 118 27.33 -4.99 40.60
N TYR H 119 27.50 -3.77 41.10
CA TYR H 119 26.36 -2.96 41.47
C TYR H 119 26.75 -1.50 41.35
N LEU H 120 25.75 -0.62 41.33
CA LEU H 120 26.01 0.81 41.20
C LEU H 120 26.11 1.45 42.57
N THR H 121 27.08 2.34 42.74
CA THR H 121 27.26 3.01 44.02
C THR H 121 26.60 4.38 44.00
N GLU H 122 26.35 4.91 42.80
CA GLU H 122 25.66 6.20 42.70
C GLU H 122 25.03 6.44 41.33
N CYS H 123 24.02 7.29 41.31
CA CYS H 123 23.38 7.73 40.08
C CYS H 123 22.80 9.14 40.31
N TYR H 124 23.38 10.15 39.65
CA TYR H 124 22.93 11.52 39.89
C TYR H 124 22.95 12.41 38.65
N LYS H 125 22.25 13.54 38.78
CA LYS H 125 22.30 14.61 37.80
C LYS H 125 22.85 15.87 38.45
N THR H 126 23.79 16.54 37.80
CA THR H 126 24.28 17.83 38.30
C THR H 126 23.27 18.91 37.91
N SER H 127 22.91 19.76 38.87
CA SER H 127 21.77 20.66 38.68
C SER H 127 22.18 22.12 38.49
N ALA H 128 22.07 22.89 39.57
CA ALA H 128 22.39 24.30 39.60
C ALA H 128 22.33 24.72 41.05
N TYR H 129 21.71 23.86 41.84
CA TYR H 129 21.56 24.07 43.27
C TYR H 129 22.32 22.99 44.03
N GLY H 130 22.69 21.94 43.31
CA GLY H 130 23.47 20.87 43.91
C GLY H 130 23.41 19.55 43.17
N LYS H 131 23.66 18.48 43.93
CA LYS H 131 23.72 17.13 43.38
C LYS H 131 22.35 16.47 43.48
N ASN H 132 21.79 16.13 42.33
CA ASN H 132 20.47 15.53 42.28
C ASN H 132 20.53 14.02 42.11
N TYR H 133 20.57 13.30 43.23
CA TYR H 133 20.57 11.84 43.20
C TYR H 133 19.25 11.31 42.68
N LEU H 134 19.34 10.35 41.75
CA LEU H 134 18.16 9.73 41.18
C LEU H 134 17.98 8.32 41.74
N TYR H 135 16.99 8.16 42.62
CA TYR H 135 16.78 6.88 43.30
C TYR H 135 15.79 6.01 42.55
N ASN H 136 16.06 4.70 42.53
CA ASN H 136 15.17 3.75 41.87
C ASN H 136 13.77 3.79 42.42
N ALA H 137 12.80 3.90 41.53
CA ALA H 137 11.41 3.68 41.89
C ALA H 137 11.21 2.17 42.11
N PRO H 138 10.23 1.79 42.94
CA PRO H 138 9.95 0.38 43.22
C PRO H 138 9.75 -0.47 41.98
N GLY H 139 10.59 -1.50 41.82
CA GLY H 139 10.43 -2.45 40.74
C GLY H 139 10.92 -1.92 39.41
N ALA H 140 11.56 -0.75 39.40
CA ALA H 140 11.98 -0.12 38.15
C ALA H 140 13.49 -0.21 37.94
N TYR H 141 13.93 0.11 36.73
CA TYR H 141 15.36 0.24 36.42
C TYR H 141 15.89 1.61 36.79
N THR H 142 17.16 1.66 37.21
CA THR H 142 17.85 2.93 37.41
C THR H 142 17.82 3.75 36.13
N PRO H 143 17.60 5.07 36.27
CA PRO H 143 17.71 6.03 35.17
C PRO H 143 19.10 6.00 34.52
N CYS H 144 20.08 5.48 35.26
CA CYS H 144 21.46 5.40 34.77
C CYS H 144 21.78 4.10 34.05
N LEU H 145 20.75 3.33 33.70
CA LEU H 145 20.98 2.02 33.08
C LEU H 145 21.73 2.10 31.75
N SER H 146 21.43 3.12 30.94
CA SER H 146 22.13 3.28 29.67
C SER H 146 23.62 3.56 29.88
N LEU H 147 23.91 4.47 30.80
CA LEU H 147 25.30 4.74 31.16
C LEU H 147 25.99 3.49 31.70
N ALA H 148 25.31 2.76 32.57
CA ALA H 148 25.92 1.61 33.23
C ALA H 148 26.21 0.49 32.24
N SER H 149 25.39 0.42 31.19
CA SER H 149 25.55 -0.62 30.17
C SER H 149 26.89 -0.48 29.41
N ARG H 150 27.56 0.65 29.55
CA ARG H 150 28.90 0.83 28.95
C ARG H 150 29.95 -0.06 29.59
N GLY H 151 29.64 -0.59 30.77
CA GLY H 151 30.50 -1.59 31.41
C GLY H 151 31.51 -1.02 32.39
N PHE H 152 31.81 -1.81 33.41
CA PHE H 152 32.79 -1.44 34.43
C PHE H 152 33.93 -2.46 34.43
N SER H 153 35.14 -1.98 34.18
CA SER H 153 36.30 -2.86 34.10
C SER H 153 37.15 -2.77 35.37
N THR H 154 37.06 -1.63 36.06
CA THR H 154 37.71 -1.46 37.35
C THR H 154 36.73 -0.94 38.40
N LYS H 155 37.09 -1.08 39.68
CA LYS H 155 36.25 -0.59 40.76
C LYS H 155 36.10 0.93 40.71
N TYR H 156 34.91 1.40 41.10
CA TYR H 156 34.62 2.84 41.16
C TYR H 156 34.86 3.56 39.82
N GLN H 157 34.83 2.82 38.73
CA GLN H 157 34.84 3.42 37.40
C GLN H 157 33.51 4.13 37.14
N SER H 158 33.58 5.29 36.50
CA SER H 158 32.38 6.11 36.27
C SER H 158 32.07 6.30 34.79
N HIS H 159 30.82 6.69 34.52
CA HIS H 159 30.37 7.04 33.19
C HIS H 159 29.43 8.24 33.28
N SER H 160 29.59 9.18 32.36
CA SER H 160 28.72 10.34 32.29
C SER H 160 28.30 10.61 30.84
N ASP H 161 27.20 11.34 30.66
CA ASP H 161 26.75 11.70 29.32
C ASP H 161 26.57 13.21 29.21
N GLY H 162 27.06 13.92 30.23
CA GLY H 162 26.93 15.36 30.30
C GLY H 162 25.99 15.74 31.43
N GLU H 163 24.86 15.05 31.50
CA GLU H 163 23.84 15.32 32.52
C GLU H 163 23.88 14.27 33.64
N LEU H 164 23.80 13.00 33.26
CA LEU H 164 23.82 11.90 34.22
C LEU H 164 25.23 11.41 34.49
N THR H 165 25.46 10.91 35.70
CA THR H 165 26.73 10.28 36.05
C THR H 165 26.44 9.05 36.91
N THR H 166 27.10 7.94 36.62
CA THR H 166 26.95 6.76 37.46
C THR H 166 28.31 6.16 37.77
N THR H 167 28.40 5.45 38.89
CA THR H 167 29.65 4.79 39.26
C THR H 167 29.39 3.36 39.67
N GLY H 168 30.16 2.44 39.11
CA GLY H 168 29.98 1.02 39.39
C GLY H 168 31.05 0.46 40.32
N TYR H 169 30.72 -0.66 40.95
CA TYR H 169 31.66 -1.39 41.80
C TYR H 169 31.66 -2.84 41.35
N ILE H 170 32.85 -3.42 41.20
CA ILE H 170 32.92 -4.81 40.78
C ILE H 170 33.84 -5.63 41.69
N TYR H 171 33.54 -6.91 41.80
CA TYR H 171 34.41 -7.85 42.49
C TYR H 171 34.21 -9.25 41.87
N PRO H 172 35.27 -10.05 41.84
CA PRO H 172 35.25 -11.32 41.12
C PRO H 172 34.28 -12.35 41.69
N VAL H 173 33.72 -13.18 40.82
CA VAL H 173 32.86 -14.28 41.24
C VAL H 173 33.72 -15.43 41.75
N THR H 174 33.74 -15.61 43.07
CA THR H 174 34.53 -16.68 43.68
C THR H 174 33.66 -17.84 44.12
N GLY H 175 33.99 -19.03 43.64
CA GLY H 175 33.23 -20.23 43.97
C GLY H 175 32.04 -20.37 43.04
N ASN H 176 31.03 -21.09 43.51
CA ASN H 176 29.79 -21.23 42.79
C ASN H 176 29.06 -19.91 42.68
N LEU H 177 28.52 -19.62 41.49
CA LEU H 177 27.76 -18.40 41.27
C LEU H 177 26.53 -18.37 42.15
N GLN H 178 26.24 -17.21 42.73
CA GLN H 178 25.05 -17.03 43.53
C GLN H 178 24.09 -16.02 42.89
N MET H 179 22.79 -16.24 43.08
CA MET H 179 21.75 -15.46 42.40
C MET H 179 20.67 -14.95 43.34
N ALA H 180 19.88 -14.01 42.83
CA ALA H 180 18.68 -13.58 43.52
C ALA H 180 17.49 -13.65 42.57
N PHE H 181 16.36 -14.10 43.11
CA PHE H 181 15.09 -14.11 42.39
C PHE H 181 14.08 -13.30 43.19
N ILE H 182 13.44 -12.33 42.55
CA ILE H 182 12.29 -11.69 43.17
C ILE H 182 11.05 -12.11 42.42
N ILE H 183 10.19 -12.84 43.13
CA ILE H 183 8.95 -13.37 42.57
C ILE H 183 7.79 -12.51 42.99
N SER H 184 7.07 -11.97 42.01
CA SER H 184 5.97 -11.06 42.30
C SER H 184 4.70 -11.50 41.60
N VAL H 185 3.57 -11.41 42.31
CA VAL H 185 2.27 -11.74 41.73
C VAL H 185 1.31 -10.55 41.79
N GLN H 186 0.37 -10.53 40.85
CA GLN H 186 -0.66 -9.50 40.83
C GLN H 186 -2.07 -10.10 40.89
N TYR H 187 -2.94 -9.48 41.70
CA TYR H 187 -4.33 -9.91 41.80
C TYR H 187 -5.23 -9.08 40.89
N GLY H 188 -4.83 -8.96 39.63
CA GLY H 188 -5.60 -8.20 38.68
C GLY H 188 -6.92 -8.85 38.30
N THR H 189 -7.60 -8.23 37.36
CA THR H 189 -8.88 -8.70 36.84
C THR H 189 -8.88 -10.15 36.37
N ASP H 190 -7.72 -10.62 35.94
CA ASP H 190 -7.60 -11.94 35.33
C ASP H 190 -7.25 -12.98 36.39
N THR H 191 -8.03 -12.98 37.47
CA THR H 191 -7.72 -13.72 38.70
C THR H 191 -7.20 -15.14 38.50
N ASN H 192 -7.65 -15.81 37.45
CA ASN H 192 -7.23 -17.17 37.19
C ASN H 192 -6.41 -17.32 35.91
N SER H 193 -5.54 -16.34 35.65
CA SER H 193 -4.64 -16.44 34.51
C SER H 193 -3.50 -17.39 34.85
N VAL H 194 -2.92 -17.21 36.04
CA VAL H 194 -1.80 -18.03 36.46
C VAL H 194 -2.14 -18.77 37.76
N CYS H 195 -1.83 -20.06 37.80
CA CYS H 195 -2.21 -20.94 38.91
C CYS H 195 -1.14 -22.00 39.18
N PRO H 196 -1.17 -22.65 40.35
CA PRO H 196 -0.25 -23.75 40.61
C PRO H 196 -0.56 -25.00 39.77
N MET H 197 0.46 -25.78 39.45
CA MET H 197 0.29 -27.03 38.70
C MET H 197 -0.29 -28.17 39.56
N GLN H 198 -1.13 -28.99 38.93
CA GLN H 198 -1.62 -30.27 39.47
C GLN H 198 -2.00 -31.19 38.31
#